data_8T3L
#
_entry.id   8T3L
#
_cell.length_a   1.00
_cell.length_b   1.00
_cell.length_c   1.00
_cell.angle_alpha   90.00
_cell.angle_beta   90.00
_cell.angle_gamma   90.00
#
_symmetry.space_group_name_H-M   'P 1'
#
loop_
_entity.id
_entity.type
_entity.pdbx_description
1 polymer 'Transient receptor potential cation channel subfamily V member 1'
2 non-polymer '(2R)-3-{[(R)-hydroxy{[(1S,2R,3R,4S,5S,6R)-2,3,4,5,6-pentahydroxycyclohexyl]oxy}phosphoryl]oxy}propane-1,2-diyl dioctadecanoate'
3 non-polymer 'SODIUM ION'
4 non-polymer '(2R)-2-hydroxy-3-(phosphonooxy)propyl tetradecanoate'
#
_entity_poly.entity_id   1
_entity_poly.type   'polypeptide(L)'
_entity_poly.pdbx_seq_one_letter_code
;GAMGSRLYDRRSIFDAVAQSNCQELESLLPFLQRSKKRLTDSEFKDPETGKTCLLKAMLNLHNGQNDTIALLLDVARKTD
SLKQFVNASYTDSYYKGQTALHIAIERRNMTLVTLLVENGADVQAAANGDFFKKTKGRPGFYFGELPLSLAACTNQLAIV
KFLLQNSWQPADISARDSVGNTVLHALVEVADNTVDNTKFVTSMYNEILILGAKLHPTLKLEEITNRKGLTPLALAASSG
KIGVLAYILQREIHEPECRHLSRKFTEWAYGPVHSSLYDLSCIDTCEKNSVLEVIAYSSSETPNRHDMLLVEPLNRLLQD
KWDRFVKRIFYFNFFVYCLYMIIFTAAAYYRPVEGLPPYKLKNTVGDYFRVTGEILSVSGGVYFFFRGIQYFLQRRPSLK
SLFVDSYSEILFFVQSLFMLVSVVLYFSQRKEYVASMVFSLAMGWTNMLYYTRGFQQMGIYAVMIEKMILRDLCRFMFVY
LVFLFGFSTAVVTLIEDGKYNSLYSTCLELFKFTIGMGDLEFTENYDFKAVFIILLLAYVILTYILLLNMLIALMGETVN
KIAQESKNIWKLQRAITILDTEKSFLKCMRKAFRSGKLLQVGFTPDGKDDYRWCFRVDEVNWTTWNTNVGIINEDPG
;
_entity_poly.pdbx_strand_id   A,D,B,C
#
loop_
_chem_comp.id
_chem_comp.type
_chem_comp.name
_chem_comp.formula
8IJ non-polymer '(2R)-3-{[(R)-hydroxy{[(1S,2R,3R,4S,5S,6R)-2,3,4,5,6-pentahydroxycyclohexyl]oxy}phosphoryl]oxy}propane-1,2-diyl dioctadecanoate' 'C45 H87 O13 P'
NA non-polymer 'SODIUM ION' 'Na 1'
NKN non-polymer '(2R)-2-hydroxy-3-(phosphonooxy)propyl tetradecanoate' 'C17 H35 O7 P'
#
# COMPACT_ATOMS: atom_id res chain seq x y z
N LEU A 280 51.50 -6.63 -9.67
CA LEU A 280 50.65 -5.96 -8.70
C LEU A 280 51.49 -5.13 -7.74
N SER A 281 52.45 -4.39 -8.29
CA SER A 281 53.31 -3.53 -7.49
C SER A 281 52.48 -2.43 -6.86
N CYS A 282 52.55 -2.32 -5.53
CA CYS A 282 51.77 -1.33 -4.80
C CYS A 282 50.28 -1.45 -5.11
N ILE A 283 49.83 -2.66 -5.38
CA ILE A 283 48.42 -2.92 -5.68
C ILE A 283 47.72 -3.64 -4.55
N ASP A 284 48.30 -4.73 -4.03
CA ASP A 284 47.60 -5.56 -3.00
C ASP A 284 48.41 -5.68 -1.71
N THR A 285 49.74 -5.75 -1.76
CA THR A 285 50.54 -6.01 -0.56
C THR A 285 51.75 -5.10 -0.59
N CYS A 286 51.66 -3.98 0.14
CA CYS A 286 52.81 -3.13 0.45
C CYS A 286 53.11 -3.05 1.93
N GLU A 287 52.15 -3.37 2.79
CA GLU A 287 52.33 -3.45 4.24
C GLU A 287 52.42 -2.07 4.88
N LYS A 288 52.57 -1.02 4.08
CA LYS A 288 52.65 0.33 4.62
C LYS A 288 51.52 1.20 4.09
N ASN A 289 51.38 1.24 2.77
CA ASN A 289 50.33 2.04 2.13
C ASN A 289 50.24 1.61 0.68
N SER A 290 49.12 1.02 0.29
CA SER A 290 48.92 0.55 -1.07
C SER A 290 47.55 1.00 -1.55
N VAL A 291 47.26 0.73 -2.82
CA VAL A 291 46.06 1.28 -3.44
C VAL A 291 44.80 0.71 -2.79
N LEU A 292 44.78 -0.60 -2.53
CA LEU A 292 43.58 -1.20 -1.96
C LEU A 292 43.28 -0.65 -0.57
N GLU A 293 44.31 -0.56 0.27
CA GLU A 293 44.14 -0.08 1.67
C GLU A 293 43.65 1.37 1.65
N VAL A 294 44.20 2.26 0.81
CA VAL A 294 43.81 3.66 0.82
C VAL A 294 42.44 3.85 0.17
N ILE A 295 42.13 3.09 -0.89
CA ILE A 295 40.85 3.26 -1.56
C ILE A 295 39.72 2.72 -0.69
N ALA A 296 39.88 1.49 -0.18
CA ALA A 296 38.80 0.87 0.60
C ALA A 296 38.68 1.49 1.98
N TYR A 297 39.80 1.68 2.67
CA TYR A 297 39.77 2.16 4.08
C TYR A 297 39.74 3.68 4.12
N SER A 298 39.77 4.40 2.98
CA SER A 298 39.56 5.84 3.03
C SER A 298 38.24 6.13 3.72
N SER A 299 38.24 7.17 4.55
CA SER A 299 37.04 7.50 5.31
C SER A 299 35.94 7.93 4.36
N SER A 300 34.77 8.23 4.94
CA SER A 300 33.61 8.63 4.15
C SER A 300 33.72 10.11 3.79
N GLU A 301 34.85 10.49 3.21
CA GLU A 301 35.13 11.88 2.85
C GLU A 301 35.59 12.04 1.41
N THR A 302 36.21 11.03 0.83
CA THR A 302 36.72 11.12 -0.52
C THR A 302 35.55 11.36 -1.49
N PRO A 303 35.68 12.31 -2.43
CA PRO A 303 34.56 12.59 -3.34
C PRO A 303 34.15 11.40 -4.20
N ASN A 304 35.08 10.54 -4.59
CA ASN A 304 34.84 9.47 -5.55
C ASN A 304 35.34 8.14 -5.01
N ARG A 305 34.93 7.81 -3.78
CA ARG A 305 35.40 6.57 -3.09
C ARG A 305 34.61 5.36 -3.60
N HIS A 306 33.62 5.55 -4.47
CA HIS A 306 32.79 4.44 -4.94
C HIS A 306 33.12 4.03 -6.38
N ASP A 307 33.27 5.00 -7.28
CA ASP A 307 33.50 4.70 -8.69
C ASP A 307 34.92 4.25 -8.99
N MET A 308 35.86 4.40 -8.04
CA MET A 308 37.24 4.06 -8.32
C MET A 308 37.45 2.54 -8.34
N LEU A 309 36.69 1.79 -7.55
CA LEU A 309 36.79 0.35 -7.59
C LEU A 309 36.29 -0.24 -8.91
N LEU A 310 35.58 0.54 -9.72
CA LEU A 310 35.07 0.05 -11.00
C LEU A 310 36.13 -0.07 -12.07
N VAL A 311 37.41 0.15 -11.74
CA VAL A 311 38.47 -0.05 -12.72
C VAL A 311 38.55 -1.54 -13.04
N GLU A 312 38.55 -1.87 -14.33
CA GLU A 312 38.41 -3.27 -14.75
C GLU A 312 39.46 -4.18 -14.13
N PRO A 313 40.75 -3.88 -14.21
CA PRO A 313 41.73 -4.77 -13.55
C PRO A 313 41.48 -4.91 -12.06
N LEU A 314 41.09 -3.83 -11.40
CA LEU A 314 40.89 -3.87 -9.96
C LEU A 314 39.64 -4.67 -9.60
N ASN A 315 38.56 -4.49 -10.36
CA ASN A 315 37.38 -5.32 -10.19
C ASN A 315 37.71 -6.79 -10.36
N ARG A 316 38.45 -7.11 -11.43
CA ARG A 316 38.80 -8.50 -11.68
C ARG A 316 39.68 -9.06 -10.56
N LEU A 317 40.61 -8.25 -10.05
CA LEU A 317 41.47 -8.71 -8.97
C LEU A 317 40.67 -9.02 -7.71
N LEU A 318 39.73 -8.13 -7.36
CA LEU A 318 38.92 -8.39 -6.18
C LEU A 318 38.07 -9.64 -6.35
N GLN A 319 37.43 -9.78 -7.51
CA GLN A 319 36.62 -10.97 -7.75
C GLN A 319 37.47 -12.23 -7.73
N ASP A 320 38.71 -12.13 -8.23
CA ASP A 320 39.62 -13.26 -8.26
C ASP A 320 39.99 -13.70 -6.85
N LYS A 321 40.40 -12.76 -6.01
CA LYS A 321 40.73 -13.11 -4.63
C LYS A 321 39.51 -13.70 -3.92
N TRP A 322 38.33 -13.13 -4.21
CA TRP A 322 37.10 -13.67 -3.64
C TRP A 322 37.01 -15.15 -3.98
N ASP A 323 36.88 -15.46 -5.28
CA ASP A 323 36.73 -16.84 -5.72
C ASP A 323 37.84 -17.72 -5.17
N ARG A 324 39.05 -17.17 -5.03
CA ARG A 324 40.16 -17.97 -4.53
C ARG A 324 39.88 -18.49 -3.13
N PHE A 325 39.75 -17.59 -2.15
CA PHE A 325 39.53 -18.05 -0.78
C PHE A 325 38.48 -17.28 0.01
N VAL A 326 38.15 -16.05 -0.34
CA VAL A 326 37.33 -15.25 0.56
C VAL A 326 35.90 -15.79 0.57
N LYS A 327 35.43 -16.32 -0.55
CA LYS A 327 34.09 -16.89 -0.57
C LYS A 327 33.96 -18.01 0.44
N ARG A 328 34.93 -18.91 0.48
CA ARG A 328 34.87 -20.02 1.43
C ARG A 328 34.99 -19.52 2.86
N ILE A 329 35.91 -18.59 3.13
CA ILE A 329 36.07 -18.13 4.50
C ILE A 329 34.80 -17.43 4.97
N PHE A 330 34.18 -16.65 4.09
CA PHE A 330 32.95 -15.96 4.46
C PHE A 330 31.81 -16.95 4.70
N TYR A 331 31.71 -17.99 3.86
CA TYR A 331 30.69 -19.00 4.10
C TYR A 331 30.90 -19.68 5.44
N PHE A 332 32.14 -20.02 5.78
CA PHE A 332 32.41 -20.65 7.06
C PHE A 332 32.04 -19.72 8.21
N ASN A 333 32.40 -18.44 8.10
CA ASN A 333 32.05 -17.48 9.13
C ASN A 333 30.54 -17.35 9.29
N PHE A 334 29.82 -17.32 8.16
CA PHE A 334 28.36 -17.22 8.21
C PHE A 334 27.75 -18.43 8.90
N PHE A 335 28.22 -19.63 8.56
CA PHE A 335 27.70 -20.83 9.21
C PHE A 335 27.98 -20.80 10.70
N VAL A 336 29.19 -20.38 11.10
CA VAL A 336 29.51 -20.31 12.52
C VAL A 336 28.61 -19.31 13.22
N TYR A 337 28.38 -18.15 12.61
CA TYR A 337 27.54 -17.14 13.25
C TYR A 337 26.12 -17.64 13.41
N CYS A 338 25.58 -18.29 12.37
CA CYS A 338 24.23 -18.83 12.47
C CYS A 338 24.14 -19.87 13.58
N LEU A 339 25.14 -20.76 13.66
CA LEU A 339 25.11 -21.77 14.72
C LEU A 339 25.21 -21.14 16.09
N TYR A 340 26.07 -20.12 16.24
CA TYR A 340 26.17 -19.44 17.52
C TYR A 340 24.86 -18.80 17.92
N MET A 341 24.19 -18.14 16.98
CA MET A 341 22.93 -17.48 17.31
C MET A 341 21.84 -18.48 17.58
N ILE A 342 21.87 -19.65 16.93
CA ILE A 342 20.94 -20.71 17.27
C ILE A 342 21.17 -21.17 18.70
N ILE A 343 22.44 -21.34 19.09
CA ILE A 343 22.75 -21.73 20.47
C ILE A 343 22.23 -20.68 21.44
N PHE A 344 22.43 -19.40 21.11
CA PHE A 344 21.99 -18.33 22.00
C PHE A 344 20.46 -18.31 22.12
N THR A 345 19.75 -18.50 21.01
CA THR A 345 18.31 -18.55 21.04
C THR A 345 17.82 -19.72 21.88
N ALA A 346 18.47 -20.88 21.73
CA ALA A 346 18.08 -22.04 22.53
C ALA A 346 18.31 -21.78 24.02
N ALA A 347 19.44 -21.18 24.37
CA ALA A 347 19.74 -20.93 25.77
C ALA A 347 18.76 -19.93 26.37
N ALA A 348 18.46 -18.86 25.64
CA ALA A 348 17.61 -17.81 26.19
C ALA A 348 16.15 -18.24 26.25
N TYR A 349 15.67 -18.92 25.21
CA TYR A 349 14.27 -19.30 25.16
C TYR A 349 13.88 -20.16 26.35
N TYR A 350 14.84 -20.89 26.92
CA TYR A 350 14.60 -21.72 28.10
C TYR A 350 15.19 -21.11 29.36
N ARG A 351 15.16 -19.78 29.48
CA ARG A 351 15.67 -19.15 30.68
C ARG A 351 14.74 -19.46 31.85
N PRO A 352 15.26 -19.53 33.07
CA PRO A 352 14.42 -19.90 34.21
C PRO A 352 13.56 -18.75 34.71
N LEU A 356 15.32 -13.77 41.58
CA LEU A 356 16.52 -13.09 42.05
C LEU A 356 17.76 -13.93 41.74
N PRO A 357 18.29 -13.78 40.53
CA PRO A 357 19.43 -14.62 40.11
C PRO A 357 20.65 -14.36 40.97
N PRO A 358 21.72 -15.15 40.81
CA PRO A 358 21.78 -16.30 39.91
C PRO A 358 20.99 -17.48 40.43
N TYR A 359 20.70 -18.45 39.56
CA TYR A 359 19.88 -19.60 39.92
C TYR A 359 20.74 -20.86 39.98
N LYS A 360 20.39 -21.73 40.92
CA LYS A 360 21.19 -22.92 41.20
C LYS A 360 21.25 -23.82 39.97
N LEU A 361 22.41 -24.47 39.80
CA LEU A 361 22.65 -25.35 38.65
C LEU A 361 22.19 -26.75 39.02
N LYS A 362 20.93 -27.05 38.68
CA LYS A 362 20.36 -28.34 39.03
C LYS A 362 21.03 -29.45 38.24
N ASN A 363 21.10 -30.63 38.84
CA ASN A 363 21.75 -31.79 38.24
C ASN A 363 20.78 -32.46 37.27
N THR A 364 20.72 -31.91 36.06
CA THR A 364 19.87 -32.45 35.01
C THR A 364 20.44 -32.04 33.67
N VAL A 365 20.26 -32.90 32.67
CA VAL A 365 20.87 -32.66 31.36
C VAL A 365 20.42 -31.32 30.81
N GLY A 366 19.14 -31.00 30.95
CA GLY A 366 18.64 -29.73 30.46
C GLY A 366 19.38 -28.55 31.06
N ASP A 367 19.64 -28.61 32.38
CA ASP A 367 20.32 -27.50 33.04
C ASP A 367 21.77 -27.38 32.58
N TYR A 368 22.47 -28.51 32.42
CA TYR A 368 23.84 -28.46 31.94
C TYR A 368 23.89 -27.87 30.53
N PHE A 369 22.98 -28.29 29.66
CA PHE A 369 22.94 -27.75 28.32
C PHE A 369 22.62 -26.26 28.34
N ARG A 370 21.71 -25.84 29.22
CA ARG A 370 21.37 -24.42 29.32
C ARG A 370 22.59 -23.61 29.74
N VAL A 371 23.32 -24.08 30.76
CA VAL A 371 24.45 -23.31 31.26
C VAL A 371 25.58 -23.28 30.24
N THR A 372 25.74 -24.37 29.47
CA THR A 372 26.78 -24.49 28.43
C THR A 372 26.41 -23.52 27.31
N GLY A 373 25.13 -23.39 26.97
CA GLY A 373 24.67 -22.40 26.03
C GLY A 373 24.93 -20.98 26.53
N GLU A 374 24.71 -20.76 27.83
CA GLU A 374 24.97 -19.45 28.41
C GLU A 374 26.44 -19.06 28.29
N ILE A 375 27.35 -20.01 28.56
CA ILE A 375 28.82 -19.73 28.54
C ILE A 375 29.26 -19.52 27.11
N LEU A 376 28.64 -20.19 26.14
CA LEU A 376 28.93 -19.92 24.74
C LEU A 376 28.44 -18.54 24.32
N SER A 377 27.24 -18.15 24.77
CA SER A 377 26.73 -16.82 24.46
C SER A 377 27.63 -15.74 25.03
N VAL A 378 28.06 -15.90 26.28
CA VAL A 378 28.95 -14.92 26.90
C VAL A 378 30.27 -14.86 26.14
N SER A 379 30.75 -16.01 25.67
CA SER A 379 31.97 -16.05 24.87
C SER A 379 31.78 -15.23 23.60
N GLY A 380 30.65 -15.40 22.92
CA GLY A 380 30.40 -14.63 21.72
C GLY A 380 30.36 -13.14 22.00
N GLY A 381 29.71 -12.75 23.10
CA GLY A 381 29.65 -11.34 23.45
C GLY A 381 31.04 -10.75 23.69
N VAL A 382 31.86 -11.45 24.47
CA VAL A 382 33.19 -10.93 24.76
C VAL A 382 34.05 -10.90 23.49
N TYR A 383 33.88 -11.91 22.63
CA TYR A 383 34.61 -11.93 21.37
C TYR A 383 34.28 -10.71 20.53
N PHE A 384 33.00 -10.39 20.40
CA PHE A 384 32.63 -9.22 19.61
C PHE A 384 33.09 -7.93 20.28
N PHE A 385 33.15 -7.93 21.62
CA PHE A 385 33.63 -6.76 22.39
C PHE A 385 35.08 -6.49 22.04
N PHE A 386 35.94 -7.52 22.03
CA PHE A 386 37.32 -7.36 21.61
C PHE A 386 37.43 -7.04 20.12
N ARG A 387 36.57 -7.62 19.28
CA ARG A 387 36.66 -7.33 17.86
C ARG A 387 36.39 -5.84 17.60
N GLY A 388 35.37 -5.29 18.25
CA GLY A 388 35.10 -3.87 18.10
C GLY A 388 36.25 -3.01 18.62
N ILE A 389 36.83 -3.40 19.76
CA ILE A 389 37.95 -2.65 20.31
C ILE A 389 39.12 -2.63 19.33
N GLN A 390 39.47 -3.80 18.79
CA GLN A 390 40.57 -3.89 17.83
C GLN A 390 40.26 -3.10 16.57
N TYR A 391 39.02 -3.19 16.08
CA TYR A 391 38.60 -2.36 14.97
C TYR A 391 38.92 -0.90 15.24
N PHE A 392 38.38 -0.36 16.34
CA PHE A 392 38.55 1.06 16.61
C PHE A 392 39.98 1.51 16.90
N LEU A 393 40.85 0.57 17.30
CA LEU A 393 42.19 0.95 17.69
C LEU A 393 43.02 0.90 16.40
N GLN A 394 42.87 -0.15 15.60
CA GLN A 394 43.69 -0.28 14.41
C GLN A 394 43.31 0.75 13.36
N ARG A 395 42.01 1.05 13.21
CA ARG A 395 41.59 2.06 12.26
C ARG A 395 41.53 3.45 12.88
N ARG A 396 41.22 3.55 14.17
CA ARG A 396 41.19 4.81 14.90
C ARG A 396 40.52 5.91 14.09
N PRO A 397 39.22 5.80 13.83
CA PRO A 397 38.52 6.86 13.09
C PRO A 397 38.77 8.24 13.68
N SER A 398 38.42 9.28 12.92
CA SER A 398 38.70 10.66 13.31
C SER A 398 37.73 11.17 14.37
N LEU A 399 36.86 10.33 14.90
CA LEU A 399 35.86 10.64 15.91
C LEU A 399 34.68 11.41 15.34
N LYS A 400 34.73 11.82 14.07
CA LYS A 400 33.64 12.55 13.43
C LYS A 400 32.81 11.64 12.52
N SER A 401 33.46 10.95 11.59
CA SER A 401 32.80 10.00 10.70
C SER A 401 32.73 8.61 11.31
N LEU A 402 32.81 8.50 12.64
CA LEU A 402 32.63 7.22 13.30
C LEU A 402 31.16 6.81 13.32
N PHE A 403 30.26 7.78 13.30
CA PHE A 403 28.83 7.52 13.20
C PHE A 403 28.27 7.81 11.81
N VAL A 404 29.14 7.89 10.80
CA VAL A 404 28.70 8.07 9.43
C VAL A 404 28.90 6.82 8.59
N ASP A 405 29.95 6.03 8.86
CA ASP A 405 30.18 4.78 8.16
C ASP A 405 30.33 3.65 9.18
N SER A 406 30.70 2.47 8.71
CA SER A 406 30.96 1.33 9.60
C SER A 406 29.77 1.08 10.53
N TYR A 407 28.58 1.10 9.96
CA TYR A 407 27.37 0.85 10.76
C TYR A 407 27.38 -0.57 11.33
N SER A 408 27.84 -1.54 10.54
CA SER A 408 27.82 -2.93 10.99
C SER A 408 28.69 -3.12 12.22
N GLU A 409 29.88 -2.50 12.23
CA GLU A 409 30.78 -2.71 13.36
C GLU A 409 30.23 -2.09 14.63
N ILE A 410 29.64 -0.89 14.53
CA ILE A 410 29.05 -0.27 15.72
C ILE A 410 27.84 -1.07 16.18
N LEU A 411 27.06 -1.62 15.25
CA LEU A 411 25.93 -2.45 15.64
C LEU A 411 26.40 -3.68 16.41
N PHE A 412 27.45 -4.34 15.92
CA PHE A 412 27.97 -5.53 16.61
C PHE A 412 28.52 -5.15 17.97
N PHE A 413 29.24 -4.02 18.06
CA PHE A 413 29.74 -3.58 19.36
C PHE A 413 28.60 -3.33 20.33
N VAL A 414 27.50 -2.73 19.88
CA VAL A 414 26.39 -2.46 20.76
C VAL A 414 25.76 -3.76 21.24
N GLN A 415 25.62 -4.73 20.34
CA GLN A 415 25.12 -6.04 20.76
C GLN A 415 26.01 -6.65 21.84
N SER A 416 27.32 -6.54 21.62
CA SER A 416 28.30 -7.10 22.57
C SER A 416 28.12 -6.40 23.91
N LEU A 417 27.96 -5.07 23.94
CA LEU A 417 27.78 -4.31 25.17
C LEU A 417 26.50 -4.73 25.87
N PHE A 418 25.43 -4.94 25.11
CA PHE A 418 24.19 -5.44 25.71
C PHE A 418 24.43 -6.75 26.43
N MET A 419 25.13 -7.68 25.78
CA MET A 419 25.38 -8.97 26.42
C MET A 419 26.21 -8.81 27.68
N LEU A 420 27.24 -7.97 27.63
CA LEU A 420 28.08 -7.77 28.81
C LEU A 420 27.29 -7.18 29.97
N VAL A 421 26.45 -6.18 29.69
CA VAL A 421 25.64 -5.59 30.75
C VAL A 421 24.65 -6.61 31.29
N SER A 422 24.13 -7.48 30.42
CA SER A 422 23.27 -8.56 30.90
C SER A 422 24.02 -9.44 31.89
N VAL A 423 25.26 -9.80 31.57
CA VAL A 423 26.06 -10.60 32.49
C VAL A 423 26.26 -9.87 33.81
N VAL A 424 26.59 -8.58 33.73
CA VAL A 424 26.88 -7.81 34.93
C VAL A 424 25.67 -7.77 35.84
N LEU A 425 24.49 -7.51 35.27
CA LEU A 425 23.27 -7.51 36.09
C LEU A 425 22.91 -8.91 36.58
N TYR A 426 23.20 -9.94 35.78
CA TYR A 426 22.89 -11.29 36.20
C TYR A 426 23.66 -11.68 37.44
N PHE A 427 24.96 -11.36 37.48
CA PHE A 427 25.75 -11.67 38.67
C PHE A 427 25.51 -10.69 39.80
N SER A 428 24.87 -9.56 39.53
CA SER A 428 24.50 -8.60 40.57
C SER A 428 23.11 -8.87 41.15
N GLN A 429 22.47 -9.96 40.76
CA GLN A 429 21.20 -10.40 41.34
C GLN A 429 20.09 -9.38 41.06
N ARG A 430 19.91 -9.06 39.79
CA ARG A 430 18.86 -8.15 39.35
C ARG A 430 18.06 -8.80 38.25
N LYS A 431 16.83 -8.32 38.07
CA LYS A 431 15.91 -8.89 37.09
C LYS A 431 15.87 -8.14 35.77
N GLU A 432 16.74 -7.14 35.58
CA GLU A 432 16.81 -6.43 34.31
C GLU A 432 17.69 -7.12 33.28
N TYR A 433 18.32 -8.23 33.67
CA TYR A 433 19.21 -9.02 32.79
C TYR A 433 18.37 -9.59 31.64
N VAL A 434 17.06 -9.77 31.84
CA VAL A 434 16.17 -10.27 30.78
C VAL A 434 15.99 -9.20 29.71
N ALA A 435 15.73 -7.97 30.13
CA ALA A 435 15.62 -6.87 29.16
C ALA A 435 16.93 -6.70 28.41
N SER A 436 18.05 -6.73 29.13
CA SER A 436 19.34 -6.58 28.47
C SER A 436 19.53 -7.64 27.39
N MET A 437 19.31 -8.92 27.74
CA MET A 437 19.62 -9.99 26.82
C MET A 437 18.59 -10.11 25.70
N VAL A 438 17.34 -9.69 25.93
CA VAL A 438 16.39 -9.70 24.83
C VAL A 438 16.74 -8.60 23.82
N PHE A 439 17.16 -7.43 24.29
CA PHE A 439 17.68 -6.43 23.37
C PHE A 439 18.86 -6.99 22.59
N SER A 440 19.79 -7.64 23.30
CA SER A 440 20.93 -8.26 22.65
C SER A 440 20.48 -9.27 21.60
N LEU A 441 19.52 -10.12 21.94
CA LEU A 441 19.09 -11.18 21.05
C LEU A 441 18.43 -10.63 19.80
N ALA A 442 17.54 -9.65 19.96
CA ALA A 442 16.88 -9.06 18.81
C ALA A 442 17.89 -8.40 17.89
N MET A 443 18.82 -7.62 18.46
CA MET A 443 19.81 -6.95 17.63
C MET A 443 20.68 -7.97 16.91
N GLY A 444 21.09 -9.04 17.62
CA GLY A 444 21.92 -10.05 16.99
C GLY A 444 21.21 -10.78 15.87
N TRP A 445 19.90 -11.02 16.03
CA TRP A 445 19.14 -11.67 14.97
C TRP A 445 19.05 -10.75 13.76
N THR A 446 18.71 -9.49 13.97
CA THR A 446 18.67 -8.55 12.85
C THR A 446 20.04 -8.35 12.23
N ASN A 447 21.11 -8.70 12.95
CA ASN A 447 22.46 -8.49 12.45
C ASN A 447 22.88 -9.45 11.35
N MET A 448 22.09 -10.49 11.04
CA MET A 448 22.52 -11.37 9.95
C MET A 448 22.46 -10.70 8.60
N LEU A 449 21.84 -9.52 8.50
CA LEU A 449 21.88 -8.78 7.25
C LEU A 449 23.32 -8.51 6.83
N TYR A 450 24.23 -8.43 7.79
CA TYR A 450 25.64 -8.24 7.46
C TYR A 450 26.10 -9.28 6.46
N TYR A 451 25.65 -10.52 6.62
CA TYR A 451 26.15 -11.61 5.79
C TYR A 451 25.46 -11.68 4.43
N THR A 452 24.47 -10.82 4.18
CA THR A 452 23.81 -10.75 2.85
C THR A 452 24.86 -10.26 1.85
N ARG A 453 25.89 -9.53 2.28
CA ARG A 453 26.97 -9.17 1.39
C ARG A 453 27.71 -10.43 0.97
N GLY A 454 28.29 -10.39 -0.22
CA GLY A 454 28.83 -11.58 -0.84
C GLY A 454 27.87 -12.28 -1.78
N PHE A 455 26.63 -11.80 -1.85
CA PHE A 455 25.67 -12.23 -2.87
C PHE A 455 25.17 -10.98 -3.57
N GLN A 456 25.33 -10.94 -4.89
CA GLN A 456 24.91 -9.80 -5.70
C GLN A 456 23.53 -9.29 -5.29
N GLN A 457 22.53 -10.16 -5.43
CA GLN A 457 21.14 -9.74 -5.26
C GLN A 457 20.86 -9.30 -3.84
N MET A 458 21.20 -10.15 -2.87
CA MET A 458 20.92 -9.80 -1.48
C MET A 458 21.82 -8.66 -1.01
N GLY A 459 23.04 -8.57 -1.54
CA GLY A 459 23.90 -7.45 -1.18
C GLY A 459 23.28 -6.13 -1.58
N ILE A 460 22.80 -6.04 -2.82
CA ILE A 460 22.18 -4.80 -3.28
C ILE A 460 20.89 -4.55 -2.52
N TYR A 461 20.14 -5.61 -2.20
CA TYR A 461 18.91 -5.42 -1.44
C TYR A 461 19.21 -4.81 -0.08
N ALA A 462 20.24 -5.33 0.61
CA ALA A 462 20.60 -4.78 1.91
C ALA A 462 21.07 -3.35 1.79
N VAL A 463 21.82 -3.03 0.74
CA VAL A 463 22.24 -1.65 0.53
C VAL A 463 21.03 -0.74 0.38
N MET A 464 20.04 -1.17 -0.41
CA MET A 464 18.85 -0.35 -0.60
C MET A 464 18.10 -0.17 0.72
N ILE A 465 17.97 -1.25 1.50
CA ILE A 465 17.31 -1.14 2.79
C ILE A 465 18.00 -0.07 3.64
N GLU A 466 19.34 -0.09 3.66
CA GLU A 466 20.06 0.85 4.52
C GLU A 466 19.89 2.29 4.02
N LYS A 467 20.00 2.50 2.71
CA LYS A 467 19.76 3.84 2.17
C LYS A 467 18.37 4.34 2.53
N MET A 468 17.35 3.49 2.35
CA MET A 468 15.99 3.93 2.63
C MET A 468 15.81 4.24 4.10
N ILE A 469 16.39 3.41 4.99
CA ILE A 469 16.36 3.70 6.41
C ILE A 469 16.91 5.09 6.67
N LEU A 470 18.08 5.38 6.10
CA LEU A 470 18.74 6.64 6.44
C LEU A 470 17.94 7.83 5.92
N ARG A 471 17.39 7.76 4.72
CA ARG A 471 16.75 8.94 4.12
C ARG A 471 15.25 9.00 4.39
N ASP A 472 14.50 8.05 3.84
CA ASP A 472 13.05 8.20 3.78
C ASP A 472 12.43 7.93 5.14
N LEU A 473 12.89 6.89 5.81
CA LEU A 473 12.36 6.59 7.14
C LEU A 473 12.62 7.76 8.08
N CYS A 474 13.82 8.34 8.04
CA CYS A 474 14.12 9.44 8.95
C CYS A 474 13.22 10.64 8.67
N ARG A 475 13.11 11.06 7.41
CA ARG A 475 12.31 12.24 7.11
C ARG A 475 10.85 12.02 7.53
N PHE A 476 10.26 10.92 7.07
CA PHE A 476 8.87 10.65 7.39
C PHE A 476 8.68 10.54 8.89
N MET A 477 9.61 9.90 9.59
CA MET A 477 9.47 9.72 11.02
C MET A 477 9.44 11.05 11.73
N PHE A 478 10.32 11.97 11.35
CA PHE A 478 10.31 13.28 12.00
C PHE A 478 8.96 13.96 11.80
N VAL A 479 8.51 14.05 10.55
CA VAL A 479 7.25 14.74 10.29
C VAL A 479 6.10 14.06 11.02
N TYR A 480 6.04 12.73 10.94
CA TYR A 480 4.93 11.99 11.52
C TYR A 480 4.94 12.10 13.04
N LEU A 481 6.13 12.09 13.66
CA LEU A 481 6.20 12.26 15.10
C LEU A 481 5.66 13.62 15.51
N VAL A 482 5.99 14.67 14.75
CA VAL A 482 5.44 15.98 15.07
C VAL A 482 3.92 15.96 14.97
N PHE A 483 3.39 15.43 13.86
CA PHE A 483 1.94 15.40 13.68
C PHE A 483 1.26 14.60 14.79
N LEU A 484 1.79 13.42 15.09
CA LEU A 484 1.17 12.55 16.08
C LEU A 484 1.20 13.18 17.46
N PHE A 485 2.33 13.76 17.84
CA PHE A 485 2.40 14.39 19.15
C PHE A 485 1.40 15.54 19.25
N GLY A 486 1.31 16.36 18.21
CA GLY A 486 0.37 17.46 18.25
C GLY A 486 -1.07 17.00 18.39
N PHE A 487 -1.47 16.02 17.56
CA PHE A 487 -2.85 15.58 17.59
C PHE A 487 -3.20 14.83 18.86
N SER A 488 -2.26 14.05 19.38
CA SER A 488 -2.49 13.38 20.66
C SER A 488 -2.62 14.39 21.78
N THR A 489 -1.81 15.46 21.76
CA THR A 489 -1.96 16.51 22.75
C THR A 489 -3.34 17.15 22.66
N ALA A 490 -3.80 17.43 21.45
CA ALA A 490 -5.12 18.03 21.29
C ALA A 490 -6.20 17.11 21.84
N VAL A 491 -6.14 15.82 21.48
CA VAL A 491 -7.18 14.88 21.94
C VAL A 491 -7.16 14.79 23.46
N VAL A 492 -5.98 14.55 24.06
CA VAL A 492 -5.85 14.37 25.53
C VAL A 492 -6.30 15.65 26.23
N THR A 493 -6.03 16.83 25.67
CA THR A 493 -6.57 18.06 26.24
C THR A 493 -8.09 18.06 26.19
N LEU A 494 -8.67 17.61 25.08
CA LEU A 494 -10.12 17.52 25.00
C LEU A 494 -10.66 16.50 26.00
N ILE A 495 -10.08 15.31 26.05
CA ILE A 495 -10.53 14.22 26.97
C ILE A 495 -10.49 14.76 28.39
N GLU A 496 -11.56 14.59 29.17
CA GLU A 496 -11.64 15.10 30.52
C GLU A 496 -10.95 14.18 31.52
N ASP A 497 -11.35 12.91 31.54
CA ASP A 497 -10.80 11.96 32.50
C ASP A 497 -11.07 10.55 31.97
N GLY A 498 -10.54 9.54 32.68
CA GLY A 498 -10.72 8.13 32.30
C GLY A 498 -9.39 7.44 32.09
N LYS A 499 -9.33 6.49 31.15
CA LYS A 499 -8.08 5.74 30.85
C LYS A 499 -7.20 6.56 29.90
N TYR A 500 -7.79 7.26 28.94
CA TYR A 500 -7.03 7.98 27.89
C TYR A 500 -6.71 9.40 28.32
N ASN A 501 -6.97 9.77 29.58
CA ASN A 501 -6.60 11.11 30.08
C ASN A 501 -5.08 11.23 30.07
N SER A 502 -4.35 10.11 30.07
CA SER A 502 -2.87 10.10 30.04
C SER A 502 -2.40 10.43 28.63
N LEU A 503 -1.32 11.17 28.48
CA LEU A 503 -0.79 11.44 27.15
C LEU A 503 -0.31 10.16 26.48
N TYR A 504 0.28 9.26 27.26
CA TYR A 504 0.79 8.02 26.68
C TYR A 504 -0.33 7.18 26.08
N SER A 505 -1.44 7.04 26.79
CA SER A 505 -2.60 6.23 26.32
C SER A 505 -3.15 6.83 25.02
N THR A 506 -3.32 8.15 24.97
CA THR A 506 -3.86 8.85 23.79
C THR A 506 -2.87 8.74 22.62
N CYS A 507 -1.55 8.81 22.86
CA CYS A 507 -0.57 8.62 21.81
C CYS A 507 -0.62 7.21 21.26
N LEU A 508 -0.74 6.21 22.14
CA LEU A 508 -0.86 4.84 21.67
C LEU A 508 -2.10 4.65 20.80
N GLU A 509 -3.24 5.15 21.27
CA GLU A 509 -4.52 5.04 20.53
C GLU A 509 -4.40 5.70 19.15
N LEU A 510 -3.79 6.89 19.07
CA LEU A 510 -3.67 7.59 17.79
C LEU A 510 -2.66 6.90 16.88
N PHE A 511 -1.63 6.28 17.45
CA PHE A 511 -0.70 5.51 16.64
C PHE A 511 -1.37 4.28 16.06
N LYS A 512 -2.25 3.63 16.82
CA LYS A 512 -2.90 2.38 16.37
C LYS A 512 -3.64 2.63 15.05
N PHE A 513 -3.83 3.88 14.60
CA PHE A 513 -4.48 4.12 13.32
C PHE A 513 -3.57 3.79 12.14
N THR A 514 -2.27 4.01 12.29
CA THR A 514 -1.36 3.85 11.17
C THR A 514 -1.12 2.39 10.80
N ILE A 515 -1.38 1.46 11.72
CA ILE A 515 -1.14 0.05 11.48
C ILE A 515 -2.44 -0.67 11.09
N GLY A 516 -3.42 0.07 10.61
CA GLY A 516 -4.70 -0.53 10.23
C GLY A 516 -5.50 -1.05 11.40
N MET A 517 -5.50 -0.34 12.52
CA MET A 517 -6.25 -0.77 13.70
C MET A 517 -6.98 0.38 14.39
N GLY A 518 -7.08 1.55 13.77
CA GLY A 518 -7.72 2.68 14.40
C GLY A 518 -9.16 2.41 14.80
N ASP A 519 -9.49 2.66 16.07
CA ASP A 519 -10.85 2.39 16.55
C ASP A 519 -11.81 3.51 16.16
N LEU A 520 -11.39 4.76 16.30
CA LEU A 520 -12.15 5.97 16.02
C LEU A 520 -13.19 6.27 17.09
N GLU A 521 -13.41 5.38 18.05
CA GLU A 521 -14.39 5.61 19.11
C GLU A 521 -13.92 5.01 20.43
N PHE A 522 -12.61 4.95 20.64
CA PHE A 522 -11.99 4.27 21.81
C PHE A 522 -12.65 4.66 23.12
N THR A 523 -13.06 5.92 23.28
CA THR A 523 -13.73 6.40 24.52
C THR A 523 -14.84 7.39 24.20
N GLU A 524 -15.78 7.56 25.11
CA GLU A 524 -16.84 8.56 25.03
C GLU A 524 -16.80 9.50 26.23
N ASN A 525 -15.68 9.54 26.96
CA ASN A 525 -15.55 10.35 28.17
C ASN A 525 -14.98 11.72 27.78
N TYR A 526 -15.86 12.57 27.25
CA TYR A 526 -15.50 13.93 26.87
C TYR A 526 -16.76 14.62 26.38
N ASP A 527 -16.68 15.94 26.24
CA ASP A 527 -17.76 16.75 25.70
C ASP A 527 -17.53 17.01 24.22
N PHE A 528 -18.58 17.47 23.55
CA PHE A 528 -18.49 17.93 22.16
C PHE A 528 -17.93 16.84 21.26
N LYS A 529 -18.71 15.77 21.12
CA LYS A 529 -18.34 14.70 20.19
C LYS A 529 -17.86 15.27 18.87
N ALA A 530 -18.43 16.40 18.45
CA ALA A 530 -18.10 16.99 17.15
C ALA A 530 -16.61 17.27 17.03
N VAL A 531 -16.05 18.00 18.01
CA VAL A 531 -14.65 18.40 17.91
C VAL A 531 -13.73 17.20 17.98
N PHE A 532 -14.07 16.22 18.82
CA PHE A 532 -13.27 15.00 18.90
C PHE A 532 -13.22 14.29 17.56
N ILE A 533 -14.38 14.11 16.93
CA ILE A 533 -14.40 13.43 15.64
C ILE A 533 -13.66 14.25 14.59
N ILE A 534 -13.79 15.58 14.66
CA ILE A 534 -13.10 16.43 13.70
C ILE A 534 -11.59 16.25 13.82
N LEU A 535 -11.09 16.26 15.05
CA LEU A 535 -9.66 16.06 15.27
C LEU A 535 -9.21 14.70 14.77
N LEU A 536 -9.99 13.65 15.08
CA LEU A 536 -9.61 12.31 14.66
C LEU A 536 -9.58 12.19 13.15
N LEU A 537 -10.60 12.72 12.46
CA LEU A 537 -10.64 12.62 11.00
C LEU A 537 -9.56 13.46 10.35
N ALA A 538 -9.30 14.66 10.87
CA ALA A 538 -8.20 15.45 10.34
C ALA A 538 -6.88 14.72 10.50
N TYR A 539 -6.66 14.12 11.67
CA TYR A 539 -5.42 13.39 11.90
C TYR A 539 -5.30 12.22 10.95
N VAL A 540 -6.37 11.46 10.77
CA VAL A 540 -6.30 10.29 9.89
C VAL A 540 -6.02 10.73 8.45
N ILE A 541 -6.74 11.76 7.98
CA ILE A 541 -6.54 12.19 6.59
C ILE A 541 -5.11 12.69 6.40
N LEU A 542 -4.59 13.48 7.35
CA LEU A 542 -3.26 14.04 7.16
C LEU A 542 -2.16 12.99 7.32
N THR A 543 -2.37 11.97 8.15
CA THR A 543 -1.32 10.99 8.37
C THR A 543 -1.47 9.76 7.49
N TYR A 544 -2.56 9.00 7.70
CA TYR A 544 -2.67 7.67 7.11
C TYR A 544 -2.75 7.74 5.59
N ILE A 545 -3.53 8.68 5.05
CA ILE A 545 -3.73 8.73 3.61
C ILE A 545 -2.71 9.62 2.90
N LEU A 546 -2.09 10.56 3.60
CA LEU A 546 -1.19 11.54 2.96
C LEU A 546 0.27 11.21 3.21
N LEU A 547 0.70 11.02 4.47
CA LEU A 547 2.12 10.84 4.73
C LEU A 547 2.58 9.42 4.44
N LEU A 548 1.72 8.42 4.62
CA LEU A 548 2.07 7.08 4.18
C LEU A 548 2.23 7.01 2.67
N ASN A 549 1.28 7.60 1.95
CA ASN A 549 1.31 7.67 0.46
C ASN A 549 2.59 8.42 0.06
N MET A 550 3.04 9.37 0.88
CA MET A 550 4.26 10.15 0.60
C MET A 550 5.49 9.26 0.87
N LEU A 551 5.54 8.48 1.96
CA LEU A 551 6.61 7.52 2.21
C LEU A 551 6.75 6.54 1.06
N ILE A 552 5.62 5.98 0.61
CA ILE A 552 5.68 5.02 -0.49
C ILE A 552 6.24 5.67 -1.75
N ALA A 553 5.81 6.89 -2.04
CA ALA A 553 6.27 7.57 -3.24
C ALA A 553 7.77 7.88 -3.19
N LEU A 554 8.26 8.32 -2.03
CA LEU A 554 9.70 8.53 -1.91
C LEU A 554 10.47 7.24 -2.03
N MET A 555 9.90 6.13 -1.53
CA MET A 555 10.55 4.81 -1.62
C MET A 555 10.61 4.40 -3.09
N GLY A 556 9.59 4.74 -3.90
CA GLY A 556 9.60 4.50 -5.33
C GLY A 556 10.64 5.33 -6.04
N GLU A 557 10.68 6.62 -5.72
CA GLU A 557 11.65 7.51 -6.36
C GLU A 557 13.08 7.07 -6.06
N THR A 558 13.35 6.74 -4.79
CA THR A 558 14.71 6.33 -4.42
C THR A 558 15.11 5.05 -5.15
N VAL A 559 14.24 4.04 -5.14
CA VAL A 559 14.60 2.80 -5.83
C VAL A 559 14.87 3.08 -7.30
N ASN A 560 14.07 3.96 -7.91
CA ASN A 560 14.32 4.29 -9.31
C ASN A 560 15.60 5.10 -9.50
N LYS A 561 16.13 5.71 -8.42
CA LYS A 561 17.26 6.62 -8.56
C LYS A 561 18.61 6.00 -8.22
N ILE A 562 18.71 5.13 -7.22
CA ILE A 562 20.02 4.77 -6.66
C ILE A 562 20.42 3.34 -6.98
N ALA A 563 19.98 2.82 -8.12
CA ALA A 563 20.36 1.47 -8.51
C ALA A 563 21.87 1.31 -8.56
N GLN A 564 22.52 2.07 -9.45
CA GLN A 564 23.97 1.93 -9.62
C GLN A 564 24.71 2.35 -8.36
N GLU A 565 24.20 3.35 -7.65
CA GLU A 565 24.81 3.73 -6.37
C GLU A 565 24.77 2.57 -5.39
N SER A 566 23.65 1.86 -5.32
CA SER A 566 23.56 0.69 -4.46
C SER A 566 24.55 -0.39 -4.89
N LYS A 567 24.68 -0.60 -6.19
CA LYS A 567 25.63 -1.61 -6.66
C LYS A 567 27.05 -1.26 -6.28
N ASN A 568 27.43 0.02 -6.44
CA ASN A 568 28.77 0.45 -6.08
C ASN A 568 29.02 0.30 -4.59
N ILE A 569 28.04 0.67 -3.76
CA ILE A 569 28.20 0.50 -2.32
C ILE A 569 28.36 -0.96 -1.96
N TRP A 570 27.62 -1.85 -2.63
CA TRP A 570 27.79 -3.27 -2.35
C TRP A 570 29.18 -3.73 -2.76
N LYS A 571 29.66 -3.29 -3.92
CA LYS A 571 31.00 -3.66 -4.35
C LYS A 571 32.03 -3.23 -3.31
N LEU A 572 31.88 -2.01 -2.79
CA LEU A 572 32.83 -1.54 -1.78
C LEU A 572 32.72 -2.34 -0.49
N GLN A 573 31.51 -2.73 -0.10
CA GLN A 573 31.37 -3.56 1.09
C GLN A 573 32.11 -4.88 0.91
N ARG A 574 31.94 -5.52 -0.26
CA ARG A 574 32.62 -6.78 -0.50
C ARG A 574 34.13 -6.57 -0.53
N ALA A 575 34.59 -5.45 -1.08
CA ALA A 575 36.02 -5.15 -1.09
C ALA A 575 36.57 -5.02 0.32
N ILE A 576 35.83 -4.33 1.19
CA ILE A 576 36.28 -4.20 2.58
C ILE A 576 36.35 -5.56 3.25
N THR A 577 35.34 -6.41 3.01
CA THR A 577 35.36 -7.75 3.59
C THR A 577 36.56 -8.53 3.08
N ILE A 578 36.83 -8.46 1.77
CA ILE A 578 37.93 -9.22 1.18
C ILE A 578 39.25 -8.77 1.78
N LEU A 579 39.47 -7.46 1.86
CA LEU A 579 40.73 -6.96 2.41
C LEU A 579 40.88 -7.37 3.87
N ASP A 580 39.79 -7.30 4.65
CA ASP A 580 39.87 -7.67 6.05
C ASP A 580 40.25 -9.13 6.20
N THR A 581 39.53 -10.02 5.51
CA THR A 581 39.82 -11.44 5.62
C THR A 581 41.19 -11.78 5.08
N GLU A 582 41.66 -11.05 4.07
CA GLU A 582 43.04 -11.24 3.60
C GLU A 582 44.03 -10.88 4.69
N LYS A 583 43.80 -9.77 5.39
CA LYS A 583 44.65 -9.42 6.53
C LYS A 583 44.46 -10.36 7.70
N SER A 584 43.42 -11.19 7.69
CA SER A 584 43.18 -12.17 8.74
C SER A 584 43.80 -13.52 8.43
N PHE A 585 44.47 -13.66 7.28
CA PHE A 585 45.19 -14.89 6.95
C PHE A 585 44.26 -16.09 6.89
N SER B 281 12.20 -24.50 -45.31
CA SER B 281 12.59 -25.91 -45.41
C SER B 281 13.21 -26.38 -44.11
N CYS B 282 12.67 -27.48 -43.56
CA CYS B 282 13.15 -28.05 -42.31
C CYS B 282 12.98 -27.07 -41.14
N ILE B 283 11.99 -26.19 -41.24
CA ILE B 283 11.72 -25.24 -40.17
C ILE B 283 10.83 -25.87 -39.10
N ASP B 284 9.61 -26.23 -39.49
CA ASP B 284 8.70 -26.95 -38.61
C ASP B 284 8.43 -28.37 -39.07
N THR B 285 8.65 -28.67 -40.34
CA THR B 285 8.46 -30.01 -40.90
C THR B 285 9.84 -30.50 -41.34
N CYS B 286 10.59 -31.06 -40.40
CA CYS B 286 11.85 -31.71 -40.69
C CYS B 286 11.87 -33.16 -40.26
N GLU B 287 11.24 -33.47 -39.12
CA GLU B 287 11.05 -34.83 -38.60
C GLU B 287 12.34 -35.46 -38.10
N LYS B 288 13.48 -34.80 -38.30
CA LYS B 288 14.76 -35.28 -37.78
C LYS B 288 15.32 -34.31 -36.75
N ASN B 289 15.43 -33.03 -37.09
CA ASN B 289 15.78 -31.99 -36.12
C ASN B 289 15.26 -30.68 -36.69
N SER B 290 14.10 -30.25 -36.20
CA SER B 290 13.48 -29.00 -36.66
C SER B 290 13.93 -27.85 -35.78
N VAL B 291 14.21 -26.71 -36.43
CA VAL B 291 14.70 -25.54 -35.69
C VAL B 291 13.63 -25.05 -34.71
N LEU B 292 12.38 -25.00 -35.15
CA LEU B 292 11.31 -24.53 -34.29
C LEU B 292 11.21 -25.38 -33.03
N GLU B 293 11.13 -26.70 -33.21
CA GLU B 293 11.03 -27.59 -32.06
C GLU B 293 12.29 -27.54 -31.20
N VAL B 294 13.46 -27.45 -31.85
CA VAL B 294 14.71 -27.45 -31.10
C VAL B 294 14.80 -26.21 -30.21
N ILE B 295 14.45 -25.05 -30.74
CA ILE B 295 14.51 -23.82 -29.96
C ILE B 295 13.43 -23.80 -28.89
N ALA B 296 12.22 -24.24 -29.24
CA ALA B 296 11.13 -24.21 -28.27
C ALA B 296 11.47 -25.06 -27.05
N TYR B 297 12.03 -26.26 -27.27
CA TYR B 297 12.43 -27.14 -26.19
C TYR B 297 13.92 -27.05 -25.90
N SER B 298 14.53 -25.92 -26.20
CA SER B 298 15.97 -25.77 -26.06
C SER B 298 16.36 -25.71 -24.58
N SER B 299 17.67 -25.83 -24.33
CA SER B 299 18.18 -25.70 -22.98
C SER B 299 17.91 -24.29 -22.47
N SER B 300 17.83 -24.17 -21.14
CA SER B 300 17.70 -22.86 -20.54
C SER B 300 18.90 -21.98 -20.85
N GLU B 301 20.09 -22.59 -20.99
CA GLU B 301 21.31 -21.84 -21.20
C GLU B 301 21.27 -21.00 -22.46
N THR B 302 20.48 -21.39 -23.45
CA THR B 302 20.42 -20.65 -24.71
C THR B 302 20.27 -19.16 -24.42
N PRO B 303 21.21 -18.32 -24.87
CA PRO B 303 21.20 -16.93 -24.40
C PRO B 303 19.91 -16.19 -24.71
N ASN B 304 19.31 -16.43 -25.87
CA ASN B 304 18.16 -15.66 -26.33
C ASN B 304 17.09 -16.57 -26.90
N ARG B 305 16.77 -17.64 -26.18
CA ARG B 305 15.72 -18.53 -26.64
C ARG B 305 14.39 -17.83 -26.82
N HIS B 306 14.18 -16.70 -26.13
CA HIS B 306 12.94 -15.94 -26.25
C HIS B 306 12.95 -14.97 -27.43
N ASP B 307 14.11 -14.40 -27.76
CA ASP B 307 14.16 -13.37 -28.78
C ASP B 307 14.08 -13.95 -30.19
N MET B 308 14.71 -15.11 -30.41
CA MET B 308 14.77 -15.66 -31.76
C MET B 308 13.39 -15.93 -32.34
N LEU B 309 12.43 -16.33 -31.50
CA LEU B 309 11.10 -16.66 -32.00
C LEU B 309 10.45 -15.47 -32.70
N LEU B 310 10.91 -14.25 -32.44
CA LEU B 310 10.29 -13.07 -33.03
C LEU B 310 10.58 -12.94 -34.52
N VAL B 311 11.48 -13.78 -35.06
CA VAL B 311 11.74 -13.76 -36.50
C VAL B 311 10.42 -13.82 -37.25
N GLU B 312 10.29 -12.98 -38.27
CA GLU B 312 8.99 -12.81 -38.93
C GLU B 312 8.44 -14.11 -39.48
N PRO B 313 9.18 -14.93 -40.24
CA PRO B 313 8.60 -16.21 -40.67
C PRO B 313 8.18 -17.10 -39.51
N LEU B 314 8.98 -17.16 -38.45
CA LEU B 314 8.62 -18.02 -37.32
C LEU B 314 7.34 -17.55 -36.66
N ASN B 315 7.25 -16.25 -36.37
CA ASN B 315 6.05 -15.73 -35.73
C ASN B 315 4.82 -15.90 -36.62
N ARG B 316 4.98 -15.64 -37.92
CA ARG B 316 3.86 -15.80 -38.84
C ARG B 316 3.38 -17.25 -38.83
N LEU B 317 4.31 -18.20 -38.88
CA LEU B 317 3.93 -19.61 -38.85
C LEU B 317 3.21 -19.97 -37.55
N LEU B 318 3.73 -19.51 -36.42
CA LEU B 318 3.10 -19.83 -35.14
C LEU B 318 1.69 -19.26 -35.09
N GLN B 319 1.51 -18.02 -35.53
CA GLN B 319 0.17 -17.43 -35.53
C GLN B 319 -0.75 -18.20 -36.45
N ASP B 320 -0.28 -18.57 -37.65
CA ASP B 320 -1.12 -19.31 -38.58
C ASP B 320 -1.60 -20.62 -37.97
N LYS B 321 -0.67 -21.43 -37.46
CA LYS B 321 -1.05 -22.72 -36.90
C LYS B 321 -1.98 -22.55 -35.71
N TRP B 322 -1.68 -21.57 -34.84
CA TRP B 322 -2.53 -21.30 -33.70
C TRP B 322 -3.94 -21.07 -34.19
N ASP B 323 -4.15 -19.99 -34.95
CA ASP B 323 -5.48 -19.64 -35.40
C ASP B 323 -6.16 -20.80 -36.11
N ARG B 324 -5.39 -21.59 -36.86
CA ARG B 324 -5.99 -22.63 -37.67
C ARG B 324 -6.59 -23.74 -36.81
N PHE B 325 -5.82 -24.30 -35.88
CA PHE B 325 -6.38 -25.39 -35.09
C PHE B 325 -6.07 -25.34 -33.60
N VAL B 326 -4.98 -24.71 -33.17
CA VAL B 326 -4.59 -24.86 -31.77
C VAL B 326 -5.49 -24.00 -30.90
N LYS B 327 -6.04 -22.92 -31.46
CA LYS B 327 -7.00 -22.12 -30.72
C LYS B 327 -8.18 -22.97 -30.28
N ARG B 328 -8.81 -23.67 -31.23
CA ARG B 328 -9.96 -24.50 -30.89
C ARG B 328 -9.56 -25.64 -29.95
N ILE B 329 -8.44 -26.31 -30.23
CA ILE B 329 -8.06 -27.44 -29.40
C ILE B 329 -7.79 -26.98 -27.98
N PHE B 330 -7.07 -25.87 -27.81
CA PHE B 330 -6.73 -25.39 -26.48
C PHE B 330 -7.98 -24.93 -25.72
N TYR B 331 -8.92 -24.28 -26.40
CA TYR B 331 -10.14 -23.89 -25.71
C TYR B 331 -10.92 -25.10 -25.26
N PHE B 332 -10.98 -26.16 -26.09
CA PHE B 332 -11.66 -27.38 -25.64
C PHE B 332 -10.96 -27.98 -24.43
N ASN B 333 -9.63 -27.96 -24.41
CA ASN B 333 -8.91 -28.46 -23.25
C ASN B 333 -9.23 -27.64 -22.00
N PHE B 334 -9.28 -26.31 -22.15
CA PHE B 334 -9.64 -25.46 -21.02
C PHE B 334 -11.03 -25.81 -20.50
N PHE B 335 -11.97 -26.02 -21.41
CA PHE B 335 -13.33 -26.36 -20.99
C PHE B 335 -13.35 -27.70 -20.25
N VAL B 336 -12.64 -28.70 -20.77
CA VAL B 336 -12.63 -30.00 -20.11
C VAL B 336 -11.99 -29.89 -18.74
N TYR B 337 -10.91 -29.11 -18.62
CA TYR B 337 -10.27 -28.93 -17.32
C TYR B 337 -11.22 -28.27 -16.32
N CYS B 338 -11.94 -27.23 -16.75
CA CYS B 338 -12.87 -26.57 -15.84
C CYS B 338 -13.98 -27.52 -15.42
N LEU B 339 -14.49 -28.31 -16.36
CA LEU B 339 -15.53 -29.27 -16.03
C LEU B 339 -15.03 -30.31 -15.03
N TYR B 340 -13.83 -30.83 -15.26
CA TYR B 340 -13.24 -31.79 -14.32
C TYR B 340 -13.10 -31.18 -12.93
N MET B 341 -12.61 -29.94 -12.85
CA MET B 341 -12.36 -29.28 -11.54
C MET B 341 -13.69 -28.95 -10.86
N ILE B 342 -14.75 -28.60 -11.59
CA ILE B 342 -16.06 -28.42 -10.97
C ILE B 342 -16.56 -29.73 -10.40
N ILE B 343 -16.42 -30.82 -11.16
CA ILE B 343 -16.87 -32.12 -10.69
C ILE B 343 -16.14 -32.50 -9.41
N PHE B 344 -14.82 -32.31 -9.40
CA PHE B 344 -14.03 -32.68 -8.22
C PHE B 344 -14.43 -31.84 -7.01
N THR B 345 -14.60 -30.53 -7.20
CA THR B 345 -14.99 -29.65 -6.11
C THR B 345 -16.33 -30.07 -5.53
N ALA B 346 -17.31 -30.33 -6.40
CA ALA B 346 -18.62 -30.75 -5.93
C ALA B 346 -18.54 -32.08 -5.18
N ALA B 347 -17.74 -33.01 -5.68
CA ALA B 347 -17.62 -34.31 -5.02
C ALA B 347 -16.98 -34.16 -3.65
N ALA B 348 -15.96 -33.32 -3.54
CA ALA B 348 -15.24 -33.19 -2.27
C ALA B 348 -16.07 -32.45 -1.24
N TYR B 349 -16.65 -31.30 -1.62
CA TYR B 349 -17.36 -30.48 -0.64
C TYR B 349 -18.54 -31.24 -0.03
N TYR B 350 -19.17 -32.12 -0.80
CA TYR B 350 -20.28 -32.92 -0.33
C TYR B 350 -19.85 -34.27 0.21
N ARG B 351 -18.63 -34.36 0.74
CA ARG B 351 -18.10 -35.64 1.18
C ARG B 351 -18.84 -36.15 2.42
N PRO B 352 -18.88 -37.47 2.63
CA PRO B 352 -19.49 -38.00 3.85
C PRO B 352 -18.54 -37.87 5.03
N VAL B 353 -19.04 -37.31 6.12
CA VAL B 353 -18.23 -37.04 7.31
C VAL B 353 -18.64 -38.00 8.41
N GLU B 354 -17.96 -39.15 8.49
CA GLU B 354 -18.25 -40.14 9.52
C GLU B 354 -17.00 -40.75 10.15
N GLY B 355 -15.82 -40.59 9.56
CA GLY B 355 -14.60 -41.13 10.13
C GLY B 355 -14.34 -42.57 9.72
N LEU B 356 -13.08 -42.98 9.87
CA LEU B 356 -12.65 -44.33 9.56
C LEU B 356 -13.07 -44.72 8.14
N PRO B 357 -12.41 -44.17 7.13
CA PRO B 357 -12.73 -44.55 5.74
C PRO B 357 -12.27 -45.95 5.42
N PRO B 358 -12.78 -46.56 4.35
CA PRO B 358 -13.78 -46.00 3.42
C PRO B 358 -15.19 -46.03 4.02
N TYR B 359 -16.16 -45.53 3.27
CA TYR B 359 -17.54 -45.44 3.73
C TYR B 359 -18.43 -46.24 2.80
N LYS B 360 -19.34 -47.01 3.39
CA LYS B 360 -20.30 -47.77 2.60
C LYS B 360 -21.15 -46.83 1.76
N LEU B 361 -21.46 -47.26 0.55
CA LEU B 361 -22.28 -46.49 -0.38
C LEU B 361 -23.75 -46.70 -0.04
N LYS B 362 -24.46 -45.61 0.23
CA LYS B 362 -25.87 -45.67 0.59
C LYS B 362 -26.74 -45.35 -0.62
N ASN B 363 -27.81 -46.12 -0.78
CA ASN B 363 -28.64 -46.03 -1.97
C ASN B 363 -29.34 -44.68 -2.01
N THR B 364 -28.90 -43.79 -2.91
CA THR B 364 -29.53 -42.45 -3.09
C THR B 364 -29.00 -41.90 -4.41
N VAL B 365 -29.79 -41.15 -5.16
CA VAL B 365 -29.33 -40.51 -6.39
C VAL B 365 -28.17 -39.57 -6.08
N GLY B 366 -28.31 -38.76 -5.03
CA GLY B 366 -27.23 -37.87 -4.64
C GLY B 366 -25.97 -38.62 -4.28
N ASP B 367 -26.10 -39.72 -3.55
CA ASP B 367 -24.93 -40.50 -3.17
C ASP B 367 -24.25 -41.11 -4.39
N TYR B 368 -25.04 -41.56 -5.37
CA TYR B 368 -24.51 -42.16 -6.62
C TYR B 368 -23.78 -41.07 -7.40
N PHE B 369 -24.31 -39.85 -7.42
CA PHE B 369 -23.64 -38.72 -8.06
C PHE B 369 -22.33 -38.41 -7.36
N ARG B 370 -22.34 -38.41 -6.03
CA ARG B 370 -21.16 -38.01 -5.22
C ARG B 370 -20.06 -39.08 -5.34
N VAL B 371 -20.38 -40.36 -5.47
CA VAL B 371 -19.36 -41.40 -5.64
C VAL B 371 -18.82 -41.40 -7.07
N THR B 372 -19.67 -41.17 -8.06
CA THR B 372 -19.16 -41.11 -9.43
C THR B 372 -18.31 -39.86 -9.65
N GLY B 373 -18.65 -38.74 -9.01
CA GLY B 373 -17.76 -37.60 -9.05
C GLY B 373 -16.40 -37.95 -8.45
N GLU B 374 -16.41 -38.67 -7.34
CA GLU B 374 -15.15 -39.10 -6.74
C GLU B 374 -14.33 -39.94 -7.71
N ILE B 375 -14.96 -40.93 -8.35
CA ILE B 375 -14.24 -41.90 -9.23
C ILE B 375 -13.77 -41.18 -10.49
N LEU B 376 -14.47 -40.15 -10.97
CA LEU B 376 -14.00 -39.34 -12.08
C LEU B 376 -12.79 -38.50 -11.68
N SER B 377 -12.84 -37.89 -10.48
CA SER B 377 -11.71 -37.08 -10.03
C SER B 377 -10.46 -37.93 -9.86
N VAL B 378 -10.60 -39.15 -9.32
CA VAL B 378 -9.46 -40.04 -9.19
C VAL B 378 -8.90 -40.37 -10.58
N SER B 379 -9.77 -40.67 -11.53
CA SER B 379 -9.32 -40.96 -12.88
C SER B 379 -8.54 -39.79 -13.46
N GLY B 380 -9.03 -38.56 -13.24
CA GLY B 380 -8.32 -37.40 -13.72
C GLY B 380 -6.94 -37.25 -13.09
N GLY B 381 -6.86 -37.50 -11.78
CA GLY B 381 -5.56 -37.44 -11.13
C GLY B 381 -4.58 -38.42 -11.73
N VAL B 382 -5.03 -39.65 -11.98
CA VAL B 382 -4.16 -40.66 -12.59
C VAL B 382 -3.74 -40.22 -13.99
N TYR B 383 -4.67 -39.65 -14.75
CA TYR B 383 -4.34 -39.21 -16.10
C TYR B 383 -3.24 -38.16 -16.07
N PHE B 384 -3.36 -37.18 -15.16
CA PHE B 384 -2.33 -36.14 -15.09
C PHE B 384 -1.01 -36.71 -14.61
N PHE B 385 -1.04 -37.68 -13.69
CA PHE B 385 0.20 -38.31 -13.26
C PHE B 385 0.91 -38.97 -14.44
N PHE B 386 0.16 -39.70 -15.27
CA PHE B 386 0.79 -40.35 -16.42
C PHE B 386 1.27 -39.31 -17.44
N ARG B 387 0.53 -38.21 -17.60
CA ARG B 387 1.00 -37.15 -18.49
C ARG B 387 2.33 -36.59 -18.02
N GLY B 388 2.47 -36.38 -16.72
CA GLY B 388 3.73 -35.90 -16.18
C GLY B 388 4.85 -36.89 -16.36
N ILE B 389 4.58 -38.17 -16.11
CA ILE B 389 5.61 -39.18 -16.29
C ILE B 389 6.06 -39.22 -17.75
N GLN B 390 5.12 -39.12 -18.68
CA GLN B 390 5.47 -39.01 -20.08
C GLN B 390 6.35 -37.81 -20.40
N TYR B 391 5.98 -36.62 -19.93
CA TYR B 391 6.78 -35.42 -20.21
C TYR B 391 8.19 -35.67 -19.69
N PHE B 392 8.29 -36.16 -18.45
CA PHE B 392 9.60 -36.41 -17.85
C PHE B 392 10.44 -37.33 -18.72
N LEU B 393 9.90 -38.49 -19.09
CA LEU B 393 10.69 -39.48 -19.83
C LEU B 393 10.99 -39.02 -21.25
N GLN B 394 9.95 -38.59 -21.97
CA GLN B 394 10.09 -38.17 -23.39
C GLN B 394 11.13 -37.05 -23.48
N ARG B 395 11.01 -36.00 -22.66
CA ARG B 395 11.94 -34.87 -22.79
C ARG B 395 13.37 -35.30 -22.52
N ARG B 396 13.59 -36.15 -21.52
CA ARG B 396 14.93 -36.45 -21.04
C ARG B 396 15.60 -35.13 -20.68
N PRO B 397 15.13 -34.45 -19.62
CA PRO B 397 15.64 -33.09 -19.34
C PRO B 397 17.04 -33.10 -18.74
N SER B 398 17.51 -31.92 -18.32
CA SER B 398 18.88 -31.74 -17.85
C SER B 398 19.09 -32.20 -16.41
N LEU B 399 18.03 -32.31 -15.61
CA LEU B 399 18.11 -32.59 -14.19
C LEU B 399 18.82 -31.49 -13.41
N LYS B 400 19.14 -30.37 -14.06
CA LYS B 400 19.64 -29.17 -13.39
C LYS B 400 18.69 -28.01 -13.57
N SER B 401 18.29 -27.72 -14.80
CA SER B 401 17.26 -26.73 -15.09
C SER B 401 15.86 -27.30 -14.99
N LEU B 402 15.73 -28.58 -14.65
CA LEU B 402 14.41 -29.21 -14.57
C LEU B 402 13.48 -28.44 -13.64
N PHE B 403 14.00 -27.97 -12.51
CA PHE B 403 13.23 -27.08 -11.65
C PHE B 403 13.18 -25.67 -12.18
N VAL B 404 14.25 -25.20 -12.83
CA VAL B 404 14.32 -23.81 -13.28
C VAL B 404 13.32 -23.57 -14.40
N ASP B 405 13.13 -24.55 -15.28
CA ASP B 405 12.18 -24.46 -16.37
C ASP B 405 11.07 -25.48 -16.16
N SER B 406 9.91 -25.23 -16.78
CA SER B 406 8.76 -26.16 -16.75
C SER B 406 8.07 -26.21 -15.39
N TYR B 407 7.91 -25.06 -14.73
CA TYR B 407 7.16 -25.03 -13.48
C TYR B 407 5.78 -25.64 -13.59
N SER B 408 5.10 -25.43 -14.72
CA SER B 408 3.75 -25.95 -14.88
C SER B 408 3.72 -27.47 -14.81
N GLU B 409 4.66 -28.13 -15.48
CA GLU B 409 4.65 -29.59 -15.51
C GLU B 409 4.83 -30.15 -14.11
N ILE B 410 5.77 -29.61 -13.34
CA ILE B 410 6.01 -30.11 -12.00
C ILE B 410 4.81 -29.81 -11.10
N LEU B 411 4.19 -28.65 -11.28
CA LEU B 411 3.02 -28.32 -10.45
C LEU B 411 1.87 -29.26 -10.72
N PHE B 412 1.61 -29.57 -11.99
CA PHE B 412 0.57 -30.52 -12.33
C PHE B 412 0.90 -31.91 -11.79
N PHE B 413 2.17 -32.31 -11.91
CA PHE B 413 2.59 -33.59 -11.33
C PHE B 413 2.35 -33.60 -9.84
N VAL B 414 2.57 -32.47 -9.17
CA VAL B 414 2.42 -32.42 -7.71
C VAL B 414 0.96 -32.55 -7.33
N GLN B 415 0.04 -31.88 -8.03
CA GLN B 415 -1.36 -32.06 -7.67
C GLN B 415 -1.78 -33.50 -7.91
N SER B 416 -1.32 -34.10 -9.01
CA SER B 416 -1.66 -35.49 -9.28
C SER B 416 -1.13 -36.42 -8.19
N LEU B 417 0.11 -36.17 -7.75
CA LEU B 417 0.69 -36.96 -6.67
C LEU B 417 -0.14 -36.82 -5.40
N PHE B 418 -0.56 -35.60 -5.07
CA PHE B 418 -1.41 -35.38 -3.92
C PHE B 418 -2.71 -36.16 -4.04
N MET B 419 -3.33 -36.14 -5.23
CA MET B 419 -4.59 -36.85 -5.42
C MET B 419 -4.40 -38.35 -5.22
N LEU B 420 -3.35 -38.91 -5.80
CA LEU B 420 -3.13 -40.35 -5.70
C LEU B 420 -2.83 -40.77 -4.26
N VAL B 421 -1.99 -40.00 -3.56
CA VAL B 421 -1.75 -40.32 -2.15
C VAL B 421 -3.03 -40.14 -1.34
N SER B 422 -3.94 -39.27 -1.79
CA SER B 422 -5.24 -39.04 -1.10
C SER B 422 -6.09 -40.28 -1.28
N VAL B 423 -6.03 -40.92 -2.45
CA VAL B 423 -6.75 -42.19 -2.67
C VAL B 423 -6.15 -43.27 -1.79
N VAL B 424 -4.83 -43.35 -1.77
CA VAL B 424 -4.16 -44.38 -0.97
C VAL B 424 -4.55 -44.26 0.49
N LEU B 425 -4.50 -43.05 1.03
CA LEU B 425 -4.82 -42.85 2.44
C LEU B 425 -6.29 -43.16 2.70
N TYR B 426 -7.17 -42.81 1.75
CA TYR B 426 -8.58 -43.12 1.92
C TYR B 426 -8.81 -44.61 2.03
N PHE B 427 -8.13 -45.40 1.19
CA PHE B 427 -8.23 -46.85 1.31
C PHE B 427 -7.39 -47.42 2.44
N SER B 428 -6.45 -46.67 3.00
CA SER B 428 -5.58 -47.18 4.04
C SER B 428 -6.16 -46.96 5.44
N GLN B 429 -7.40 -46.51 5.54
CA GLN B 429 -8.09 -46.38 6.82
C GLN B 429 -7.36 -45.40 7.74
N ARG B 430 -7.24 -44.17 7.25
CA ARG B 430 -6.64 -43.08 8.02
C ARG B 430 -7.52 -41.84 7.83
N LYS B 431 -7.03 -40.71 8.30
CA LYS B 431 -7.76 -39.45 8.19
C LYS B 431 -6.98 -38.37 7.46
N GLU B 432 -5.83 -38.72 6.90
CA GLU B 432 -4.98 -37.75 6.17
C GLU B 432 -5.37 -37.76 4.70
N TYR B 433 -6.40 -38.48 4.28
CA TYR B 433 -6.84 -38.41 2.90
C TYR B 433 -7.46 -37.06 2.64
N VAL B 434 -8.15 -36.51 3.64
CA VAL B 434 -8.76 -35.19 3.52
C VAL B 434 -7.70 -34.12 3.38
N ALA B 435 -6.61 -34.24 4.14
CA ALA B 435 -5.53 -33.25 4.01
C ALA B 435 -4.91 -33.29 2.63
N SER B 436 -4.64 -34.50 2.12
CA SER B 436 -4.07 -34.69 0.77
C SER B 436 -5.05 -34.22 -0.29
N MET B 437 -6.36 -34.38 -0.08
CA MET B 437 -7.37 -33.95 -1.02
C MET B 437 -7.49 -32.43 -1.05
N VAL B 438 -7.45 -31.78 0.12
CA VAL B 438 -7.59 -30.33 0.17
C VAL B 438 -6.36 -29.67 -0.42
N PHE B 439 -5.18 -30.23 -0.16
CA PHE B 439 -3.99 -29.67 -0.81
C PHE B 439 -4.10 -29.80 -2.33
N SER B 440 -4.56 -30.95 -2.82
CA SER B 440 -4.74 -31.12 -4.25
C SER B 440 -5.75 -30.14 -4.80
N LEU B 441 -6.84 -29.92 -4.08
CA LEU B 441 -7.90 -29.04 -4.55
C LEU B 441 -7.38 -27.60 -4.66
N ALA B 442 -6.66 -27.14 -3.65
CA ALA B 442 -6.10 -25.79 -3.70
C ALA B 442 -5.12 -25.65 -4.85
N MET B 443 -4.21 -26.62 -5.00
CA MET B 443 -3.23 -26.54 -6.07
C MET B 443 -3.90 -26.54 -7.44
N GLY B 444 -4.89 -27.40 -7.62
CA GLY B 444 -5.55 -27.45 -8.92
C GLY B 444 -6.34 -26.19 -9.21
N TRP B 445 -6.99 -25.61 -8.21
CA TRP B 445 -7.74 -24.39 -8.44
C TRP B 445 -6.80 -23.25 -8.80
N THR B 446 -5.62 -23.20 -8.18
CA THR B 446 -4.65 -22.18 -8.56
C THR B 446 -3.94 -22.50 -9.86
N ASN B 447 -4.02 -23.74 -10.33
CA ASN B 447 -3.35 -24.13 -11.57
C ASN B 447 -4.09 -23.70 -12.82
N MET B 448 -5.31 -23.18 -12.71
CA MET B 448 -6.02 -22.73 -13.89
C MET B 448 -5.27 -21.62 -14.62
N LEU B 449 -4.34 -20.95 -13.94
CA LEU B 449 -3.55 -19.92 -14.59
C LEU B 449 -2.65 -20.48 -15.68
N TYR B 450 -2.46 -21.79 -15.73
CA TYR B 450 -1.72 -22.36 -16.87
C TYR B 450 -2.39 -22.00 -18.18
N TYR B 451 -3.71 -21.81 -18.17
CA TYR B 451 -4.46 -21.51 -19.38
C TYR B 451 -4.55 -20.02 -19.68
N THR B 452 -3.98 -19.17 -18.84
CA THR B 452 -3.95 -17.75 -19.15
C THR B 452 -3.28 -17.49 -20.49
N ARG B 453 -2.30 -18.32 -20.84
CA ARG B 453 -1.70 -18.21 -22.17
C ARG B 453 -2.76 -18.47 -23.23
N GLY B 454 -2.65 -17.75 -24.35
CA GLY B 454 -3.68 -17.73 -25.36
C GLY B 454 -4.51 -16.46 -25.35
N PHE B 455 -4.42 -15.67 -24.28
CA PHE B 455 -5.01 -14.35 -24.21
C PHE B 455 -3.91 -13.38 -23.81
N GLN B 456 -3.63 -12.41 -24.67
CA GLN B 456 -2.52 -11.44 -24.49
C GLN B 456 -2.53 -10.79 -23.11
N GLN B 457 -3.63 -10.26 -22.62
CA GLN B 457 -3.61 -9.50 -21.36
C GLN B 457 -3.34 -10.42 -20.18
N MET B 458 -4.11 -11.49 -20.05
CA MET B 458 -3.94 -12.38 -18.90
C MET B 458 -2.67 -13.22 -19.01
N GLY B 459 -2.24 -13.53 -20.24
CA GLY B 459 -0.99 -14.25 -20.38
C GLY B 459 0.19 -13.45 -19.87
N ILE B 460 0.24 -12.18 -20.27
CA ILE B 460 1.33 -11.26 -19.87
C ILE B 460 1.17 -10.95 -18.38
N TYR B 461 -0.05 -10.97 -17.84
CA TYR B 461 -0.25 -10.79 -16.40
C TYR B 461 0.33 -11.95 -15.63
N ALA B 462 0.07 -13.19 -16.09
CA ALA B 462 0.60 -14.36 -15.40
C ALA B 462 2.12 -14.40 -15.46
N VAL B 463 2.71 -14.07 -16.62
CA VAL B 463 4.17 -14.11 -16.73
C VAL B 463 4.80 -13.09 -15.80
N MET B 464 4.22 -11.88 -15.73
CA MET B 464 4.71 -10.88 -14.78
C MET B 464 4.58 -11.39 -13.36
N ILE B 465 3.45 -12.02 -13.02
CA ILE B 465 3.27 -12.60 -11.70
C ILE B 465 4.42 -13.54 -11.39
N GLU B 466 4.75 -14.41 -12.35
CA GLU B 466 5.75 -15.45 -12.13
C GLU B 466 7.13 -14.84 -11.89
N LYS B 467 7.53 -13.89 -12.75
CA LYS B 467 8.81 -13.21 -12.54
C LYS B 467 8.85 -12.57 -11.16
N MET B 468 7.77 -11.89 -10.77
CA MET B 468 7.73 -11.10 -9.52
C MET B 468 7.77 -12.01 -8.30
N ILE B 469 7.12 -13.16 -8.33
CA ILE B 469 7.24 -14.14 -7.26
C ILE B 469 8.67 -14.65 -7.17
N LEU B 470 9.30 -14.93 -8.31
CA LEU B 470 10.64 -15.50 -8.25
C LEU B 470 11.64 -14.51 -7.65
N ARG B 471 11.52 -13.22 -7.96
CA ARG B 471 12.56 -12.28 -7.53
C ARG B 471 12.18 -11.49 -6.28
N ASP B 472 11.14 -10.67 -6.37
CA ASP B 472 10.92 -9.67 -5.34
C ASP B 472 10.35 -10.31 -4.08
N LEU B 473 9.38 -11.19 -4.25
CA LEU B 473 8.82 -11.87 -3.09
C LEU B 473 9.88 -12.71 -2.39
N CYS B 474 10.76 -13.37 -3.15
CA CYS B 474 11.79 -14.17 -2.51
C CYS B 474 12.71 -13.30 -1.65
N ARG B 475 13.19 -12.19 -2.20
CA ARG B 475 14.06 -11.34 -1.41
C ARG B 475 13.34 -10.83 -0.16
N PHE B 476 12.14 -10.27 -0.34
CA PHE B 476 11.43 -9.70 0.78
C PHE B 476 11.12 -10.75 1.83
N MET B 477 10.75 -11.96 1.40
CA MET B 477 10.42 -12.99 2.36
C MET B 477 11.65 -13.43 3.14
N PHE B 478 12.81 -13.52 2.49
CA PHE B 478 14.02 -13.84 3.24
C PHE B 478 14.21 -12.83 4.37
N VAL B 479 14.22 -11.54 4.03
CA VAL B 479 14.49 -10.54 5.05
C VAL B 479 13.39 -10.53 6.10
N TYR B 480 12.12 -10.61 5.68
CA TYR B 480 11.01 -10.53 6.59
C TYR B 480 10.97 -11.71 7.55
N LEU B 481 11.26 -12.91 7.07
CA LEU B 481 11.30 -14.07 7.96
C LEU B 481 12.43 -13.92 8.97
N VAL B 482 13.61 -13.46 8.53
CA VAL B 482 14.67 -13.24 9.51
C VAL B 482 14.21 -12.28 10.59
N PHE B 483 13.65 -11.13 10.18
CA PHE B 483 13.24 -10.12 11.14
C PHE B 483 12.17 -10.65 12.09
N LEU B 484 11.16 -11.32 11.53
CA LEU B 484 10.05 -11.80 12.33
C LEU B 484 10.53 -12.84 13.34
N PHE B 485 11.34 -13.80 12.89
CA PHE B 485 11.82 -14.80 13.83
C PHE B 485 12.64 -14.16 14.93
N GLY B 486 13.53 -13.22 14.58
CA GLY B 486 14.35 -12.59 15.61
C GLY B 486 13.51 -11.88 16.66
N PHE B 487 12.62 -10.99 16.21
CA PHE B 487 11.85 -10.21 17.18
C PHE B 487 10.84 -11.07 17.94
N SER B 488 10.26 -12.08 17.29
CA SER B 488 9.34 -12.96 17.99
C SER B 488 10.07 -13.76 19.06
N THR B 489 11.28 -14.24 18.76
CA THR B 489 12.06 -14.91 19.78
C THR B 489 12.36 -13.97 20.93
N ALA B 490 12.73 -12.72 20.63
CA ALA B 490 13.02 -11.78 21.71
C ALA B 490 11.81 -11.57 22.61
N VAL B 491 10.65 -11.35 22.00
CA VAL B 491 9.43 -11.11 22.78
C VAL B 491 9.08 -12.33 23.61
N VAL B 492 9.06 -13.51 22.99
CA VAL B 492 8.66 -14.71 23.73
C VAL B 492 9.65 -15.02 24.83
N THR B 493 10.92 -14.65 24.65
CA THR B 493 11.86 -14.74 25.75
C THR B 493 11.47 -13.80 26.88
N LEU B 494 11.10 -12.56 26.53
CA LEU B 494 10.68 -11.61 27.56
C LEU B 494 9.42 -12.07 28.28
N ILE B 495 8.46 -12.62 27.54
CA ILE B 495 7.18 -12.99 28.14
C ILE B 495 7.42 -14.05 29.21
N GLU B 496 6.94 -13.77 30.41
CA GLU B 496 7.16 -14.70 31.53
C GLU B 496 6.60 -16.07 31.20
N ASP B 497 5.28 -16.17 31.09
CA ASP B 497 4.60 -17.42 30.79
C ASP B 497 3.11 -17.12 30.69
N GLY B 498 2.38 -18.09 30.14
CA GLY B 498 0.95 -17.92 29.95
C GLY B 498 0.51 -18.41 28.58
N LYS B 499 -0.47 -17.74 27.98
CA LYS B 499 -0.93 -18.13 26.66
C LYS B 499 0.20 -18.04 25.65
N TYR B 500 0.96 -16.95 25.68
CA TYR B 500 1.98 -16.67 24.67
C TYR B 500 3.38 -17.05 25.13
N ASN B 501 3.50 -18.13 25.90
CA ASN B 501 4.81 -18.66 26.26
C ASN B 501 5.36 -19.61 25.19
N SER B 502 4.63 -19.82 24.10
CA SER B 502 5.08 -20.67 23.01
C SER B 502 5.60 -19.82 21.87
N LEU B 503 6.66 -20.30 21.21
CA LEU B 503 7.26 -19.56 20.11
C LEU B 503 6.28 -19.38 18.96
N TYR B 504 5.51 -20.42 18.66
CA TYR B 504 4.55 -20.34 17.56
C TYR B 504 3.48 -19.29 17.83
N SER B 505 3.00 -19.21 19.07
CA SER B 505 1.98 -18.22 19.40
C SER B 505 2.51 -16.81 19.17
N THR B 506 3.72 -16.52 19.66
CA THR B 506 4.27 -15.18 19.49
C THR B 506 4.57 -14.91 18.02
N CYS B 507 4.99 -15.93 17.27
CA CYS B 507 5.24 -15.74 15.85
C CYS B 507 3.95 -15.35 15.13
N LEU B 508 2.85 -16.02 15.45
CA LEU B 508 1.57 -15.66 14.86
C LEU B 508 1.14 -14.25 15.29
N GLU B 509 1.35 -13.92 16.56
CA GLU B 509 0.97 -12.59 17.04
C GLU B 509 1.72 -11.50 16.30
N LEU B 510 3.02 -11.72 16.07
CA LEU B 510 3.80 -10.73 15.34
C LEU B 510 3.40 -10.69 13.86
N PHE B 511 3.13 -11.85 13.27
CA PHE B 511 2.68 -11.89 11.88
C PHE B 511 1.33 -11.21 11.70
N LYS B 512 0.54 -11.12 12.77
CA LYS B 512 -0.75 -10.44 12.67
C LYS B 512 -0.60 -8.96 12.33
N PHE B 513 0.58 -8.39 12.52
CA PHE B 513 0.80 -6.99 12.19
C PHE B 513 0.85 -6.79 10.68
N THR B 514 1.60 -7.64 9.98
CA THR B 514 1.80 -7.46 8.55
C THR B 514 0.53 -7.64 7.76
N ILE B 515 -0.50 -8.27 8.34
CA ILE B 515 -1.78 -8.43 7.67
C ILE B 515 -2.71 -7.29 8.09
N GLY B 516 -2.17 -6.32 8.79
CA GLY B 516 -2.97 -5.19 9.26
C GLY B 516 -3.97 -5.54 10.34
N MET B 517 -3.59 -6.41 11.28
CA MET B 517 -4.46 -6.74 12.41
C MET B 517 -3.66 -6.88 13.71
N GLY B 518 -2.57 -6.13 13.84
CA GLY B 518 -1.79 -6.18 15.06
C GLY B 518 -2.56 -5.68 16.26
N ASP B 519 -2.13 -6.07 17.45
CA ASP B 519 -2.84 -5.71 18.71
C ASP B 519 -2.01 -4.70 19.54
N LEU B 520 -0.71 -4.91 19.74
CA LEU B 520 0.16 -4.11 20.60
C LEU B 520 -0.15 -4.31 22.07
N GLU B 521 -1.13 -5.11 22.43
CA GLU B 521 -1.50 -5.33 23.85
C GLU B 521 -1.99 -6.76 24.00
N PHE B 522 -1.66 -7.64 23.05
CA PHE B 522 -2.18 -8.99 23.09
C PHE B 522 -1.76 -9.76 24.34
N THR B 523 -0.70 -9.32 25.01
CA THR B 523 -0.25 -9.98 26.22
C THR B 523 0.20 -8.93 27.24
N GLU B 524 0.09 -9.26 28.52
CA GLU B 524 0.54 -8.37 29.61
C GLU B 524 1.06 -9.23 30.76
N ASN B 525 1.34 -10.51 30.50
CA ASN B 525 1.86 -11.45 31.53
C ASN B 525 3.39 -11.38 31.44
N TYR B 526 3.96 -10.22 31.76
CA TYR B 526 5.41 -10.04 31.71
C TYR B 526 5.78 -8.93 32.69
N ASP B 527 7.06 -8.57 32.69
CA ASP B 527 7.56 -7.40 33.38
C ASP B 527 8.13 -6.42 32.36
N PHE B 528 8.43 -5.21 32.83
CA PHE B 528 9.16 -4.23 32.04
C PHE B 528 8.41 -3.87 30.76
N LYS B 529 7.26 -3.23 30.94
CA LYS B 529 6.46 -2.82 29.80
C LYS B 529 7.27 -1.97 28.82
N ALA B 530 8.23 -1.21 29.33
CA ALA B 530 9.02 -0.36 28.45
C ALA B 530 9.70 -1.17 27.35
N VAL B 531 10.40 -2.24 27.73
CA VAL B 531 11.11 -3.04 26.75
C VAL B 531 10.13 -3.74 25.81
N PHE B 532 9.00 -4.21 26.34
CA PHE B 532 8.01 -4.88 25.50
C PHE B 532 7.51 -3.94 24.39
N ILE B 533 7.07 -2.74 24.79
CA ILE B 533 6.54 -1.81 23.81
C ILE B 533 7.64 -1.33 22.88
N ILE B 534 8.87 -1.20 23.37
CA ILE B 534 9.96 -0.78 22.49
C ILE B 534 10.21 -1.85 21.43
N LEU B 535 10.22 -3.12 21.83
CA LEU B 535 10.41 -4.19 20.87
C LEU B 535 9.27 -4.21 19.84
N LEU B 536 8.03 -4.06 20.30
CA LEU B 536 6.91 -4.06 19.38
C LEU B 536 6.99 -2.89 18.40
N LEU B 537 7.34 -1.70 18.90
CA LEU B 537 7.46 -0.54 18.03
C LEU B 537 8.58 -0.73 17.03
N ALA B 538 9.72 -1.27 17.46
CA ALA B 538 10.81 -1.52 16.54
C ALA B 538 10.38 -2.50 15.45
N TYR B 539 9.69 -3.58 15.84
CA TYR B 539 9.25 -4.54 14.85
C TYR B 539 8.30 -3.91 13.86
N VAL B 540 7.33 -3.12 14.34
CA VAL B 540 6.37 -2.49 13.44
C VAL B 540 7.09 -1.56 12.48
N ILE B 541 7.91 -0.65 13.02
CA ILE B 541 8.60 0.32 12.17
C ILE B 541 9.47 -0.39 11.14
N LEU B 542 10.13 -1.47 11.54
CA LEU B 542 11.06 -2.12 10.62
C LEU B 542 10.34 -2.92 9.54
N THR B 543 9.29 -3.67 9.91
CA THR B 543 8.62 -4.52 8.92
C THR B 543 7.49 -3.77 8.23
N TYR B 544 6.45 -3.41 8.99
CA TYR B 544 5.24 -2.90 8.36
C TYR B 544 5.51 -1.59 7.63
N ILE B 545 6.13 -0.62 8.32
CA ILE B 545 6.37 0.68 7.72
C ILE B 545 7.36 0.56 6.58
N LEU B 546 8.46 -0.14 6.80
CA LEU B 546 9.61 -0.04 5.91
C LEU B 546 9.63 -1.12 4.83
N LEU B 547 9.59 -2.39 5.24
CA LEU B 547 9.82 -3.46 4.28
C LEU B 547 8.64 -3.64 3.34
N LEU B 548 7.42 -3.43 3.82
CA LEU B 548 6.26 -3.53 2.94
C LEU B 548 6.28 -2.45 1.86
N ASN B 549 6.58 -1.21 2.25
CA ASN B 549 6.64 -0.14 1.27
C ASN B 549 7.86 -0.29 0.36
N MET B 550 8.95 -0.88 0.87
CA MET B 550 10.04 -1.24 -0.01
C MET B 550 9.59 -2.28 -1.03
N LEU B 551 8.75 -3.22 -0.61
CA LEU B 551 8.20 -4.17 -1.58
C LEU B 551 7.40 -3.45 -2.65
N ILE B 552 6.52 -2.53 -2.22
CA ILE B 552 5.82 -1.66 -3.16
C ILE B 552 6.80 -1.11 -4.19
N ALA B 553 7.83 -0.40 -3.71
CA ALA B 553 8.71 0.35 -4.61
C ALA B 553 9.55 -0.57 -5.49
N LEU B 554 10.12 -1.62 -4.91
CA LEU B 554 10.94 -2.54 -5.67
C LEU B 554 10.14 -3.23 -6.76
N MET B 555 8.93 -3.67 -6.43
CA MET B 555 8.03 -4.29 -7.42
C MET B 555 7.70 -3.21 -8.47
N GLY B 556 7.57 -1.93 -8.11
CA GLY B 556 7.34 -0.89 -9.09
C GLY B 556 8.46 -0.81 -10.11
N GLU B 557 9.70 -0.71 -9.63
CA GLU B 557 10.84 -0.64 -10.54
C GLU B 557 10.91 -1.90 -11.40
N THR B 558 10.74 -3.07 -10.78
CA THR B 558 10.84 -4.32 -11.51
C THR B 558 9.87 -4.33 -12.69
N VAL B 559 8.59 -4.06 -12.42
CA VAL B 559 7.60 -4.10 -13.49
C VAL B 559 7.91 -3.04 -14.52
N ASN B 560 8.37 -1.87 -14.09
CA ASN B 560 8.75 -0.84 -15.04
C ASN B 560 9.96 -1.24 -15.86
N LYS B 561 10.65 -2.32 -15.48
CA LYS B 561 11.88 -2.74 -16.15
C LYS B 561 11.75 -3.96 -17.05
N ILE B 562 10.75 -4.82 -16.85
CA ILE B 562 10.78 -6.15 -17.48
C ILE B 562 9.54 -6.45 -18.32
N ALA B 563 9.01 -5.44 -19.01
CA ALA B 563 7.80 -5.65 -19.81
C ALA B 563 8.07 -6.56 -21.01
N GLN B 564 8.95 -6.11 -21.92
CA GLN B 564 9.19 -6.86 -23.15
C GLN B 564 9.65 -8.28 -22.84
N GLU B 565 10.40 -8.47 -21.75
CA GLU B 565 10.81 -9.81 -21.37
C GLU B 565 9.60 -10.69 -21.12
N SER B 566 8.60 -10.16 -20.41
CA SER B 566 7.38 -10.93 -20.16
C SER B 566 6.65 -11.22 -21.45
N LYS B 567 6.59 -10.24 -22.36
CA LYS B 567 5.91 -10.48 -23.63
C LYS B 567 6.57 -11.62 -24.39
N ASN B 568 7.90 -11.62 -24.46
CA ASN B 568 8.60 -12.67 -25.19
C ASN B 568 8.44 -14.02 -24.50
N ILE B 569 8.49 -14.05 -23.17
CA ILE B 569 8.34 -15.31 -22.47
C ILE B 569 6.94 -15.88 -22.71
N TRP B 570 5.92 -15.02 -22.73
CA TRP B 570 4.58 -15.47 -23.03
C TRP B 570 4.49 -16.03 -24.45
N LYS B 571 5.12 -15.35 -25.42
CA LYS B 571 5.11 -15.86 -26.78
C LYS B 571 5.75 -17.24 -26.85
N LEU B 572 6.86 -17.44 -26.15
CA LEU B 572 7.48 -18.76 -26.13
C LEU B 572 6.58 -19.80 -25.47
N GLN B 573 5.88 -19.40 -24.40
CA GLN B 573 5.00 -20.36 -23.73
C GLN B 573 3.89 -20.81 -24.67
N ARG B 574 3.33 -19.88 -25.45
CA ARG B 574 2.35 -20.27 -26.46
C ARG B 574 2.99 -21.14 -27.53
N ALA B 575 4.25 -20.87 -27.89
CA ALA B 575 4.94 -21.71 -28.85
C ALA B 575 5.06 -23.14 -28.35
N ILE B 576 5.41 -23.31 -27.08
CA ILE B 576 5.53 -24.64 -26.51
C ILE B 576 4.17 -25.32 -26.47
N THR B 577 3.13 -24.58 -26.14
CA THR B 577 1.77 -25.15 -26.18
C THR B 577 1.46 -25.67 -27.57
N ILE B 578 1.73 -24.85 -28.60
CA ILE B 578 1.39 -25.24 -29.96
C ILE B 578 2.17 -26.48 -30.37
N LEU B 579 3.47 -26.51 -30.08
CA LEU B 579 4.28 -27.66 -30.45
C LEU B 579 3.82 -28.93 -29.75
N ASP B 580 3.50 -28.83 -28.45
CA ASP B 580 3.03 -29.99 -27.72
C ASP B 580 1.72 -30.51 -28.31
N THR B 581 0.80 -29.61 -28.65
CA THR B 581 -0.45 -30.06 -29.25
C THR B 581 -0.21 -30.71 -30.60
N GLU B 582 0.68 -30.12 -31.42
CA GLU B 582 0.93 -30.67 -32.75
C GLU B 582 1.52 -32.06 -32.64
N LYS B 583 2.47 -32.27 -31.72
CA LYS B 583 3.00 -33.60 -31.49
C LYS B 583 1.99 -34.52 -30.85
N SER B 584 0.95 -33.98 -30.23
CA SER B 584 -0.13 -34.78 -29.67
C SER B 584 -1.25 -35.03 -30.68
N PHE B 585 -1.15 -34.50 -31.89
CA PHE B 585 -2.11 -34.75 -32.95
C PHE B 585 -3.55 -34.53 -32.46
N SER C 281 24.49 46.45 -6.67
CA SER C 281 24.10 47.84 -6.92
C SER C 281 22.65 47.92 -7.36
N CYS C 282 21.78 48.36 -6.45
CA CYS C 282 20.34 48.42 -6.66
C CYS C 282 19.74 47.03 -6.85
N ILE C 283 20.48 45.99 -6.46
CA ILE C 283 19.97 44.63 -6.43
C ILE C 283 19.85 44.11 -5.01
N ASP C 284 20.76 44.53 -4.12
CA ASP C 284 20.78 44.06 -2.71
C ASP C 284 19.96 45.02 -1.86
N THR C 285 20.27 46.32 -1.92
CA THR C 285 19.55 47.31 -1.13
C THR C 285 19.56 48.62 -1.92
N CYS C 286 18.52 48.82 -2.72
CA CYS C 286 18.32 50.10 -3.41
C CYS C 286 17.65 51.13 -2.53
N GLU C 287 16.90 50.69 -1.50
CA GLU C 287 16.19 51.56 -0.58
C GLU C 287 14.95 52.16 -1.23
N LYS C 288 14.80 51.97 -2.55
CA LYS C 288 13.59 52.34 -3.25
C LYS C 288 12.92 51.14 -3.90
N ASN C 289 13.66 50.39 -4.73
CA ASN C 289 13.17 49.17 -5.34
C ASN C 289 14.36 48.31 -5.77
N SER C 290 14.34 47.03 -5.44
CA SER C 290 15.41 46.12 -5.79
C SER C 290 14.81 44.90 -6.48
N VAL C 291 15.64 44.22 -7.27
CA VAL C 291 15.18 43.06 -8.02
C VAL C 291 14.79 41.93 -7.07
N LEU C 292 15.54 41.76 -5.98
CA LEU C 292 15.19 40.72 -5.02
C LEU C 292 13.84 40.98 -4.38
N GLU C 293 13.57 42.24 -4.05
CA GLU C 293 12.30 42.57 -3.40
C GLU C 293 11.12 42.31 -4.33
N VAL C 294 11.23 42.74 -5.59
CA VAL C 294 10.12 42.59 -6.52
C VAL C 294 9.92 41.13 -6.90
N ILE C 295 11.02 40.40 -7.10
CA ILE C 295 10.91 39.00 -7.50
C ILE C 295 10.35 38.17 -6.35
N ALA C 296 10.73 38.49 -5.12
CA ALA C 296 10.26 37.71 -3.99
C ALA C 296 8.73 37.76 -3.89
N TYR C 297 8.16 38.96 -3.95
CA TYR C 297 6.76 39.16 -3.61
C TYR C 297 5.85 39.28 -4.82
N SER C 298 6.34 39.01 -6.02
CA SER C 298 5.47 39.03 -7.19
C SER C 298 4.44 37.92 -7.07
N SER C 299 3.19 38.24 -7.37
CA SER C 299 2.09 37.33 -7.11
C SER C 299 2.29 36.00 -7.85
N SER C 300 1.48 35.01 -7.49
CA SER C 300 1.55 33.66 -8.11
C SER C 300 1.26 33.78 -9.61
N GLU C 301 0.47 34.78 -10.03
CA GLU C 301 0.10 34.88 -11.44
C GLU C 301 1.32 35.03 -12.34
N THR C 302 2.43 35.53 -11.84
CA THR C 302 3.63 35.65 -12.64
C THR C 302 4.07 34.25 -13.09
N PRO C 303 4.55 34.10 -14.32
CA PRO C 303 4.83 32.73 -14.81
C PRO C 303 6.07 32.10 -14.20
N ASN C 304 7.13 32.88 -13.99
CA ASN C 304 8.45 32.31 -13.71
C ASN C 304 9.02 32.80 -12.38
N ARG C 305 8.21 32.75 -11.33
CA ARG C 305 8.63 33.25 -9.99
C ARG C 305 10.00 32.68 -9.60
N HIS C 306 10.16 31.36 -9.50
CA HIS C 306 11.36 30.75 -8.96
C HIS C 306 12.44 30.51 -10.00
N ASP C 307 12.11 30.52 -11.29
CA ASP C 307 13.11 30.23 -12.31
C ASP C 307 14.22 31.27 -12.30
N MET C 308 13.84 32.55 -12.28
CA MET C 308 14.83 33.61 -12.39
C MET C 308 15.67 33.77 -11.12
N LEU C 309 15.22 33.21 -9.99
CA LEU C 309 16.08 33.20 -8.80
C LEU C 309 17.37 32.44 -9.03
N LEU C 310 17.42 31.57 -10.04
CA LEU C 310 18.61 30.77 -10.32
C LEU C 310 19.73 31.59 -10.94
N VAL C 311 19.49 32.86 -11.25
CA VAL C 311 20.57 33.73 -11.70
C VAL C 311 21.72 33.63 -10.73
N GLU C 312 22.94 33.56 -11.28
CA GLU C 312 24.17 33.38 -10.46
C GLU C 312 24.19 34.45 -9.37
N PRO C 313 24.32 35.77 -9.65
CA PRO C 313 24.45 36.76 -8.57
C PRO C 313 23.35 36.67 -7.54
N LEU C 314 22.10 36.43 -7.97
CA LEU C 314 21.01 36.34 -7.01
C LEU C 314 21.22 35.17 -6.06
N ASN C 315 21.56 34.00 -6.61
CA ASN C 315 21.79 32.83 -5.76
C ASN C 315 22.93 33.08 -4.78
N ARG C 316 24.06 33.59 -5.30
CA ARG C 316 25.22 33.78 -4.43
C ARG C 316 24.94 34.81 -3.34
N LEU C 317 24.25 35.90 -3.67
CA LEU C 317 23.98 36.91 -2.65
C LEU C 317 22.97 36.40 -1.64
N LEU C 318 21.94 35.68 -2.08
CA LEU C 318 20.99 35.11 -1.14
C LEU C 318 21.71 34.18 -0.17
N GLN C 319 22.58 33.31 -0.69
CA GLN C 319 23.31 32.39 0.18
C GLN C 319 24.21 33.16 1.13
N ASP C 320 24.90 34.19 0.63
CA ASP C 320 25.81 34.95 1.48
C ASP C 320 25.06 35.56 2.65
N LYS C 321 23.95 36.26 2.37
CA LYS C 321 23.19 36.89 3.44
C LYS C 321 22.63 35.85 4.41
N TRP C 322 22.11 34.74 3.87
CA TRP C 322 21.57 33.71 4.75
C TRP C 322 22.64 33.24 5.72
N ASP C 323 23.75 32.71 5.20
CA ASP C 323 24.82 32.21 6.04
C ASP C 323 25.48 33.31 6.86
N ARG C 324 25.22 34.59 6.55
CA ARG C 324 25.79 35.66 7.36
C ARG C 324 24.99 35.88 8.64
N PHE C 325 23.67 36.10 8.53
CA PHE C 325 22.88 36.27 9.75
C PHE C 325 21.53 35.53 9.78
N VAL C 326 20.96 35.17 8.64
CA VAL C 326 19.59 34.68 8.67
C VAL C 326 19.54 33.29 9.28
N LYS C 327 20.58 32.48 9.09
CA LYS C 327 20.57 31.15 9.70
C LYS C 327 20.48 31.26 11.22
N ARG C 328 21.31 32.12 11.81
CA ARG C 328 21.27 32.28 13.26
C ARG C 328 19.92 32.83 13.72
N ILE C 329 19.41 33.85 13.02
CA ILE C 329 18.13 34.42 13.40
C ILE C 329 17.03 33.37 13.34
N PHE C 330 17.01 32.59 12.26
CA PHE C 330 15.97 31.59 12.06
C PHE C 330 16.06 30.48 13.10
N TYR C 331 17.27 30.05 13.44
CA TYR C 331 17.43 29.07 14.50
C TYR C 331 16.86 29.60 15.81
N PHE C 332 17.17 30.85 16.15
CA PHE C 332 16.64 31.43 17.37
C PHE C 332 15.12 31.48 17.33
N ASN C 333 14.54 31.87 16.20
CA ASN C 333 13.09 31.95 16.09
C ASN C 333 12.44 30.59 16.24
N PHE C 334 13.02 29.57 15.60
CA PHE C 334 12.47 28.22 15.71
C PHE C 334 12.54 27.73 17.14
N PHE C 335 13.65 27.98 17.83
CA PHE C 335 13.75 27.57 19.23
C PHE C 335 12.71 28.28 20.08
N VAL C 336 12.56 29.59 19.90
CA VAL C 336 11.59 30.33 20.68
C VAL C 336 10.18 29.79 20.44
N TYR C 337 9.83 29.54 19.18
CA TYR C 337 8.48 29.06 18.89
C TYR C 337 8.27 27.67 19.47
N CYS C 338 9.26 26.79 19.40
CA CYS C 338 9.10 25.46 19.96
C CYS C 338 8.91 25.53 21.47
N LEU C 339 9.68 26.38 22.14
CA LEU C 339 9.50 26.56 23.58
C LEU C 339 8.12 27.12 23.89
N TYR C 340 7.65 28.06 23.08
CA TYR C 340 6.31 28.61 23.29
C TYR C 340 5.25 27.54 23.14
N MET C 341 5.40 26.67 22.13
CA MET C 341 4.42 25.61 21.94
C MET C 341 4.44 24.63 23.09
N ILE C 342 5.64 24.34 23.63
CA ILE C 342 5.70 23.49 24.81
C ILE C 342 4.97 24.14 25.98
N ILE C 343 5.18 25.44 26.18
CA ILE C 343 4.51 26.13 27.28
C ILE C 343 3.00 26.08 27.10
N PHE C 344 2.53 26.37 25.90
CA PHE C 344 1.09 26.37 25.65
C PHE C 344 0.51 24.98 25.83
N THR C 345 1.23 23.95 25.36
CA THR C 345 0.75 22.59 25.55
C THR C 345 0.63 22.25 27.02
N ALA C 346 1.65 22.61 27.81
CA ALA C 346 1.58 22.33 29.23
C ALA C 346 0.40 23.05 29.88
N ALA C 347 0.20 24.32 29.53
CA ALA C 347 -0.88 25.09 30.15
C ALA C 347 -2.25 24.51 29.81
N ALA C 348 -2.46 24.18 28.54
CA ALA C 348 -3.76 23.66 28.14
C ALA C 348 -3.98 22.25 28.66
N TYR C 349 -2.92 21.46 28.76
CA TYR C 349 -3.05 20.06 29.17
C TYR C 349 -3.57 19.95 30.59
N TYR C 350 -3.11 20.82 31.49
CA TYR C 350 -3.45 20.75 32.90
C TYR C 350 -4.63 21.65 33.28
N ARG C 351 -5.57 21.84 32.34
CA ARG C 351 -6.76 22.69 32.57
C ARG C 351 -7.53 22.12 33.76
N PRO C 352 -7.87 22.89 34.81
CA PRO C 352 -8.70 22.34 35.90
C PRO C 352 -10.13 22.06 35.45
N PRO C 357 -16.15 27.69 33.78
CA PRO C 357 -15.13 28.75 33.80
C PRO C 357 -15.75 30.13 34.02
N PRO C 358 -14.93 31.14 34.35
CA PRO C 358 -13.47 31.09 34.50
C PRO C 358 -13.00 30.36 35.76
N TYR C 359 -11.70 30.45 36.03
CA TYR C 359 -11.13 29.83 37.21
C TYR C 359 -10.12 30.77 37.88
N ASN C 363 -3.19 29.38 45.19
CA ASN C 363 -1.97 29.77 45.88
C ASN C 363 -0.98 28.60 45.93
N THR C 364 -0.72 28.01 44.77
CA THR C 364 0.18 26.87 44.66
C THR C 364 1.16 27.12 43.51
N VAL C 365 2.34 26.51 43.62
CA VAL C 365 3.34 26.67 42.57
C VAL C 365 2.81 26.13 41.25
N GLY C 366 2.13 24.98 41.29
CA GLY C 366 1.52 24.47 40.08
C GLY C 366 0.49 25.41 39.51
N ASP C 367 -0.28 26.03 40.40
CA ASP C 367 -1.34 27.00 40.00
C ASP C 367 -0.69 28.23 39.38
N TYR C 368 0.45 28.69 39.90
CA TYR C 368 1.16 29.83 39.33
C TYR C 368 1.74 29.48 37.96
N PHE C 369 2.31 28.29 37.83
CA PHE C 369 2.83 27.86 36.55
C PHE C 369 1.73 27.78 35.50
N ARG C 370 0.58 27.21 35.86
CA ARG C 370 -0.52 27.09 34.91
C ARG C 370 -1.01 28.46 34.46
N VAL C 371 -1.21 29.38 35.40
CA VAL C 371 -1.76 30.68 35.05
C VAL C 371 -0.77 31.47 34.20
N THR C 372 0.52 31.42 34.54
CA THR C 372 1.50 32.14 33.73
C THR C 372 1.59 31.52 32.34
N GLY C 373 1.48 30.20 32.23
CA GLY C 373 1.46 29.59 30.92
C GLY C 373 0.28 30.05 30.09
N GLU C 374 -0.90 30.13 30.70
CA GLU C 374 -2.07 30.63 29.97
C GLU C 374 -1.84 32.06 29.49
N ILE C 375 -1.31 32.90 30.38
CA ILE C 375 -1.09 34.30 30.01
C ILE C 375 -0.11 34.39 28.84
N LEU C 376 0.98 33.62 28.90
CA LEU C 376 1.96 33.65 27.83
C LEU C 376 1.37 33.18 26.52
N SER C 377 0.58 32.11 26.56
CA SER C 377 -0.03 31.61 25.33
C SER C 377 -0.96 32.64 24.71
N VAL C 378 -1.75 33.31 25.54
CA VAL C 378 -2.65 34.34 25.03
C VAL C 378 -1.84 35.47 24.39
N SER C 379 -0.76 35.88 25.04
CA SER C 379 0.08 36.94 24.48
C SER C 379 0.66 36.53 23.14
N GLY C 380 1.14 35.29 23.04
CA GLY C 380 1.68 34.83 21.78
C GLY C 380 0.65 34.81 20.67
N GLY C 381 -0.57 34.35 20.99
CA GLY C 381 -1.63 34.40 20.00
C GLY C 381 -1.93 35.81 19.54
N VAL C 382 -1.93 36.76 20.49
CA VAL C 382 -2.16 38.16 20.13
C VAL C 382 -1.06 38.65 19.19
N TYR C 383 0.19 38.31 19.49
CA TYR C 383 1.29 38.74 18.63
C TYR C 383 1.13 38.16 17.22
N PHE C 384 0.73 36.88 17.14
CA PHE C 384 0.54 36.29 15.81
C PHE C 384 -0.60 36.97 15.07
N PHE C 385 -1.68 37.31 15.78
CA PHE C 385 -2.73 38.12 15.17
C PHE C 385 -2.15 39.39 14.57
N PHE C 386 -1.29 40.07 15.35
CA PHE C 386 -0.70 41.32 14.87
C PHE C 386 0.09 41.08 13.59
N ARG C 387 0.95 40.07 13.59
CA ARG C 387 1.81 39.85 12.42
C ARG C 387 0.97 39.48 11.20
N GLY C 388 -0.07 38.66 11.40
CA GLY C 388 -0.93 38.32 10.28
C GLY C 388 -1.63 39.54 9.69
N ILE C 389 -2.18 40.38 10.56
CA ILE C 389 -2.83 41.61 10.08
C ILE C 389 -1.82 42.47 9.33
N GLN C 390 -0.61 42.62 9.87
CA GLN C 390 0.40 43.43 9.24
C GLN C 390 0.70 42.93 7.83
N TYR C 391 0.94 41.62 7.69
CA TYR C 391 1.25 41.07 6.38
C TYR C 391 0.08 41.28 5.42
N PHE C 392 -1.15 41.00 5.88
CA PHE C 392 -2.31 41.18 5.02
C PHE C 392 -2.36 42.60 4.48
N LEU C 393 -2.22 43.58 5.37
CA LEU C 393 -2.27 44.98 4.94
C LEU C 393 -1.13 45.29 3.97
N GLN C 394 0.07 44.80 4.25
CA GLN C 394 1.22 45.17 3.44
C GLN C 394 1.11 44.62 2.03
N ARG C 395 0.86 43.31 1.89
CA ARG C 395 0.83 42.71 0.56
C ARG C 395 -0.53 42.79 -0.11
N ARG C 396 -1.59 43.14 0.62
CA ARG C 396 -2.93 43.34 0.09
C ARG C 396 -3.24 42.34 -1.03
N PRO C 397 -3.23 41.04 -0.76
CA PRO C 397 -3.38 40.07 -1.85
C PRO C 397 -4.73 40.21 -2.55
N SER C 398 -4.80 39.65 -3.75
CA SER C 398 -5.94 39.86 -4.64
C SER C 398 -7.14 38.98 -4.31
N LEU C 399 -7.16 38.37 -3.13
CA LEU C 399 -8.30 37.59 -2.65
C LEU C 399 -8.65 36.42 -3.55
N LYS C 400 -7.82 36.12 -4.53
CA LYS C 400 -7.97 34.96 -5.39
C LYS C 400 -6.71 34.11 -5.44
N SER C 401 -5.55 34.74 -5.32
CA SER C 401 -4.31 34.05 -4.98
C SER C 401 -3.92 34.26 -3.53
N LEU C 402 -4.73 35.02 -2.76
CA LEU C 402 -4.49 35.15 -1.33
C LEU C 402 -4.45 33.79 -0.67
N PHE C 403 -5.19 32.82 -1.21
CA PHE C 403 -5.19 31.46 -0.69
C PHE C 403 -4.17 30.58 -1.39
N VAL C 404 -3.91 30.81 -2.68
CA VAL C 404 -2.87 30.05 -3.39
C VAL C 404 -1.51 30.37 -2.79
N ASP C 405 -1.23 31.65 -2.54
CA ASP C 405 -0.02 32.07 -1.87
C ASP C 405 -0.32 32.35 -0.41
N SER C 406 0.73 32.60 0.37
CA SER C 406 0.60 32.91 1.79
C SER C 406 -0.13 31.81 2.54
N TYR C 407 0.12 30.55 2.16
CA TYR C 407 -0.53 29.44 2.84
C TYR C 407 -0.13 29.40 4.32
N SER C 408 1.17 29.57 4.60
CA SER C 408 1.63 29.57 5.98
C SER C 408 1.08 30.76 6.74
N GLU C 409 1.01 31.93 6.09
CA GLU C 409 0.47 33.11 6.75
C GLU C 409 -0.99 32.89 7.12
N ILE C 410 -1.77 32.30 6.20
CA ILE C 410 -3.17 32.02 6.51
C ILE C 410 -3.28 31.02 7.66
N LEU C 411 -2.42 30.01 7.66
CA LEU C 411 -2.46 29.04 8.76
C LEU C 411 -2.19 29.70 10.10
N PHE C 412 -1.16 30.56 10.15
CA PHE C 412 -0.84 31.24 11.39
C PHE C 412 -1.97 32.16 11.82
N PHE C 413 -2.55 32.90 10.87
CA PHE C 413 -3.66 33.77 11.21
C PHE C 413 -4.85 32.99 11.75
N VAL C 414 -5.18 31.86 11.13
CA VAL C 414 -6.31 31.07 11.59
C VAL C 414 -6.05 30.50 12.97
N GLN C 415 -4.83 30.03 13.23
CA GLN C 415 -4.46 29.66 14.59
C GLN C 415 -4.76 30.80 15.55
N SER C 416 -4.35 32.01 15.19
CA SER C 416 -4.53 33.14 16.08
C SER C 416 -6.01 33.41 16.34
N LEU C 417 -6.81 33.27 15.29
CA LEU C 417 -8.27 33.51 15.38
C LEU C 417 -8.87 32.45 16.30
N PHE C 418 -8.41 31.21 16.27
CA PHE C 418 -8.88 30.16 17.17
C PHE C 418 -8.53 30.48 18.60
N MET C 419 -7.29 30.92 18.84
CA MET C 419 -6.86 31.25 20.20
C MET C 419 -7.68 32.41 20.76
N LEU C 420 -7.90 33.46 19.96
CA LEU C 420 -8.66 34.61 20.45
C LEU C 420 -10.10 34.23 20.75
N VAL C 421 -10.74 33.44 19.88
CA VAL C 421 -12.10 33.01 20.14
C VAL C 421 -12.15 32.15 21.40
N SER C 422 -11.08 31.40 21.66
CA SER C 422 -10.98 30.54 22.86
C SER C 422 -10.94 31.45 24.08
N VAL C 423 -10.25 32.58 23.99
CA VAL C 423 -10.22 33.55 25.08
C VAL C 423 -11.60 34.15 25.32
N VAL C 424 -12.26 34.55 24.23
CA VAL C 424 -13.57 35.19 24.37
C VAL C 424 -14.55 34.23 25.04
N LEU C 425 -14.56 32.97 24.60
CA LEU C 425 -15.47 31.99 25.19
C LEU C 425 -15.12 31.73 26.65
N TYR C 426 -13.83 31.67 26.99
CA TYR C 426 -13.44 31.39 28.36
C TYR C 426 -13.87 32.51 29.28
N PHE C 427 -13.73 33.77 28.86
CA PHE C 427 -14.09 34.90 29.69
C PHE C 427 -15.56 35.27 29.60
N SER C 428 -16.37 34.49 28.88
CA SER C 428 -17.81 34.69 28.85
C SER C 428 -18.56 33.64 29.67
N GLN C 429 -17.84 32.80 30.42
CA GLN C 429 -18.45 31.74 31.22
C GLN C 429 -19.08 30.66 30.33
N ARG C 430 -18.30 30.17 29.37
CA ARG C 430 -18.76 29.14 28.45
C ARG C 430 -17.71 28.04 28.36
N LYS C 431 -18.05 26.97 27.65
CA LYS C 431 -17.22 25.77 27.58
C LYS C 431 -16.57 25.55 26.22
N GLU C 432 -17.13 26.17 25.18
CA GLU C 432 -16.60 26.03 23.80
C GLU C 432 -15.19 26.59 23.73
N TYR C 433 -14.68 27.21 24.80
CA TYR C 433 -13.29 27.64 24.86
C TYR C 433 -12.35 26.45 24.72
N VAL C 434 -12.75 25.27 25.22
CA VAL C 434 -11.89 24.10 25.11
C VAL C 434 -11.79 23.65 23.66
N ALA C 435 -12.91 23.67 22.93
CA ALA C 435 -12.86 23.31 21.51
C ALA C 435 -11.96 24.27 20.74
N SER C 436 -12.08 25.57 21.02
CA SER C 436 -11.30 26.61 20.30
C SER C 436 -9.83 26.52 20.71
N MET C 437 -9.53 26.08 21.94
CA MET C 437 -8.16 25.89 22.38
C MET C 437 -7.54 24.64 21.76
N VAL C 438 -8.28 23.55 21.69
CA VAL C 438 -7.72 22.33 21.13
C VAL C 438 -7.45 22.52 19.65
N PHE C 439 -8.37 23.19 18.93
CA PHE C 439 -8.10 23.44 17.52
C PHE C 439 -6.85 24.30 17.34
N SER C 440 -6.72 25.37 18.15
CA SER C 440 -5.55 26.23 18.03
C SER C 440 -4.27 25.45 18.34
N LEU C 441 -4.31 24.62 19.39
CA LEU C 441 -3.13 23.84 19.75
C LEU C 441 -2.75 22.85 18.65
N ALA C 442 -3.74 22.17 18.07
CA ALA C 442 -3.46 21.22 17.02
C ALA C 442 -2.83 21.90 15.82
N MET C 443 -3.41 23.02 15.39
CA MET C 443 -2.82 23.74 14.26
C MET C 443 -1.43 24.26 14.61
N GLY C 444 -1.24 24.74 15.84
CA GLY C 444 0.07 25.24 16.22
C GLY C 444 1.13 24.17 16.17
N TRP C 445 0.83 22.98 16.70
CA TRP C 445 1.80 21.90 16.67
C TRP C 445 2.05 21.42 15.25
N THR C 446 1.00 21.32 14.44
CA THR C 446 1.20 20.88 13.06
C THR C 446 1.81 21.97 12.18
N ASN C 447 1.92 23.19 12.68
CA ASN C 447 2.55 24.28 11.93
C ASN C 447 4.07 24.32 12.12
N MET C 448 4.64 23.40 12.88
CA MET C 448 6.10 23.34 13.00
C MET C 448 6.75 23.14 11.64
N LEU C 449 6.03 22.58 10.68
CA LEU C 449 6.60 22.30 9.37
C LEU C 449 6.96 23.57 8.61
N TYR C 450 6.51 24.74 9.05
CA TYR C 450 6.92 25.97 8.40
C TYR C 450 8.41 26.24 8.61
N TYR C 451 8.99 25.68 9.68
CA TYR C 451 10.37 25.96 10.04
C TYR C 451 11.35 25.01 9.38
N THR C 452 10.90 24.09 8.54
CA THR C 452 11.84 23.24 7.82
C THR C 452 12.76 24.07 6.94
N ARG C 453 12.18 25.05 6.23
CA ARG C 453 12.98 26.00 5.43
C ARG C 453 14.16 26.35 6.31
N GLY C 454 15.39 26.27 5.81
CA GLY C 454 16.56 26.37 6.65
C GLY C 454 17.24 25.03 6.86
N PHE C 455 16.50 23.94 6.67
CA PHE C 455 17.07 22.60 6.48
C PHE C 455 16.61 22.13 5.12
N GLN C 456 17.57 21.77 4.26
CA GLN C 456 17.27 21.56 2.85
C GLN C 456 16.30 20.42 2.62
N GLN C 457 16.69 19.19 2.97
CA GLN C 457 15.87 18.04 2.64
C GLN C 457 14.52 18.10 3.33
N MET C 458 14.53 18.56 4.57
CA MET C 458 13.27 18.75 5.31
C MET C 458 12.42 19.79 4.56
N GLY C 459 13.03 20.84 4.00
CA GLY C 459 12.29 21.84 3.24
C GLY C 459 11.67 21.27 1.98
N ILE C 460 12.41 20.44 1.25
CA ILE C 460 11.88 19.86 0.02
C ILE C 460 10.73 18.91 0.33
N TYR C 461 10.88 18.10 1.40
CA TYR C 461 9.79 17.21 1.79
C TYR C 461 8.53 17.99 2.15
N ALA C 462 8.71 19.09 2.90
CA ALA C 462 7.57 19.92 3.26
C ALA C 462 6.93 20.54 2.03
N VAL C 463 7.74 20.90 1.03
CA VAL C 463 7.21 21.55 -0.21
C VAL C 463 6.36 20.51 -0.94
N MET C 464 6.75 19.24 -0.88
CA MET C 464 6.03 18.15 -1.58
C MET C 464 4.65 17.95 -0.95
N ILE C 465 4.57 17.95 0.38
CA ILE C 465 3.27 17.80 1.10
C ILE C 465 2.37 18.98 0.70
N GLU C 466 2.90 20.20 0.68
CA GLU C 466 2.14 21.42 0.32
C GLU C 466 1.47 21.23 -1.03
N LYS C 467 2.17 20.62 -1.98
CA LYS C 467 1.66 20.45 -3.36
C LYS C 467 0.37 19.63 -3.31
N MET C 468 0.40 18.48 -2.66
CA MET C 468 -0.79 17.58 -2.64
C MET C 468 -1.99 18.32 -2.04
N ILE C 469 -1.82 19.03 -0.93
CA ILE C 469 -2.94 19.73 -0.22
C ILE C 469 -3.51 20.87 -1.06
N LEU C 470 -2.69 21.62 -1.80
CA LEU C 470 -3.16 22.82 -2.54
C LEU C 470 -3.41 22.51 -4.02
N ARG C 471 -3.35 21.25 -4.42
CA ARG C 471 -3.59 20.85 -5.82
C ARG C 471 -4.43 19.58 -5.93
N ASP C 472 -3.91 18.42 -5.52
CA ASP C 472 -4.60 17.11 -5.70
C ASP C 472 -5.11 16.62 -4.33
N LEU C 473 -5.89 17.45 -3.62
CA LEU C 473 -6.50 17.06 -2.33
C LEU C 473 -7.98 17.37 -2.46
N CYS C 474 -8.35 18.64 -2.68
CA CYS C 474 -9.74 18.99 -2.96
C CYS C 474 -10.32 18.14 -4.07
N ARG C 475 -9.59 18.04 -5.20
CA ARG C 475 -10.12 17.35 -6.36
C ARG C 475 -10.22 15.85 -6.10
N PHE C 476 -9.18 15.25 -5.53
CA PHE C 476 -9.19 13.82 -5.23
C PHE C 476 -10.06 13.47 -4.03
N MET C 477 -10.55 14.46 -3.30
CA MET C 477 -11.42 14.21 -2.17
C MET C 477 -12.89 14.41 -2.49
N PHE C 478 -13.21 15.28 -3.45
CA PHE C 478 -14.60 15.43 -3.84
C PHE C 478 -15.17 14.13 -4.38
N VAL C 479 -14.39 13.44 -5.22
CA VAL C 479 -14.86 12.19 -5.82
C VAL C 479 -15.11 11.14 -4.74
N TYR C 480 -14.15 10.97 -3.83
CA TYR C 480 -14.33 9.99 -2.76
C TYR C 480 -15.51 10.35 -1.88
N LEU C 481 -15.68 11.64 -1.56
CA LEU C 481 -16.79 12.06 -0.73
C LEU C 481 -18.12 11.75 -1.39
N VAL C 482 -18.23 12.00 -2.70
CA VAL C 482 -19.50 11.72 -3.37
C VAL C 482 -19.78 10.23 -3.39
N PHE C 483 -18.75 9.41 -3.66
CA PHE C 483 -18.94 7.96 -3.58
C PHE C 483 -19.43 7.55 -2.20
N LEU C 484 -18.75 8.01 -1.16
CA LEU C 484 -19.10 7.62 0.20
C LEU C 484 -20.50 8.07 0.57
N PHE C 485 -20.85 9.32 0.25
CA PHE C 485 -22.17 9.81 0.57
C PHE C 485 -23.24 9.01 -0.15
N GLY C 486 -23.04 8.74 -1.44
CA GLY C 486 -24.04 8.00 -2.19
C GLY C 486 -24.26 6.61 -1.63
N PHE C 487 -23.17 5.89 -1.37
CA PHE C 487 -23.32 4.53 -0.86
C PHE C 487 -23.87 4.51 0.56
N SER C 488 -23.52 5.50 1.38
CA SER C 488 -24.10 5.61 2.71
C SER C 488 -25.60 5.84 2.63
N THR C 489 -26.03 6.72 1.73
CA THR C 489 -27.45 6.96 1.55
C THR C 489 -28.16 5.69 1.09
N ALA C 490 -27.55 4.95 0.16
CA ALA C 490 -28.15 3.71 -0.31
C ALA C 490 -28.31 2.73 0.84
N VAL C 491 -27.26 2.55 1.65
CA VAL C 491 -27.32 1.58 2.73
C VAL C 491 -28.37 1.99 3.77
N VAL C 492 -28.33 3.25 4.20
CA VAL C 492 -29.25 3.70 5.23
C VAL C 492 -30.69 3.57 4.75
N THR C 493 -30.93 3.83 3.46
CA THR C 493 -32.26 3.57 2.91
C THR C 493 -32.60 2.09 3.01
N LEU C 494 -31.64 1.23 2.66
CA LEU C 494 -31.91 -0.21 2.66
C LEU C 494 -32.26 -0.70 4.06
N ILE C 495 -31.54 -0.22 5.08
CA ILE C 495 -31.81 -0.66 6.43
C ILE C 495 -33.26 -0.38 6.79
N GLU C 496 -33.77 -1.14 7.75
CA GLU C 496 -35.10 -0.89 8.31
C GLU C 496 -35.02 0.01 9.52
N ASP C 497 -34.40 -0.47 10.59
CA ASP C 497 -34.21 0.37 11.78
C ASP C 497 -33.11 -0.25 12.61
N GLY C 498 -32.45 0.53 13.44
CA GLY C 498 -31.43 0.03 14.34
C GLY C 498 -30.58 1.17 14.86
N LYS C 499 -29.44 0.81 15.42
CA LYS C 499 -28.50 1.81 15.90
C LYS C 499 -27.76 2.48 14.74
N TYR C 500 -27.88 1.94 13.54
CA TYR C 500 -27.34 2.55 12.32
C TYR C 500 -28.45 3.12 11.45
N ASN C 501 -29.48 3.68 12.07
CA ASN C 501 -30.55 4.29 11.28
C ASN C 501 -30.14 5.65 10.75
N SER C 502 -29.33 6.39 11.50
CA SER C 502 -28.95 7.73 11.09
C SER C 502 -27.99 7.67 9.91
N LEU C 503 -27.94 8.77 9.15
CA LEU C 503 -26.97 8.89 8.10
C LEU C 503 -25.55 8.97 8.66
N TYR C 504 -25.39 9.58 9.83
CA TYR C 504 -24.05 9.74 10.41
C TYR C 504 -23.42 8.39 10.72
N SER C 505 -24.16 7.50 11.39
CA SER C 505 -23.59 6.22 11.77
C SER C 505 -23.26 5.37 10.55
N THR C 506 -24.17 5.30 9.58
CA THR C 506 -23.91 4.50 8.40
C THR C 506 -22.76 5.08 7.58
N CYS C 507 -22.68 6.40 7.47
CA CYS C 507 -21.56 7.02 6.77
C CYS C 507 -20.24 6.68 7.46
N LEU C 508 -20.23 6.74 8.80
CA LEU C 508 -19.03 6.40 9.54
C LEU C 508 -18.66 4.94 9.33
N GLU C 509 -19.66 4.06 9.31
CA GLU C 509 -19.37 2.64 9.09
C GLU C 509 -18.79 2.40 7.71
N LEU C 510 -19.33 3.05 6.68
CA LEU C 510 -18.77 2.91 5.35
C LEU C 510 -17.37 3.52 5.28
N PHE C 511 -17.10 4.54 6.10
CA PHE C 511 -15.76 5.09 6.15
C PHE C 511 -14.78 4.13 6.83
N LYS C 512 -15.26 3.34 7.80
CA LYS C 512 -14.39 2.43 8.53
C LYS C 512 -13.48 1.63 7.60
N PHE C 513 -13.98 1.28 6.41
CA PHE C 513 -13.18 0.49 5.48
C PHE C 513 -11.94 1.25 5.05
N THR C 514 -12.06 2.56 4.83
CA THR C 514 -10.92 3.33 4.37
C THR C 514 -9.78 3.35 5.38
N ILE C 515 -10.07 3.09 6.65
CA ILE C 515 -9.04 3.06 7.68
C ILE C 515 -8.70 1.61 8.07
N GLY C 516 -8.94 0.66 7.17
CA GLY C 516 -8.62 -0.73 7.45
C GLY C 516 -9.40 -1.32 8.60
N MET C 517 -10.70 -1.01 8.67
CA MET C 517 -11.56 -1.50 9.74
C MET C 517 -12.91 -1.93 9.17
N GLY C 518 -12.92 -2.47 7.96
CA GLY C 518 -14.16 -2.94 7.36
C GLY C 518 -14.83 -4.05 8.13
N ASP C 519 -16.06 -3.82 8.57
CA ASP C 519 -16.78 -4.77 9.41
C ASP C 519 -17.66 -5.73 8.62
N LEU C 520 -18.31 -5.25 7.56
CA LEU C 520 -19.11 -6.03 6.63
C LEU C 520 -20.35 -6.64 7.27
N GLU C 521 -20.56 -6.47 8.57
CA GLU C 521 -21.71 -7.08 9.24
C GLU C 521 -22.31 -6.18 10.30
N PHE C 522 -22.01 -4.88 10.29
CA PHE C 522 -22.37 -4.04 11.42
C PHE C 522 -23.85 -4.12 11.75
N THR C 523 -24.70 -4.32 10.75
CA THR C 523 -26.14 -4.38 10.96
C THR C 523 -26.70 -5.67 10.36
N GLU C 524 -27.60 -6.31 11.09
CA GLU C 524 -28.38 -7.43 10.59
C GLU C 524 -29.84 -7.08 10.41
N ASN C 525 -30.30 -6.02 11.09
CA ASN C 525 -31.73 -5.59 11.04
C ASN C 525 -32.02 -5.03 9.64
N TYR C 526 -32.49 -5.89 8.73
CA TYR C 526 -32.82 -5.49 7.36
C TYR C 526 -33.59 -6.64 6.71
N ASP C 527 -33.75 -6.56 5.39
CA ASP C 527 -34.35 -7.65 4.59
C ASP C 527 -33.50 -7.71 3.32
N PHE C 528 -33.44 -8.85 2.63
CA PHE C 528 -32.72 -9.02 1.37
C PHE C 528 -31.20 -8.89 1.53
N LYS C 529 -30.65 -9.79 2.35
CA LYS C 529 -29.23 -9.74 2.67
C LYS C 529 -28.35 -9.57 1.44
N ALA C 530 -28.71 -10.21 0.33
CA ALA C 530 -27.84 -10.22 -0.84
C ALA C 530 -27.60 -8.82 -1.39
N VAL C 531 -28.65 -8.00 -1.46
CA VAL C 531 -28.48 -6.63 -1.93
C VAL C 531 -27.54 -5.85 -1.02
N PHE C 532 -27.70 -6.02 0.31
CA PHE C 532 -26.83 -5.34 1.26
C PHE C 532 -25.37 -5.71 1.02
N ILE C 533 -25.10 -7.01 0.91
CA ILE C 533 -23.72 -7.46 0.81
C ILE C 533 -23.11 -7.06 -0.53
N ILE C 534 -23.89 -7.15 -1.61
CA ILE C 534 -23.34 -6.77 -2.91
C ILE C 534 -23.05 -5.27 -2.94
N LEU C 535 -23.90 -4.45 -2.31
CA LEU C 535 -23.60 -3.02 -2.24
C LEU C 535 -22.32 -2.76 -1.46
N LEU C 536 -22.12 -3.48 -0.35
CA LEU C 536 -20.89 -3.30 0.41
C LEU C 536 -19.67 -3.67 -0.43
N LEU C 537 -19.72 -4.80 -1.13
CA LEU C 537 -18.60 -5.17 -1.99
C LEU C 537 -18.36 -4.13 -3.08
N ALA C 538 -19.43 -3.61 -3.67
CA ALA C 538 -19.27 -2.58 -4.69
C ALA C 538 -18.53 -1.39 -4.13
N TYR C 539 -18.95 -0.92 -2.95
CA TYR C 539 -18.29 0.23 -2.36
C TYR C 539 -16.82 -0.05 -2.08
N VAL C 540 -16.51 -1.23 -1.54
CA VAL C 540 -15.12 -1.54 -1.22
C VAL C 540 -14.26 -1.51 -2.48
N ILE C 541 -14.69 -2.22 -3.52
CA ILE C 541 -13.89 -2.30 -4.73
C ILE C 541 -13.74 -0.91 -5.35
N LEU C 542 -14.83 -0.14 -5.40
CA LEU C 542 -14.75 1.18 -5.99
C LEU C 542 -13.81 2.10 -5.22
N THR C 543 -13.87 2.08 -3.89
CA THR C 543 -12.98 2.95 -3.12
C THR C 543 -11.52 2.54 -3.32
N TYR C 544 -11.25 1.24 -3.42
CA TYR C 544 -9.89 0.81 -3.71
C TYR C 544 -9.42 1.31 -5.07
N ILE C 545 -10.28 1.19 -6.09
CA ILE C 545 -9.89 1.66 -7.42
C ILE C 545 -9.69 3.15 -7.42
N LEU C 546 -10.51 3.88 -6.65
CA LEU C 546 -10.35 5.33 -6.57
C LEU C 546 -9.01 5.70 -5.97
N LEU C 547 -8.64 5.05 -4.87
CA LEU C 547 -7.33 5.29 -4.28
C LEU C 547 -6.22 4.97 -5.27
N LEU C 548 -6.40 3.86 -6.00
CA LEU C 548 -5.42 3.42 -6.97
C LEU C 548 -5.24 4.46 -8.08
N ASN C 549 -6.34 5.04 -8.55
CA ASN C 549 -6.25 6.08 -9.57
C ASN C 549 -5.64 7.36 -9.01
N MET C 550 -5.92 7.68 -7.74
CA MET C 550 -5.18 8.76 -7.10
C MET C 550 -3.68 8.55 -7.24
N LEU C 551 -3.22 7.35 -6.89
CA LEU C 551 -1.79 7.09 -6.93
C LEU C 551 -1.25 7.17 -8.36
N ILE C 552 -1.93 6.54 -9.31
CA ILE C 552 -1.47 6.57 -10.69
C ILE C 552 -1.45 7.99 -11.25
N ALA C 553 -2.40 8.83 -10.83
CA ALA C 553 -2.46 10.20 -11.33
C ALA C 553 -1.32 11.03 -10.74
N LEU C 554 -1.22 11.16 -9.42
CA LEU C 554 -0.19 12.03 -8.78
C LEU C 554 1.20 11.43 -9.03
N MET C 555 1.34 10.10 -9.00
CA MET C 555 2.66 9.42 -9.16
C MET C 555 3.00 9.33 -10.64
N GLY C 556 2.09 9.77 -11.52
CA GLY C 556 2.35 9.81 -12.97
C GLY C 556 3.05 11.10 -13.35
N LYS C 561 5.89 13.38 -9.53
CA LYS C 561 6.18 14.56 -8.67
C LYS C 561 7.04 15.55 -9.48
N ILE C 562 7.93 16.32 -8.84
CA ILE C 562 8.72 17.38 -9.54
C ILE C 562 10.22 17.18 -9.29
N ALA C 563 10.70 17.13 -8.04
CA ALA C 563 12.14 17.04 -7.70
C ALA C 563 13.03 18.28 -7.92
N GLN C 564 12.99 18.85 -9.13
CA GLN C 564 13.82 20.02 -9.49
C GLN C 564 12.96 21.26 -9.26
N GLU C 565 11.66 21.18 -9.52
CA GLU C 565 10.75 22.27 -9.21
C GLU C 565 10.56 22.42 -7.71
N SER C 566 10.53 21.31 -6.97
CA SER C 566 10.42 21.39 -5.52
C SER C 566 11.62 22.10 -4.91
N LYS C 567 12.82 21.78 -5.41
CA LYS C 567 14.00 22.50 -4.95
C LYS C 567 13.87 23.98 -5.23
N ASN C 568 13.36 24.34 -6.41
CA ASN C 568 13.19 25.75 -6.74
C ASN C 568 12.23 26.43 -5.77
N ILE C 569 11.11 25.74 -5.50
CA ILE C 569 10.07 26.25 -4.56
C ILE C 569 10.75 26.49 -3.21
N TRP C 570 11.51 25.54 -2.69
CA TRP C 570 12.14 25.68 -1.38
C TRP C 570 13.11 26.85 -1.37
N LYS C 571 13.89 27.01 -2.43
CA LYS C 571 14.78 28.16 -2.52
C LYS C 571 13.99 29.46 -2.44
N LEU C 572 12.84 29.50 -3.12
CA LEU C 572 12.02 30.70 -3.12
C LEU C 572 11.53 31.04 -1.70
N GLN C 573 11.05 30.03 -0.99
CA GLN C 573 10.56 30.28 0.38
C GLN C 573 11.70 30.68 1.30
N ARG C 574 12.88 30.07 1.14
CA ARG C 574 14.03 30.50 1.93
C ARG C 574 14.37 31.96 1.64
N ALA C 575 14.31 32.36 0.37
CA ALA C 575 14.57 33.76 0.04
C ALA C 575 13.54 34.68 0.69
N ILE C 576 12.28 34.27 0.70
CA ILE C 576 11.26 35.06 1.37
C ILE C 576 11.61 35.22 2.84
N THR C 577 12.06 34.14 3.47
CA THR C 577 12.48 34.24 4.87
C THR C 577 13.67 35.18 5.02
N ILE C 578 14.60 35.14 4.08
CA ILE C 578 15.77 36.00 4.15
C ILE C 578 15.36 37.46 4.15
N LEU C 579 14.47 37.83 3.22
CA LEU C 579 14.03 39.22 3.15
C LEU C 579 13.19 39.60 4.35
N ASP C 580 12.38 38.67 4.86
CA ASP C 580 11.60 38.98 6.06
C ASP C 580 12.53 39.29 7.24
N THR C 581 13.58 38.49 7.41
CA THR C 581 14.54 38.76 8.47
C THR C 581 15.26 40.07 8.22
N GLU C 582 15.64 40.33 6.97
CA GLU C 582 16.39 41.54 6.66
C GLU C 582 15.59 42.79 7.01
N LYS C 583 14.36 42.88 6.52
CA LYS C 583 13.56 44.08 6.80
C LYS C 583 13.17 44.14 8.27
N SER C 584 12.76 43.01 8.86
CA SER C 584 12.39 43.00 10.27
C SER C 584 13.59 43.22 11.19
N PHE C 585 14.80 43.16 10.67
CA PHE C 585 16.00 43.33 11.48
C PHE C 585 16.03 42.33 12.63
N LYS D 288 -25.53 18.21 -42.73
CA LYS D 288 -25.47 16.99 -43.51
C LYS D 288 -24.24 16.17 -43.16
N ASN D 289 -23.07 16.75 -43.39
CA ASN D 289 -21.81 16.06 -43.11
C ASN D 289 -20.75 17.11 -42.79
N SER D 290 -20.39 17.22 -41.52
CA SER D 290 -19.32 18.11 -41.08
C SER D 290 -18.24 17.27 -40.41
N VAL D 291 -16.99 17.69 -40.60
CA VAL D 291 -15.88 16.93 -40.02
C VAL D 291 -15.99 16.87 -38.51
N LEU D 292 -16.48 17.96 -37.90
CA LEU D 292 -16.57 18.08 -36.41
C LEU D 292 -17.59 17.09 -35.87
N GLU D 293 -18.78 17.03 -36.48
CA GLU D 293 -19.82 16.09 -36.04
C GLU D 293 -19.52 14.67 -36.51
N VAL D 294 -18.89 14.52 -37.67
CA VAL D 294 -18.59 13.19 -38.18
C VAL D 294 -17.53 12.52 -37.32
N ILE D 295 -16.45 13.25 -37.01
CA ILE D 295 -15.37 12.65 -36.24
C ILE D 295 -15.78 12.44 -34.79
N ALA D 296 -16.46 13.42 -34.19
CA ALA D 296 -16.81 13.28 -32.78
C ALA D 296 -17.66 12.03 -32.55
N TYR D 297 -18.65 11.79 -33.40
CA TYR D 297 -19.49 10.60 -33.31
C TYR D 297 -18.90 9.42 -34.08
N SER D 298 -17.70 9.56 -34.62
CA SER D 298 -17.10 8.46 -35.38
C SER D 298 -16.93 7.24 -34.49
N SER D 299 -17.05 6.06 -35.11
CA SER D 299 -16.95 4.81 -34.39
C SER D 299 -15.60 4.69 -33.69
N SER D 300 -15.50 3.69 -32.81
CA SER D 300 -14.20 3.30 -32.28
C SER D 300 -13.35 2.61 -33.34
N GLU D 301 -13.93 2.24 -34.48
CA GLU D 301 -13.16 1.64 -35.56
C GLU D 301 -12.16 2.63 -36.13
N THR D 302 -12.43 3.92 -36.02
CA THR D 302 -11.46 4.92 -36.48
C THR D 302 -10.23 4.88 -35.58
N PRO D 303 -9.03 5.03 -36.14
CA PRO D 303 -7.82 4.84 -35.34
C PRO D 303 -7.44 6.03 -34.46
N ASN D 304 -7.60 7.25 -34.96
CA ASN D 304 -6.91 8.39 -34.36
C ASN D 304 -7.84 9.51 -33.92
N ARG D 305 -8.91 9.18 -33.19
CA ARG D 305 -9.77 10.21 -32.63
C ARG D 305 -8.99 11.10 -31.66
N HIS D 306 -8.21 10.49 -30.77
CA HIS D 306 -7.51 11.25 -29.74
C HIS D 306 -6.56 12.27 -30.35
N ASP D 307 -6.14 12.08 -31.58
CA ASP D 307 -5.23 13.00 -32.25
C ASP D 307 -5.96 14.06 -33.06
N MET D 308 -7.00 13.68 -33.78
CA MET D 308 -7.64 14.59 -34.73
C MET D 308 -8.21 15.83 -34.06
N LEU D 309 -8.44 15.78 -32.74
CA LEU D 309 -8.91 16.97 -32.04
C LEU D 309 -7.82 18.02 -31.87
N LEU D 310 -6.55 17.66 -32.14
CA LEU D 310 -5.45 18.60 -31.96
C LEU D 310 -5.37 19.65 -33.05
N VAL D 311 -6.12 19.49 -34.15
CA VAL D 311 -6.02 20.43 -35.26
C VAL D 311 -6.41 21.82 -34.77
N GLU D 312 -5.56 22.81 -35.07
CA GLU D 312 -5.68 24.15 -34.54
C GLU D 312 -7.12 24.68 -34.68
N PRO D 313 -7.67 24.77 -35.89
CA PRO D 313 -9.04 25.30 -36.02
C PRO D 313 -10.05 24.51 -35.21
N LEU D 314 -9.95 23.18 -35.20
CA LEU D 314 -10.96 22.37 -34.51
C LEU D 314 -10.96 22.66 -33.02
N ASN D 315 -9.79 22.57 -32.38
CA ASN D 315 -9.73 22.81 -30.93
C ASN D 315 -10.08 24.25 -30.61
N ARG D 316 -9.63 25.20 -31.42
CA ARG D 316 -9.97 26.59 -31.19
C ARG D 316 -11.48 26.78 -31.21
N LEU D 317 -12.14 26.23 -32.22
CA LEU D 317 -13.58 26.43 -32.36
C LEU D 317 -14.34 25.74 -31.24
N LEU D 318 -13.89 24.54 -30.84
CA LEU D 318 -14.55 23.84 -29.75
C LEU D 318 -14.44 24.64 -28.45
N GLN D 319 -13.24 25.14 -28.15
CA GLN D 319 -13.07 25.97 -26.96
C GLN D 319 -13.96 27.20 -27.04
N ASP D 320 -14.05 27.81 -28.22
CA ASP D 320 -14.88 29.00 -28.38
C ASP D 320 -16.34 28.69 -28.07
N LYS D 321 -16.89 27.64 -28.68
CA LYS D 321 -18.29 27.32 -28.44
C LYS D 321 -18.53 26.98 -26.97
N TRP D 322 -17.63 26.18 -26.38
CA TRP D 322 -17.77 25.86 -24.97
C TRP D 322 -17.87 27.14 -24.16
N ASP D 323 -16.80 27.94 -24.17
CA ASP D 323 -16.72 29.13 -23.33
C ASP D 323 -17.87 30.09 -23.62
N ARG D 324 -18.37 30.13 -24.85
CA ARG D 324 -19.48 31.03 -25.14
C ARG D 324 -20.75 30.56 -24.45
N PHE D 325 -21.21 29.34 -24.76
CA PHE D 325 -22.55 28.97 -24.29
C PHE D 325 -22.60 27.61 -23.59
N VAL D 326 -21.76 26.68 -24.00
CA VAL D 326 -21.99 25.33 -23.50
C VAL D 326 -21.51 25.20 -22.07
N LYS D 327 -20.53 26.02 -21.66
CA LYS D 327 -20.12 26.01 -20.27
C LYS D 327 -21.28 26.33 -19.35
N ARG D 328 -22.00 27.41 -19.68
CA ARG D 328 -23.13 27.90 -18.85
C ARG D 328 -24.32 26.94 -18.94
N ILE D 329 -24.57 26.31 -20.10
CA ILE D 329 -25.64 25.32 -20.21
C ILE D 329 -25.32 24.08 -19.39
N PHE D 330 -24.06 23.62 -19.47
CA PHE D 330 -23.65 22.44 -18.71
C PHE D 330 -23.69 22.70 -17.21
N TYR D 331 -23.28 23.90 -16.78
CA TYR D 331 -23.36 24.22 -15.36
C TYR D 331 -24.79 24.14 -14.86
N PHE D 332 -25.74 24.72 -15.62
CA PHE D 332 -27.14 24.64 -15.23
C PHE D 332 -27.63 23.19 -15.22
N ASN D 333 -27.23 22.41 -16.23
CA ASN D 333 -27.67 21.03 -16.29
C ASN D 333 -27.17 20.24 -15.09
N PHE D 334 -25.91 20.47 -14.71
CA PHE D 334 -25.37 19.83 -13.52
C PHE D 334 -26.12 20.26 -12.27
N PHE D 335 -26.45 21.55 -12.18
CA PHE D 335 -27.23 22.02 -11.03
C PHE D 335 -28.56 21.29 -10.94
N VAL D 336 -29.27 21.18 -12.06
CA VAL D 336 -30.57 20.54 -12.05
C VAL D 336 -30.45 19.06 -11.71
N TYR D 337 -29.46 18.38 -12.28
CA TYR D 337 -29.29 16.96 -11.98
C TYR D 337 -28.98 16.74 -10.51
N CYS D 338 -28.09 17.55 -9.94
CA CYS D 338 -27.77 17.39 -8.53
C CYS D 338 -28.98 17.67 -7.67
N LEU D 339 -29.81 18.65 -8.04
CA LEU D 339 -31.04 18.90 -7.31
C LEU D 339 -31.96 17.69 -7.38
N TYR D 340 -32.06 17.07 -8.56
CA TYR D 340 -32.87 15.87 -8.69
C TYR D 340 -32.37 14.76 -7.79
N MET D 341 -31.04 14.57 -7.73
CA MET D 341 -30.48 13.53 -6.87
C MET D 341 -30.75 13.82 -5.40
N ILE D 342 -30.66 15.08 -4.99
CA ILE D 342 -30.99 15.43 -3.61
C ILE D 342 -32.45 15.09 -3.32
N ILE D 343 -33.34 15.45 -4.25
CA ILE D 343 -34.76 15.13 -4.05
C ILE D 343 -34.95 13.63 -3.91
N PHE D 344 -34.33 12.86 -4.80
CA PHE D 344 -34.49 11.41 -4.77
C PHE D 344 -33.93 10.82 -3.47
N THR D 345 -32.79 11.34 -3.03
CA THR D 345 -32.20 10.87 -1.76
C THR D 345 -33.14 11.14 -0.60
N ALA D 346 -33.70 12.35 -0.54
CA ALA D 346 -34.62 12.68 0.55
C ALA D 346 -35.83 11.77 0.51
N ALA D 347 -36.37 11.53 -0.69
CA ALA D 347 -37.54 10.66 -0.81
C ALA D 347 -37.23 9.25 -0.35
N ALA D 348 -36.08 8.71 -0.75
CA ALA D 348 -35.74 7.33 -0.39
C ALA D 348 -35.46 7.20 1.10
N TYR D 349 -34.83 8.21 1.70
CA TYR D 349 -34.44 8.10 3.10
C TYR D 349 -35.66 7.94 4.00
N TYR D 350 -36.71 8.72 3.74
CA TYR D 350 -37.89 8.75 4.61
C TYR D 350 -38.93 7.71 4.23
N ARG D 351 -38.55 6.67 3.48
CA ARG D 351 -39.53 5.68 3.07
C ARG D 351 -40.14 5.02 4.31
N PRO D 352 -41.44 4.74 4.31
CA PRO D 352 -42.06 4.12 5.49
C PRO D 352 -41.74 2.63 5.59
N VAL D 353 -42.29 1.99 6.61
CA VAL D 353 -42.22 0.54 6.73
C VAL D 353 -43.58 -0.01 7.14
N PRO D 357 -47.54 -2.12 -0.10
CA PRO D 357 -47.32 -0.95 -0.97
C PRO D 357 -48.27 -0.95 -2.17
N PRO D 358 -48.81 0.22 -2.55
CA PRO D 358 -48.59 1.57 -2.01
C PRO D 358 -49.15 1.77 -0.61
N TYR D 359 -48.67 2.81 0.07
CA TYR D 359 -49.05 3.12 1.44
C TYR D 359 -49.99 4.31 1.47
N LYS D 360 -50.89 4.34 2.45
CA LYS D 360 -51.85 5.42 2.57
C LYS D 360 -51.15 6.73 2.88
N LEU D 361 -51.66 7.82 2.29
CA LEU D 361 -51.10 9.15 2.50
C LEU D 361 -51.87 9.82 3.62
N LYS D 362 -51.17 10.13 4.71
CA LYS D 362 -51.76 10.90 5.80
C LYS D 362 -51.55 12.38 5.54
N ASN D 363 -52.59 13.17 5.76
CA ASN D 363 -52.61 14.56 5.33
C ASN D 363 -51.74 15.46 6.20
N THR D 364 -50.42 15.39 6.00
CA THR D 364 -49.49 16.29 6.67
C THR D 364 -48.57 16.90 5.64
N VAL D 365 -48.12 18.13 5.92
CA VAL D 365 -47.36 18.88 4.93
C VAL D 365 -46.07 18.14 4.58
N GLY D 366 -45.38 17.61 5.58
CA GLY D 366 -44.19 16.82 5.31
C GLY D 366 -44.48 15.62 4.43
N ASP D 367 -45.65 15.00 4.60
CA ASP D 367 -45.98 13.82 3.83
C ASP D 367 -46.33 14.17 2.39
N TYR D 368 -47.00 15.30 2.18
CA TYR D 368 -47.20 15.81 0.83
C TYR D 368 -45.86 16.11 0.17
N PHE D 369 -44.94 16.73 0.92
CA PHE D 369 -43.58 16.94 0.42
C PHE D 369 -42.96 15.62 -0.01
N ARG D 370 -43.08 14.60 0.84
CA ARG D 370 -42.50 13.29 0.53
C ARG D 370 -43.06 12.74 -0.77
N VAL D 371 -44.39 12.75 -0.90
CA VAL D 371 -45.02 12.13 -2.07
C VAL D 371 -44.64 12.89 -3.33
N THR D 372 -44.64 14.22 -3.29
CA THR D 372 -44.26 14.98 -4.48
C THR D 372 -42.78 14.76 -4.80
N GLY D 373 -41.94 14.56 -3.78
CA GLY D 373 -40.57 14.19 -4.04
C GLY D 373 -40.47 12.89 -4.81
N GLU D 374 -41.27 11.90 -4.39
CA GLU D 374 -41.30 10.57 -5.06
C GLU D 374 -41.80 10.76 -6.50
N ILE D 375 -42.74 11.67 -6.74
CA ILE D 375 -43.27 11.90 -8.08
C ILE D 375 -42.22 12.54 -8.97
N LEU D 376 -41.50 13.54 -8.44
CA LEU D 376 -40.41 14.14 -9.22
C LEU D 376 -39.34 13.12 -9.53
N SER D 377 -39.05 12.24 -8.57
CA SER D 377 -38.00 11.21 -8.73
C SER D 377 -38.40 10.23 -9.84
N VAL D 378 -39.68 9.89 -9.95
CA VAL D 378 -40.17 8.99 -10.99
C VAL D 378 -40.19 9.70 -12.34
N SER D 379 -40.55 10.99 -12.35
CA SER D 379 -40.53 11.74 -13.61
C SER D 379 -39.12 11.81 -14.17
N GLY D 380 -38.13 12.09 -13.33
CA GLY D 380 -36.75 12.12 -13.80
C GLY D 380 -36.27 10.78 -14.29
N GLY D 381 -36.62 9.71 -13.59
CA GLY D 381 -36.27 8.38 -14.05
C GLY D 381 -36.86 8.07 -15.40
N VAL D 382 -38.14 8.42 -15.59
CA VAL D 382 -38.79 8.20 -16.88
C VAL D 382 -38.08 9.00 -17.96
N TYR D 383 -37.69 10.24 -17.65
CA TYR D 383 -37.00 11.05 -18.63
C TYR D 383 -35.69 10.40 -19.05
N PHE D 384 -34.92 9.90 -18.07
CA PHE D 384 -33.66 9.25 -18.40
C PHE D 384 -33.90 8.00 -19.24
N PHE D 385 -34.95 7.23 -18.91
CA PHE D 385 -35.28 6.07 -19.71
C PHE D 385 -35.59 6.46 -21.15
N PHE D 386 -36.38 7.52 -21.32
CA PHE D 386 -36.73 7.98 -22.67
C PHE D 386 -35.50 8.41 -23.44
N ARG D 387 -34.59 9.13 -22.79
CA ARG D 387 -33.38 9.57 -23.46
C ARG D 387 -32.50 8.39 -23.84
N GLY D 388 -32.40 7.39 -22.97
CA GLY D 388 -31.63 6.20 -23.32
C GLY D 388 -32.21 5.47 -24.51
N ILE D 389 -33.53 5.28 -24.51
CA ILE D 389 -34.16 4.60 -25.63
C ILE D 389 -33.97 5.39 -26.92
N GLN D 390 -34.10 6.71 -26.83
CA GLN D 390 -33.89 7.55 -28.00
C GLN D 390 -32.47 7.42 -28.52
N TYR D 391 -31.49 7.38 -27.63
CA TYR D 391 -30.11 7.20 -28.06
C TYR D 391 -29.92 5.87 -28.75
N PHE D 392 -30.51 4.81 -28.20
CA PHE D 392 -30.36 3.48 -28.80
C PHE D 392 -31.06 3.39 -30.15
N LEU D 393 -32.14 4.15 -30.34
CA LEU D 393 -32.83 4.16 -31.63
C LEU D 393 -32.27 5.16 -32.61
N GLN D 394 -31.43 6.11 -32.17
CA GLN D 394 -30.77 7.05 -33.08
C GLN D 394 -29.39 6.58 -33.49
N ARG D 395 -28.48 6.40 -32.54
CA ARG D 395 -27.09 6.13 -32.88
C ARG D 395 -26.85 4.67 -33.23
N ARG D 396 -27.82 3.80 -33.00
CA ARG D 396 -27.77 2.40 -33.42
C ARG D 396 -26.39 1.80 -33.15
N PRO D 397 -25.98 1.67 -31.89
CA PRO D 397 -24.67 1.08 -31.61
C PRO D 397 -24.57 -0.31 -32.22
N SER D 398 -23.45 -0.56 -32.89
CA SER D 398 -23.34 -1.77 -33.71
C SER D 398 -22.74 -2.93 -32.93
N LEU D 399 -23.25 -3.16 -31.72
CA LEU D 399 -23.12 -4.44 -31.03
C LEU D 399 -21.67 -4.86 -30.74
N LYS D 400 -20.68 -4.05 -31.10
CA LYS D 400 -19.25 -4.40 -30.94
C LYS D 400 -18.67 -3.54 -29.82
N SER D 401 -18.70 -2.22 -29.96
CA SER D 401 -18.25 -1.31 -28.92
C SER D 401 -19.41 -0.82 -28.06
N LEU D 402 -20.58 -1.47 -28.17
CA LEU D 402 -21.77 -0.96 -27.50
C LEU D 402 -21.55 -0.89 -26.00
N PHE D 403 -20.77 -1.80 -25.44
CA PHE D 403 -20.43 -1.79 -24.02
C PHE D 403 -19.04 -1.24 -23.75
N VAL D 404 -18.34 -0.75 -24.77
CA VAL D 404 -17.02 -0.14 -24.60
C VAL D 404 -17.11 1.38 -24.55
N ASP D 405 -17.64 2.00 -25.60
CA ASP D 405 -17.90 3.42 -25.60
C ASP D 405 -19.29 3.69 -25.03
N SER D 406 -19.65 4.97 -24.99
CA SER D 406 -20.97 5.38 -24.50
C SER D 406 -21.25 4.81 -23.12
N TYR D 407 -20.23 4.80 -22.27
CA TYR D 407 -20.36 4.19 -20.94
C TYR D 407 -21.39 4.92 -20.10
N SER D 408 -21.34 6.25 -20.10
CA SER D 408 -22.25 7.03 -19.26
C SER D 408 -23.70 6.81 -19.67
N GLU D 409 -23.96 6.76 -20.97
CA GLU D 409 -25.33 6.56 -21.44
C GLU D 409 -25.88 5.22 -20.97
N ILE D 410 -25.08 4.16 -21.06
CA ILE D 410 -25.54 2.86 -20.60
C ILE D 410 -25.75 2.87 -19.09
N LEU D 411 -24.87 3.54 -18.35
CA LEU D 411 -25.05 3.62 -16.90
C LEU D 411 -26.37 4.28 -16.55
N PHE D 412 -26.65 5.42 -17.19
CA PHE D 412 -27.92 6.10 -16.95
C PHE D 412 -29.09 5.21 -17.34
N PHE D 413 -28.98 4.51 -18.47
CA PHE D 413 -30.07 3.67 -18.92
C PHE D 413 -30.36 2.54 -17.94
N VAL D 414 -29.31 1.90 -17.41
CA VAL D 414 -29.52 0.80 -16.47
C VAL D 414 -30.09 1.33 -15.16
N GLN D 415 -29.69 2.53 -14.74
CA GLN D 415 -30.25 3.17 -13.53
C GLN D 415 -31.72 3.47 -13.80
N SER D 416 -32.10 3.78 -15.04
CA SER D 416 -33.51 3.98 -15.39
C SER D 416 -34.28 2.68 -15.31
N LEU D 417 -33.65 1.57 -15.75
CA LEU D 417 -34.26 0.22 -15.73
C LEU D 417 -34.48 -0.20 -14.28
N PHE D 418 -33.60 0.21 -13.37
CA PHE D 418 -33.77 -0.05 -11.95
C PHE D 418 -34.92 0.78 -11.37
N MET D 419 -34.98 2.06 -11.74
CA MET D 419 -36.04 2.92 -11.21
C MET D 419 -37.42 2.42 -11.64
N LEU D 420 -37.56 2.06 -12.91
CA LEU D 420 -38.86 1.65 -13.43
C LEU D 420 -39.27 0.29 -12.88
N VAL D 421 -38.33 -0.65 -12.76
CA VAL D 421 -38.68 -1.93 -12.16
C VAL D 421 -39.02 -1.75 -10.69
N SER D 422 -38.36 -0.82 -10.00
CA SER D 422 -38.76 -0.50 -8.64
C SER D 422 -40.20 -0.03 -8.59
N VAL D 423 -40.58 0.85 -9.52
CA VAL D 423 -41.96 1.34 -9.55
C VAL D 423 -42.92 0.17 -9.79
N VAL D 424 -42.57 -0.71 -10.73
CA VAL D 424 -43.46 -1.84 -11.05
C VAL D 424 -43.65 -2.74 -9.83
N LEU D 425 -42.57 -3.04 -9.12
CA LEU D 425 -42.70 -3.82 -7.89
C LEU D 425 -43.55 -3.07 -6.87
N TYR D 426 -43.37 -1.76 -6.76
CA TYR D 426 -44.08 -0.98 -5.76
C TYR D 426 -45.58 -1.02 -5.99
N PHE D 427 -46.02 -0.84 -7.24
CA PHE D 427 -47.45 -0.84 -7.49
C PHE D 427 -48.07 -2.23 -7.40
N SER D 428 -47.26 -3.29 -7.38
CA SER D 428 -47.76 -4.65 -7.36
C SER D 428 -47.89 -5.22 -5.94
N GLN D 429 -47.70 -4.38 -4.92
CA GLN D 429 -47.68 -4.84 -3.53
C GLN D 429 -46.55 -5.85 -3.31
N ARG D 430 -45.32 -5.34 -3.46
CA ARG D 430 -44.12 -6.15 -3.31
C ARG D 430 -43.08 -5.36 -2.53
N LYS D 431 -42.08 -6.07 -2.01
CA LYS D 431 -41.10 -5.48 -1.10
C LYS D 431 -39.72 -5.28 -1.74
N GLU D 432 -39.47 -5.93 -2.88
CA GLU D 432 -38.16 -5.86 -3.55
C GLU D 432 -37.93 -4.46 -4.11
N TYR D 433 -38.95 -3.59 -4.16
CA TYR D 433 -38.78 -2.23 -4.64
C TYR D 433 -37.72 -1.50 -3.84
N VAL D 434 -37.53 -1.85 -2.57
CA VAL D 434 -36.49 -1.19 -1.78
C VAL D 434 -35.11 -1.52 -2.33
N ALA D 435 -34.88 -2.79 -2.69
CA ALA D 435 -33.59 -3.16 -3.25
C ALA D 435 -33.36 -2.47 -4.59
N SER D 436 -34.38 -2.46 -5.45
CA SER D 436 -34.23 -1.78 -6.73
C SER D 436 -33.96 -0.29 -6.53
N MET D 437 -34.69 0.34 -5.60
CA MET D 437 -34.53 1.76 -5.35
C MET D 437 -33.13 2.09 -4.85
N VAL D 438 -32.61 1.27 -3.92
CA VAL D 438 -31.28 1.56 -3.40
C VAL D 438 -30.23 1.36 -4.48
N PHE D 439 -30.40 0.36 -5.34
CA PHE D 439 -29.46 0.19 -6.45
C PHE D 439 -29.49 1.41 -7.37
N SER D 440 -30.68 1.90 -7.69
CA SER D 440 -30.80 3.09 -8.53
C SER D 440 -30.12 4.28 -7.86
N LEU D 441 -30.34 4.47 -6.57
CA LEU D 441 -29.75 5.60 -5.86
C LEU D 441 -28.23 5.53 -5.88
N ALA D 442 -27.68 4.33 -5.65
CA ALA D 442 -26.22 4.17 -5.68
C ALA D 442 -25.67 4.52 -7.06
N MET D 443 -26.30 3.98 -8.11
CA MET D 443 -25.81 4.31 -9.45
C MET D 443 -25.96 5.80 -9.76
N GLY D 444 -26.99 6.45 -9.25
CA GLY D 444 -27.14 7.88 -9.50
C GLY D 444 -26.05 8.70 -8.85
N TRP D 445 -25.80 8.44 -7.57
CA TRP D 445 -24.75 9.20 -6.89
C TRP D 445 -23.40 8.92 -7.50
N THR D 446 -23.18 7.70 -8.01
CA THR D 446 -21.92 7.43 -8.69
C THR D 446 -21.85 8.08 -10.06
N ASN D 447 -22.94 8.10 -10.82
CA ASN D 447 -23.00 8.77 -12.11
C ASN D 447 -22.86 10.28 -11.98
N MET D 448 -23.03 10.81 -10.78
CA MET D 448 -22.66 12.20 -10.51
C MET D 448 -21.31 12.52 -11.15
N LEU D 449 -20.41 11.54 -11.17
CA LEU D 449 -19.08 11.75 -11.73
C LEU D 449 -19.09 12.08 -13.21
N TYR D 450 -20.18 11.78 -13.93
CA TYR D 450 -20.18 12.06 -15.36
C TYR D 450 -19.99 13.55 -15.60
N TYR D 451 -20.53 14.39 -14.71
CA TYR D 451 -20.44 15.83 -14.84
C TYR D 451 -19.11 16.39 -14.37
N THR D 452 -18.21 15.53 -13.88
CA THR D 452 -16.88 16.00 -13.51
C THR D 452 -16.17 16.66 -14.69
N ARG D 453 -16.51 16.27 -15.92
CA ARG D 453 -15.91 16.93 -17.07
C ARG D 453 -16.27 18.40 -17.08
N GLY D 454 -15.66 19.13 -18.01
CA GLY D 454 -15.75 20.58 -18.00
C GLY D 454 -14.69 21.24 -17.14
N PHE D 455 -14.00 20.47 -16.30
CA PHE D 455 -12.84 20.93 -15.55
C PHE D 455 -11.72 19.93 -15.80
N GLN D 456 -10.57 20.43 -16.21
CA GLN D 456 -9.54 19.55 -16.76
C GLN D 456 -9.11 18.48 -15.75
N GLN D 457 -8.74 18.91 -14.54
CA GLN D 457 -8.15 17.97 -13.59
C GLN D 457 -9.14 16.88 -13.16
N MET D 458 -10.35 17.29 -12.78
CA MET D 458 -11.33 16.31 -12.31
C MET D 458 -11.80 15.42 -13.46
N GLY D 459 -11.99 15.99 -14.64
CA GLY D 459 -12.35 15.19 -15.79
C GLY D 459 -11.29 14.16 -16.12
N ILE D 460 -10.02 14.54 -16.00
CA ILE D 460 -8.95 13.60 -16.28
C ILE D 460 -8.89 12.51 -15.22
N TYR D 461 -9.13 12.87 -13.96
CA TYR D 461 -9.17 11.83 -12.93
C TYR D 461 -10.32 10.85 -13.15
N ALA D 462 -11.49 11.37 -13.56
CA ALA D 462 -12.60 10.48 -13.86
C ALA D 462 -12.29 9.61 -15.07
N VAL D 463 -11.59 10.16 -16.05
CA VAL D 463 -11.17 9.36 -17.20
C VAL D 463 -10.24 8.25 -16.74
N MET D 464 -9.34 8.56 -15.80
CA MET D 464 -8.47 7.52 -15.26
C MET D 464 -9.28 6.43 -14.58
N ILE D 465 -10.29 6.81 -13.81
CA ILE D 465 -11.12 5.82 -13.13
C ILE D 465 -11.78 4.90 -14.17
N GLU D 466 -12.35 5.49 -15.21
CA GLU D 466 -13.03 4.68 -16.21
C GLU D 466 -12.04 3.76 -16.93
N LYS D 467 -10.87 4.28 -17.30
CA LYS D 467 -9.87 3.45 -17.98
C LYS D 467 -9.41 2.31 -17.09
N MET D 468 -9.16 2.60 -15.82
CA MET D 468 -8.77 1.53 -14.89
C MET D 468 -9.84 0.45 -14.82
N ILE D 469 -11.09 0.85 -14.62
CA ILE D 469 -12.18 -0.12 -14.51
C ILE D 469 -12.30 -0.95 -15.77
N LEU D 470 -12.06 -0.34 -16.94
CA LEU D 470 -12.21 -1.08 -18.17
C LEU D 470 -10.97 -1.88 -18.57
N ARG D 471 -9.82 -1.66 -17.93
CA ARG D 471 -8.58 -2.29 -18.34
C ARG D 471 -8.02 -3.26 -17.31
N ASP D 472 -7.67 -2.77 -16.11
CA ASP D 472 -6.76 -3.51 -15.22
C ASP D 472 -7.46 -4.22 -14.08
N LEU D 473 -8.45 -3.57 -13.45
CA LEU D 473 -9.23 -4.27 -12.44
C LEU D 473 -9.85 -5.52 -13.02
N CYS D 474 -10.12 -5.52 -14.32
CA CYS D 474 -10.67 -6.72 -14.96
C CYS D 474 -9.80 -7.93 -14.70
N ARG D 475 -8.55 -7.89 -15.16
CA ARG D 475 -7.66 -9.04 -14.99
C ARG D 475 -7.36 -9.29 -13.51
N PHE D 476 -7.15 -8.22 -12.73
CA PHE D 476 -6.83 -8.43 -11.33
C PHE D 476 -7.96 -9.19 -10.64
N MET D 477 -9.20 -8.80 -10.89
CA MET D 477 -10.33 -9.44 -10.23
C MET D 477 -10.55 -10.85 -10.75
N PHE D 478 -10.28 -11.10 -12.03
CA PHE D 478 -10.37 -12.48 -12.53
C PHE D 478 -9.42 -13.39 -11.75
N VAL D 479 -8.15 -13.01 -11.68
CA VAL D 479 -7.19 -13.86 -10.99
C VAL D 479 -7.51 -13.95 -9.50
N TYR D 480 -7.86 -12.82 -8.89
CA TYR D 480 -8.15 -12.82 -7.47
C TYR D 480 -9.35 -13.69 -7.15
N LEU D 481 -10.39 -13.67 -7.99
CA LEU D 481 -11.54 -14.53 -7.78
C LEU D 481 -11.14 -15.99 -7.87
N VAL D 482 -10.30 -16.32 -8.87
CA VAL D 482 -9.87 -17.72 -8.98
C VAL D 482 -9.17 -18.16 -7.70
N PHE D 483 -8.21 -17.36 -7.23
CA PHE D 483 -7.46 -17.74 -6.02
C PHE D 483 -8.38 -17.82 -4.80
N LEU D 484 -9.24 -16.81 -4.63
CA LEU D 484 -10.12 -16.77 -3.47
C LEU D 484 -11.04 -17.98 -3.45
N PHE D 485 -11.63 -18.33 -4.58
CA PHE D 485 -12.51 -19.48 -4.61
C PHE D 485 -11.76 -20.78 -4.36
N GLY D 486 -10.56 -20.93 -4.92
CA GLY D 486 -9.81 -22.14 -4.69
C GLY D 486 -9.49 -22.34 -3.21
N PHE D 487 -8.98 -21.30 -2.57
CA PHE D 487 -8.62 -21.44 -1.16
C PHE D 487 -9.85 -21.53 -0.28
N SER D 488 -10.95 -20.88 -0.67
CA SER D 488 -12.19 -21.01 0.07
C SER D 488 -12.70 -22.45 0.04
N THR D 489 -12.66 -23.09 -1.13
CA THR D 489 -13.08 -24.48 -1.21
C THR D 489 -12.17 -25.37 -0.38
N ALA D 490 -10.86 -25.15 -0.44
CA ALA D 490 -9.95 -25.95 0.36
C ALA D 490 -10.26 -25.83 1.84
N VAL D 491 -10.44 -24.59 2.32
CA VAL D 491 -10.68 -24.38 3.74
C VAL D 491 -12.00 -24.98 4.16
N VAL D 492 -13.06 -24.78 3.36
CA VAL D 492 -14.37 -25.28 3.75
C VAL D 492 -14.41 -26.79 3.73
N THR D 493 -13.71 -27.41 2.77
CA THR D 493 -13.56 -28.86 2.81
C THR D 493 -12.86 -29.29 4.09
N LEU D 494 -11.80 -28.57 4.48
CA LEU D 494 -11.10 -28.93 5.71
C LEU D 494 -12.02 -28.83 6.92
N ILE D 495 -12.83 -27.76 7.00
CA ILE D 495 -13.75 -27.62 8.11
C ILE D 495 -14.79 -28.71 8.04
N GLU D 496 -15.07 -29.34 9.18
CA GLU D 496 -16.11 -30.37 9.23
C GLU D 496 -17.49 -29.74 9.27
N ASP D 497 -17.79 -29.00 10.33
CA ASP D 497 -19.11 -28.42 10.51
C ASP D 497 -18.99 -27.22 11.43
N GLY D 498 -20.01 -26.38 11.39
CA GLY D 498 -20.09 -25.22 12.26
C GLY D 498 -20.60 -24.02 11.49
N LYS D 499 -20.41 -22.85 12.09
CA LYS D 499 -20.87 -21.61 11.46
C LYS D 499 -20.19 -21.40 10.12
N TYR D 500 -18.88 -21.65 10.04
CA TYR D 500 -18.09 -21.42 8.85
C TYR D 500 -17.95 -22.67 7.99
N ASN D 501 -18.96 -23.53 8.00
CA ASN D 501 -18.92 -24.76 7.22
C ASN D 501 -19.48 -24.59 5.81
N SER D 502 -20.17 -23.49 5.52
CA SER D 502 -20.73 -23.27 4.20
C SER D 502 -19.73 -22.55 3.31
N LEU D 503 -19.80 -22.84 2.01
CA LEU D 503 -18.89 -22.19 1.07
C LEU D 503 -19.02 -20.68 1.13
N TYR D 504 -20.23 -20.18 1.38
CA TYR D 504 -20.44 -18.74 1.39
C TYR D 504 -19.75 -18.09 2.60
N SER D 505 -19.97 -18.63 3.79
CA SER D 505 -19.34 -18.06 4.98
C SER D 505 -17.82 -18.18 4.90
N THR D 506 -17.32 -19.32 4.41
CA THR D 506 -15.88 -19.48 4.25
C THR D 506 -15.33 -18.46 3.26
N CYS D 507 -16.02 -18.25 2.14
CA CYS D 507 -15.57 -17.27 1.17
C CYS D 507 -15.52 -15.89 1.79
N LEU D 508 -16.54 -15.53 2.56
CA LEU D 508 -16.55 -14.21 3.21
C LEU D 508 -15.39 -14.07 4.18
N GLU D 509 -15.14 -15.09 4.99
CA GLU D 509 -14.06 -15.01 5.95
C GLU D 509 -12.71 -14.90 5.25
N LEU D 510 -12.52 -15.65 4.17
CA LEU D 510 -11.28 -15.54 3.40
C LEU D 510 -11.13 -14.13 2.82
N PHE D 511 -12.18 -13.63 2.17
CA PHE D 511 -12.10 -12.32 1.53
C PHE D 511 -11.82 -11.23 2.55
N LYS D 512 -12.31 -11.39 3.77
CA LYS D 512 -12.07 -10.40 4.81
C LYS D 512 -10.59 -10.09 4.99
N PHE D 513 -9.70 -10.95 4.48
CA PHE D 513 -8.26 -10.69 4.61
C PHE D 513 -7.81 -9.56 3.69
N THR D 514 -8.39 -9.46 2.50
CA THR D 514 -7.95 -8.46 1.55
C THR D 514 -8.15 -7.05 2.06
N ILE D 515 -9.01 -6.86 3.07
CA ILE D 515 -9.28 -5.54 3.62
C ILE D 515 -8.60 -5.37 4.98
N GLY D 516 -7.56 -6.15 5.26
CA GLY D 516 -6.84 -6.00 6.52
C GLY D 516 -7.69 -6.25 7.74
N MET D 517 -8.63 -7.18 7.65
CA MET D 517 -9.45 -7.62 8.78
C MET D 517 -9.43 -9.14 8.88
N GLY D 518 -8.25 -9.72 8.75
CA GLY D 518 -8.12 -11.16 8.90
C GLY D 518 -8.24 -11.58 10.34
N ASP D 519 -8.49 -12.87 10.53
CA ASP D 519 -8.66 -13.43 11.86
C ASP D 519 -7.71 -14.59 12.14
N LEU D 520 -7.46 -15.45 11.16
CA LEU D 520 -6.49 -16.54 11.21
C LEU D 520 -6.88 -17.63 12.21
N GLU D 521 -7.96 -17.45 12.98
CA GLU D 521 -8.39 -18.43 13.95
C GLU D 521 -9.91 -18.54 13.98
N PHE D 522 -10.56 -18.25 12.84
CA PHE D 522 -12.01 -18.10 12.84
C PHE D 522 -12.73 -19.43 13.07
N THR D 523 -12.03 -20.56 13.09
CA THR D 523 -12.67 -21.83 13.39
C THR D 523 -11.67 -22.74 14.07
N GLU D 524 -12.19 -23.67 14.87
CA GLU D 524 -11.36 -24.69 15.52
C GLU D 524 -12.03 -26.05 15.56
N ASN D 525 -13.20 -26.18 14.90
CA ASN D 525 -14.00 -27.43 14.94
C ASN D 525 -13.60 -28.28 13.74
N TYR D 526 -12.41 -28.90 13.77
CA TYR D 526 -11.89 -29.64 12.62
C TYR D 526 -10.68 -30.43 13.08
N ASP D 527 -9.98 -31.03 12.11
CA ASP D 527 -8.75 -31.78 12.35
C ASP D 527 -7.61 -31.18 11.56
N PHE D 528 -6.38 -31.49 11.98
CA PHE D 528 -5.18 -31.04 11.27
C PHE D 528 -5.08 -29.51 11.26
N LYS D 529 -4.89 -28.95 12.45
CA LYS D 529 -4.61 -27.52 12.56
C LYS D 529 -3.43 -27.12 11.70
N ALA D 530 -2.48 -28.03 11.50
CA ALA D 530 -1.33 -27.72 10.64
C ALA D 530 -1.78 -27.39 9.23
N VAL D 531 -2.69 -28.20 8.67
CA VAL D 531 -3.17 -27.93 7.32
C VAL D 531 -3.89 -26.59 7.28
N PHE D 532 -4.69 -26.29 8.30
CA PHE D 532 -5.40 -25.02 8.36
C PHE D 532 -4.43 -23.85 8.31
N ILE D 533 -3.39 -23.88 9.14
CA ILE D 533 -2.46 -22.76 9.20
C ILE D 533 -1.66 -22.66 7.91
N ILE D 534 -1.21 -23.80 7.36
CA ILE D 534 -0.49 -23.78 6.09
C ILE D 534 -1.35 -23.15 5.00
N LEU D 535 -2.62 -23.56 4.92
CA LEU D 535 -3.49 -23.03 3.88
C LEU D 535 -3.72 -21.53 4.06
N LEU D 536 -3.99 -21.10 5.29
CA LEU D 536 -4.25 -19.68 5.51
C LEU D 536 -3.01 -18.84 5.22
N LEU D 537 -1.83 -19.31 5.64
CA LEU D 537 -0.61 -18.58 5.32
C LEU D 537 -0.38 -18.51 3.82
N ALA D 538 -0.56 -19.63 3.12
CA ALA D 538 -0.35 -19.62 1.68
C ALA D 538 -1.31 -18.65 1.01
N TYR D 539 -2.58 -18.66 1.43
CA TYR D 539 -3.55 -17.74 0.83
C TYR D 539 -3.17 -16.30 1.11
N VAL D 540 -2.77 -15.98 2.33
CA VAL D 540 -2.43 -14.60 2.66
C VAL D 540 -1.24 -14.14 1.83
N ILE D 541 -0.21 -14.98 1.75
CA ILE D 541 0.98 -14.61 0.98
C ILE D 541 0.61 -14.39 -0.48
N LEU D 542 -0.12 -15.33 -1.07
CA LEU D 542 -0.43 -15.22 -2.49
C LEU D 542 -1.35 -14.04 -2.78
N THR D 543 -2.33 -13.79 -1.90
CA THR D 543 -3.23 -12.68 -2.14
C THR D 543 -2.53 -11.34 -1.99
N TYR D 544 -1.57 -11.23 -1.06
CA TYR D 544 -0.78 -10.02 -1.02
C TYR D 544 0.13 -9.90 -2.24
N ILE D 545 0.69 -11.00 -2.71
CA ILE D 545 1.44 -10.96 -3.97
C ILE D 545 0.56 -10.40 -5.08
N LEU D 546 -0.69 -10.86 -5.16
CA LEU D 546 -1.56 -10.45 -6.25
C LEU D 546 -1.95 -8.98 -6.12
N LEU D 547 -2.36 -8.57 -4.91
CA LEU D 547 -2.73 -7.17 -4.69
C LEU D 547 -1.56 -6.25 -5.01
N LEU D 548 -0.36 -6.61 -4.56
CA LEU D 548 0.84 -5.85 -4.90
C LEU D 548 1.12 -5.83 -6.40
N ASN D 549 1.20 -7.01 -7.02
CA ASN D 549 1.47 -7.13 -8.44
C ASN D 549 0.53 -6.20 -9.21
N MET D 550 -0.75 -6.13 -8.83
CA MET D 550 -1.63 -5.18 -9.50
C MET D 550 -1.21 -3.74 -9.20
N LEU D 551 -1.20 -3.37 -7.92
CA LEU D 551 -0.94 -1.99 -7.50
C LEU D 551 0.39 -1.47 -8.04
N ILE D 552 1.18 -2.39 -8.59
CA ILE D 552 2.48 -2.05 -9.24
C ILE D 552 2.30 -2.11 -10.75
N ALA D 553 1.75 -3.19 -11.35
CA ALA D 553 1.73 -3.38 -12.79
C ALA D 553 0.93 -2.28 -13.47
N LEU D 554 -0.15 -1.81 -12.85
CA LEU D 554 -0.85 -0.72 -13.49
C LEU D 554 0.03 0.52 -13.64
N MET D 555 0.82 0.85 -12.61
CA MET D 555 1.75 1.98 -12.70
C MET D 555 2.83 1.71 -13.73
N GLY D 556 3.40 0.50 -13.68
CA GLY D 556 4.47 0.17 -14.60
C GLY D 556 4.05 0.32 -16.06
N GLU D 557 2.83 -0.10 -16.39
CA GLU D 557 2.40 -0.04 -17.77
C GLU D 557 2.06 1.39 -18.20
N THR D 558 1.39 2.16 -17.33
CA THR D 558 0.75 3.40 -17.74
C THR D 558 1.14 4.56 -16.84
N VAL D 559 2.41 4.61 -16.42
CA VAL D 559 2.95 5.85 -15.87
C VAL D 559 3.06 6.90 -16.96
N ASN D 560 3.07 6.47 -18.23
CA ASN D 560 3.35 7.33 -19.37
C ASN D 560 2.10 7.76 -20.11
N LYS D 561 1.27 6.82 -20.55
CA LYS D 561 0.14 7.15 -21.42
C LYS D 561 -0.88 8.03 -20.72
N ILE D 562 -0.96 7.95 -19.38
CA ILE D 562 -2.02 8.67 -18.68
C ILE D 562 -1.93 10.17 -18.96
N ALA D 563 -0.72 10.73 -18.91
CA ALA D 563 -0.57 12.17 -19.01
C ALA D 563 -1.25 12.72 -20.26
N GLN D 564 -0.92 12.14 -21.42
CA GLN D 564 -1.37 12.69 -22.70
C GLN D 564 -2.63 12.02 -23.22
N GLU D 565 -2.73 10.69 -23.15
CA GLU D 565 -3.91 10.01 -23.66
C GLU D 565 -5.14 10.40 -22.87
N SER D 566 -5.02 10.50 -21.54
CA SER D 566 -6.18 10.88 -20.74
C SER D 566 -6.61 12.31 -21.02
N LYS D 567 -5.66 13.21 -21.21
CA LYS D 567 -6.02 14.59 -21.57
C LYS D 567 -6.73 14.62 -22.91
N ASN D 568 -6.25 13.85 -23.88
CA ASN D 568 -6.93 13.80 -25.17
C ASN D 568 -8.33 13.24 -25.04
N ILE D 569 -8.50 12.20 -24.21
CA ILE D 569 -9.82 11.61 -24.02
C ILE D 569 -10.75 12.60 -23.35
N TRP D 570 -10.23 13.37 -22.39
CA TRP D 570 -11.05 14.40 -21.75
C TRP D 570 -11.50 15.43 -22.78
N LYS D 571 -10.59 15.84 -23.66
CA LYS D 571 -10.96 16.76 -24.72
C LYS D 571 -12.06 16.17 -25.59
N LEU D 572 -11.92 14.89 -25.94
CA LEU D 572 -12.94 14.23 -26.75
C LEU D 572 -14.29 14.21 -26.05
N GLN D 573 -14.28 13.89 -24.75
CA GLN D 573 -15.52 13.82 -23.94
C GLN D 573 -16.17 15.20 -23.88
N ARG D 574 -15.40 16.29 -23.75
CA ARG D 574 -15.94 17.64 -23.77
C ARG D 574 -16.53 17.96 -25.14
N ALA D 575 -15.87 17.53 -26.20
CA ALA D 575 -16.42 17.73 -27.55
C ALA D 575 -17.77 17.04 -27.70
N ILE D 576 -17.87 15.80 -27.22
CA ILE D 576 -19.13 15.08 -27.32
C ILE D 576 -20.22 15.79 -26.52
N THR D 577 -19.86 16.32 -25.35
CA THR D 577 -20.82 17.08 -24.56
C THR D 577 -21.30 18.30 -25.32
N ILE D 578 -20.37 19.01 -25.97
CA ILE D 578 -20.75 20.18 -26.77
C ILE D 578 -21.75 19.77 -27.84
N LEU D 579 -21.48 18.67 -28.54
CA LEU D 579 -22.39 18.23 -29.58
C LEU D 579 -23.76 17.91 -29.02
N ASP D 580 -23.80 17.20 -27.89
CA ASP D 580 -25.09 16.85 -27.29
C ASP D 580 -25.87 18.11 -26.93
N THR D 581 -25.19 19.08 -26.29
CA THR D 581 -25.86 20.29 -25.88
C THR D 581 -26.40 21.06 -27.09
N GLU D 582 -25.59 21.16 -28.14
CA GLU D 582 -26.05 21.87 -29.32
C GLU D 582 -27.23 21.17 -29.97
N LYS D 583 -27.22 19.84 -30.01
CA LYS D 583 -28.35 19.11 -30.57
C LYS D 583 -29.57 19.19 -29.67
N SER D 584 -29.39 19.56 -28.40
CA SER D 584 -30.50 19.84 -27.51
C SER D 584 -30.98 21.29 -27.60
N PHE D 585 -30.29 22.13 -28.36
CA PHE D 585 -30.65 23.54 -28.49
C PHE D 585 -30.87 24.19 -27.13
C5 8IJ E . 28.79 0.82 4.94
C6 8IJ E . 27.66 1.48 4.17
C8 8IJ E . 27.99 2.93 3.84
C10 8IJ E . 29.49 3.13 3.66
C17 8IJ E . 25.99 -1.83 6.28
C21 8IJ E . 22.50 -0.47 8.32
C24 8IJ E . 21.29 1.46 9.36
C26 8IJ E . 21.58 2.33 11.65
C28 8IJ E . 21.97 2.31 14.09
C12 8IJ E . 30.12 1.87 3.08
C14 8IJ E . 30.06 0.75 4.11
C18 8IJ E . 24.89 -2.66 6.94
C19 8IJ E . 23.60 -1.87 6.83
C23 8IJ E . 21.51 -0.06 9.42
C25 8IJ E . 22.26 2.17 10.29
C27 8IJ E . 22.54 1.89 12.74
C29 8IJ E . 22.85 1.75 15.20
C41 8IJ E . 24.55 -3.97 8.88
C43 8IJ E . 23.28 -3.77 9.69
O1 8IJ E . 29.17 -2.28 6.92
O11 8IJ E . 30.08 3.41 4.89
O13 8IJ E . 29.44 1.49 1.92
O3 8IJ E . 29.11 -0.18 7.68
O4 8IJ E . 28.40 -0.50 5.22
O7 8IJ E . 27.41 0.78 2.98
O9 8IJ E . 27.34 3.29 2.67
C44 8IJ E . 22.06 -4.25 8.92
C45 8IJ E . 21.13 -5.02 9.85
C46 8IJ E . 20.54 -4.07 10.87
C47 8IJ E . 19.36 -3.33 10.25
C48 8IJ E . 18.39 -2.95 11.35
C49 8IJ E . 17.88 -1.54 11.09
C50 8IJ E . 18.98 -0.55 11.48
C51 8IJ E . 18.53 0.25 12.71
C52 8IJ E . 18.45 -0.65 13.94
C53 8IJ E . 19.84 -1.10 14.38
C54 8IJ E . 19.71 -2.07 15.55
C55 8IJ E . 19.15 -3.40 15.06
O15 8IJ E . 31.15 0.87 4.97
O16 8IJ E . 26.84 -1.30 7.24
O20 8IJ E . 23.71 -0.77 7.68
O22 8IJ E . 23.29 -0.34 9.19
O40 8IJ E . 25.19 -2.87 8.29
O42 8IJ E . 25.00 -5.06 8.75
P2 8IJ E . 28.39 -1.06 6.77
H5 8IJ E . 28.97 1.37 5.85
H6 8IJ E . 26.76 1.47 4.79
H8 8IJ E . 27.67 3.56 4.65
H10 8IJ E . 29.66 3.95 2.98
H17B 8IJ E . 25.53 -1.02 5.72
H17A 8IJ E . 26.55 -2.47 5.60
H24A 8IJ E . 20.27 1.67 9.65
H24B 8IJ E . 21.46 1.80 8.34
H26A 8IJ E . 21.29 3.36 11.80
H26B 8IJ E . 20.70 1.70 11.68
H28A 8IJ E . 21.96 3.39 14.15
H28B 8IJ E . 20.97 1.92 14.19
H12 8IJ E . 31.16 2.08 2.83
H14 8IJ E . 30.10 -0.20 3.59
H18 8IJ E . 24.79 -3.61 6.43
H19B 8IJ E . 22.76 -2.49 7.13
H19A 8IJ E . 23.46 -1.54 5.81
H23B 8IJ E . 21.88 -0.33 10.41
H23A 8IJ E . 20.57 -0.56 9.25
H25A 8IJ E . 23.16 1.59 10.43
H25B 8IJ E . 22.50 3.15 9.90
H27B 8IJ E . 23.50 2.37 12.59
H27A 8IJ E . 22.65 0.82 12.72
H29A 8IJ E . 22.54 0.74 15.44
H29B 8IJ E . 22.76 2.37 16.09
H43A 8IJ E . 23.15 -2.73 9.93
H43B 8IJ E . 23.36 -4.35 10.61
H11 8IJ E . 31.00 3.25 4.85
H13 8IJ E . 29.86 1.88 1.17
H7 8IJ E . 26.62 1.12 2.58
H9 8IJ E . 27.69 2.79 1.95
H44B 8IJ E . 21.53 -3.39 8.53
H44A 8IJ E . 22.37 -4.90 8.10
H45B 8IJ E . 20.34 -5.48 9.27
H45A 8IJ E . 21.70 -5.81 10.35
H46B 8IJ E . 21.28 -3.35 11.20
H46A 8IJ E . 20.19 -4.65 11.73
H47A 8IJ E . 19.72 -2.44 9.75
H47B 8IJ E . 18.86 -3.97 9.53
H48B 8IJ E . 17.55 -3.64 11.36
H48A 8IJ E . 18.90 -2.98 12.31
H49B 8IJ E . 17.66 -1.44 10.04
H49A 8IJ E . 16.99 -1.36 11.68
H50A 8IJ E . 19.13 0.13 10.66
H50B 8IJ E . 19.90 -1.08 11.68
H51B 8IJ E . 19.25 1.04 12.91
H51A 8IJ E . 17.56 0.68 12.51
H52B 8IJ E . 17.99 -0.09 14.75
H52A 8IJ E . 17.84 -1.52 13.71
H53B 8IJ E . 20.34 -1.61 13.56
H53A 8IJ E . 20.42 -0.24 14.67
H54A 8IJ E . 19.06 -1.65 16.30
H54B 8IJ E . 20.70 -2.24 15.99
H55B 8IJ E . 19.19 -4.12 15.87
H55A 8IJ E . 19.75 -3.77 14.24
H15 8IJ E . 31.10 1.68 5.44
NA NA F . -7.19 -3.79 10.20
C5 8IJ G . 8.17 -21.30 -17.63
C6 8IJ G . 9.04 -20.05 -17.47
C8 8IJ G . 10.38 -20.24 -18.19
C10 8IJ G . 10.23 -20.52 -19.68
C17 8IJ G . 3.79 -21.81 -15.20
C21 8IJ G . 4.97 -20.80 -10.98
C24 8IJ G . 6.42 -20.98 -8.97
C26 8IJ G . 7.41 -22.90 -7.75
C28 8IJ G . 8.13 -25.27 -7.60
C12 8IJ G . 8.81 -20.92 -20.03
C14 8IJ G . 8.27 -21.92 -19.01
C18 8IJ G . 3.56 -22.21 -13.75
C19 8IJ G . 3.58 -20.95 -12.88
C23 8IJ G . 6.13 -21.56 -10.36
C25 8IJ G . 7.72 -21.58 -8.44
C27 8IJ G . 8.59 -23.85 -7.91
C29 8IJ G . 9.17 -26.26 -8.13
C41 8IJ G . 1.23 -22.27 -14.23
C43 8IJ G . 0.45 -21.14 -13.56
O1 8IJ G . 4.79 -22.37 -17.85
O11 8IJ G . 11.10 -21.56 -20.03
O13 8IJ G . 7.98 -19.80 -20.10
O3 8IJ G . 6.46 -23.43 -16.80
O4 8IJ G . 6.84 -20.95 -17.39
O7 8IJ G . 8.36 -18.94 -17.95
O9 8IJ G . 11.14 -19.07 -18.02
C44 8IJ G . -0.34 -21.72 -12.39
C45 8IJ G . -0.24 -20.75 -11.22
C46 8IJ G . -0.27 -21.56 -9.93
C47 8IJ G . 1.16 -21.88 -9.53
C48 8IJ G . 1.60 -21.01 -8.36
C49 8IJ G . 0.79 -21.41 -7.13
C50 8IJ G . 1.49 -20.98 -5.84
C51 8IJ G . 1.17 -21.93 -4.68
C52 8IJ G . -0.25 -22.48 -4.81
C53 8IJ G . -0.66 -23.16 -3.51
C54 8IJ G . -1.71 -24.19 -3.87
C55 8IJ G . -2.10 -25.00 -2.63
O15 8IJ G . 9.11 -23.03 -18.96
O16 8IJ G . 5.18 -21.69 -15.40
O20 8IJ G . 4.87 -20.74 -12.38
O22 8IJ G . 4.17 -20.27 -10.29
O40 8IJ G . 2.33 -22.87 -13.60
O42 8IJ G . 0.90 -22.64 -15.30
P2 8IJ G . 5.81 -22.12 -16.86
H5 8IJ G . 8.48 -22.04 -16.89
H6 8IJ G . 9.24 -19.91 -16.42
H8 8IJ G . 10.89 -21.07 -17.72
H10 8IJ G . 10.50 -19.63 -20.24
H17B 8IJ G . 3.31 -20.87 -15.42
H17A 8IJ G . 3.41 -22.58 -15.86
H24A 8IJ G . 5.61 -21.24 -8.30
H24B 8IJ G . 6.51 -19.91 -9.04
H26A 8IJ G . 7.24 -22.72 -6.69
H26B 8IJ G . 6.53 -23.35 -8.19
H28A 8IJ G . 8.03 -25.41 -6.52
H28B 8IJ G . 7.18 -25.47 -8.08
H12 8IJ G . 8.83 -21.41 -21.00
H14 8IJ G . 7.28 -22.23 -19.32
H18 8IJ G . 4.36 -22.87 -13.43
H19B 8IJ G . 2.87 -21.08 -12.07
H19A 8IJ G . 3.28 -20.10 -13.48
H23B 8IJ G . 7.01 -21.44 -10.99
H23A 8IJ G . 5.87 -22.61 -10.27
H25A 8IJ G . 8.41 -21.76 -9.26
H25B 8IJ G . 8.17 -20.90 -7.73
H27B 8IJ G . 8.96 -23.82 -8.92
H27A 8IJ G . 9.38 -23.58 -7.23
H29A 8IJ G . 8.98 -27.25 -7.72
H29B 8IJ G . 10.16 -25.93 -7.83
H43A 8IJ G . -0.23 -20.71 -14.28
H43B 8IJ G . 1.14 -20.38 -13.22
H11 8IJ G . 10.91 -21.84 -20.92
H13 8IJ G . 8.05 -19.31 -19.29
H7 8IJ G . 8.92 -18.46 -18.54
H9 8IJ G . 11.44 -18.77 -18.86
H44B 8IJ G . -1.38 -21.84 -12.68
H44A 8IJ G . 0.08 -22.68 -12.11
H45B 8IJ G . 0.68 -20.19 -11.26
H45A 8IJ G . -1.09 -20.07 -11.24
H46B 8IJ G . -0.84 -22.47 -10.06
H46A 8IJ G . -0.73 -20.95 -9.15
H47A 8IJ G . 1.23 -22.93 -9.24
H47B 8IJ G . 1.82 -21.71 -10.38
H48B 8IJ G . 2.66 -21.17 -8.16
H48A 8IJ G . 1.41 -19.97 -8.58
H49B 8IJ G . -0.19 -20.94 -7.16
H49A 8IJ G . 0.68 -22.49 -7.14
H50A 8IJ G . 1.18 -19.97 -5.59
H50B 8IJ G . 2.56 -20.98 -6.00
H51B 8IJ G . 1.88 -22.74 -4.68
H51A 8IJ G . 1.25 -21.38 -3.75
H52B 8IJ G . -0.94 -21.68 -5.04
H52A 8IJ G . -0.28 -23.23 -5.59
H53B 8IJ G . 0.20 -23.65 -3.06
H53A 8IJ G . -1.08 -22.43 -2.82
H54A 8IJ G . -2.60 -23.69 -4.25
H54B 8IJ G . -1.32 -24.85 -4.63
H55B 8IJ G . -2.62 -24.36 -1.93
H55A 8IJ G . -2.73 -25.83 -2.93
H15 8IJ G . 9.49 -23.17 -19.81
OAA NKN H . 2.03 24.93 7.36
OAB NKN H . 4.18 25.11 6.54
PAC NKN H . 2.90 24.47 6.28
OAD NKN H . 2.40 25.13 5.09
OAE NKN H . -2.00 21.56 9.27
OAF NKN H . 2.97 22.82 6.15
CAG NKN H . 1.81 22.14 5.78
CAH NKN H . 1.03 21.73 7.03
CAI NKN H . -0.37 21.30 6.61
OAJ NKN H . -0.93 20.50 7.62
CAK NKN H . -2.07 21.06 8.20
CAL NKN H . -3.41 21.04 7.46
CAM NKN H . -4.52 21.48 8.42
CAN NKN H . -4.76 20.41 9.48
CAO NKN H . -5.75 20.93 10.52
CAP NKN H . -5.32 20.47 11.91
CAQ NKN H . -6.54 20.22 12.78
CAR NKN H . -7.22 21.55 13.13
CAS NKN H . -8.70 21.49 12.75
CAT NKN H . -8.95 21.83 11.28
CAU NKN H . -10.26 22.58 11.06
CAV NKN H . -11.42 21.58 11.06
CAW NKN H . -12.74 22.33 10.97
CAX NKN H . -13.15 22.82 12.36
OAY NKN H . 1.68 20.66 7.66
HAG NKN H . 1.20 22.78 5.16
HAGA NKN H . 2.09 21.25 5.22
HAH NKN H . 0.97 22.57 7.70
HAI NKN H . -0.99 22.18 6.47
HAIA NKN H . -0.33 20.73 5.70
HAL NKN H . -3.61 20.03 7.12
HALA NKN H . -3.36 21.70 6.62
HAM NKN H . -5.43 21.65 7.84
HAMA NKN H . -4.23 22.41 8.90
HAN NKN H . -5.17 19.52 8.99
HANA NKN H . -3.83 20.15 9.95
HAO NKN H . -6.74 20.53 10.29
HAOA NKN H . -5.78 22.01 10.48
HAP NKN H . -4.75 19.55 11.84
HAPA NKN H . -4.70 21.23 12.36
HAQ NKN H . -6.24 19.73 13.70
HAQA NKN H . -7.25 19.58 12.26
HAR NKN H . -6.74 22.35 12.58
HARA NKN H . -7.13 21.73 14.19
HAS NKN H . -9.26 22.17 13.38
HAT NKN H . -8.96 20.92 10.70
HAU NKN H . -10.22 23.09 10.10
HAUA NKN H . -10.40 23.31 11.84
HAV NKN H . -11.39 21.00 11.97
HAVA NKN H . -11.32 20.92 10.20
HAW NKN H . -12.65 23.17 10.30
HAWA NKN H . -13.52 21.65 10.59
HAX NKN H . -12.47 23.60 12.68
HAXA NKN H . -14.16 23.21 12.33
HAXB NKN H . -13.11 21.99 13.06
HOAY NKN H . 1.88 20.00 7.02
NA NA I . -6.10 -2.76 6.85
OAA NKN J . -18.52 7.64 -13.55
OAB NKN J . -20.72 6.94 -13.57
PAC NKN J . -19.40 6.60 -14.08
OAD NKN J . -19.49 6.90 -15.50
OAE NKN J . -20.58 0.47 -11.70
OAF NKN J . -18.91 5.07 -13.73
CAG NKN J . -18.64 4.74 -12.41
CAH NKN J . -19.35 3.42 -12.06
CAI NKN J . -19.07 3.08 -10.60
OAJ NKN J . -19.23 1.70 -10.41
CAK NKN J . -20.48 1.21 -10.78
CAL NKN J . -21.73 1.64 -10.00
CAM NKN J . -22.46 0.41 -9.47
CAN NKN J . -23.06 0.72 -8.11
CAO NKN J . -24.39 -0.01 -7.91
CAP NKN J . -24.18 -1.41 -7.34
CAQ NKN J . -23.75 -2.36 -8.46
CAR NKN J . -24.14 -3.80 -8.10
CAS NKN J . -25.34 -4.22 -8.93
CAT NKN J . -26.13 -5.37 -8.33
CAU NKN J . -27.51 -5.54 -8.96
CAV NKN J . -27.83 -7.03 -9.15
CAW NKN J . -27.09 -7.60 -10.36
CAX NKN J . -27.67 -7.06 -11.66
OAY NKN J . -18.86 2.39 -12.86
HAG NKN J . -19.00 5.52 -11.75
HAGA NKN J . -17.56 4.61 -12.27
HAH NKN J . -20.41 3.54 -12.21
HAI NKN J . -18.06 3.37 -10.34
HAIA NKN J . -19.78 3.61 -9.96
HAL NKN J . -22.39 2.18 -10.66
HALA NKN J . -21.43 2.27 -9.17
HAM NKN J . -21.75 -0.41 -9.36
HAMA NKN J . -23.23 0.11 -10.16
HAN NKN J . -23.25 1.79 -8.03
HANA NKN J . -22.38 0.43 -7.32
HAO NKN J . -25.00 0.55 -7.21
HAOA NKN J . -24.93 -0.07 -8.85
HAP NKN J . -23.41 -1.38 -6.59
HAPA NKN J . -25.10 -1.76 -6.90
HAQ NKN J . -24.24 -2.09 -9.39
HAQA NKN J . -22.68 -2.32 -8.59
HAR NKN J . -24.40 -3.85 -7.04
HARA NKN J . -23.31 -4.46 -8.29
HAS NKN J . -25.00 -4.50 -9.93
HAT NKN J . -25.56 -6.30 -8.43
HAU NKN J . -27.52 -5.04 -9.92
HAUA NKN J . -28.25 -5.10 -8.32
HAV NKN J . -28.90 -7.15 -9.30
HAVA NKN J . -27.52 -7.57 -8.25
HAW NKN J . -27.17 -8.68 -10.35
HAWA NKN J . -26.04 -7.33 -10.31
HAX NKN J . -27.44 -7.74 -12.47
HAXA NKN J . -27.25 -6.08 -11.87
HAXB NKN J . -28.75 -6.96 -11.55
HOAY NKN J . -19.51 2.14 -13.49
#